data_6Z9A
#
_entry.id   6Z9A
#
_cell.length_a   119.716
_cell.length_b   234.623
_cell.length_c   169.206
_cell.angle_alpha   90.00
_cell.angle_beta   90.00
_cell.angle_gamma   90.00
#
_symmetry.space_group_name_H-M   'C 2 2 21'
#
loop_
_entity.id
_entity.type
_entity.pdbx_description
1 polymer 'SusD homolog'
2 polymer 'SusC homolog'
3 branched beta-D-fructofuranose-(2-6)-beta-D-fructofuranose-(2-6)-beta-D-fructofuranose-(2-6)-[beta-D-fructofuranose-(2-1)]beta-D-fructofuranose-(2-6)-beta-D-fructofuranose-(2-6)-beta-D-fructofuranose
4 non-polymer 'CHLORIDE ION'
5 non-polymer 'MAGNESIUM ION'
#
loop_
_entity_poly.entity_id
_entity_poly.type
_entity_poly.pdbx_seq_one_letter_code
_entity_poly.pdbx_strand_id
1 'polypeptide(L)'
;MKKIIYIATIGITLLTTSCDDFLDRQVPQGIVTGDQIASPEYVDNLVISAYAIWATGDDINSSFSLWNYDVRSDDCYKGG
SGTEDGGVFNALEISKGINTTDWNINDIWKRLYQCITRANTALQSLDQMDEKTYPLKNQRIAEMRFLRGHAHFMLKQLFK
KIVIVNDENMEPDAYNELSNTTYTNDEQWQKIADDFQFAYDNLPEVQIEKGRPAQAAAAAYLAKTYLYKAYRQDGADNAL
TGINEEDLKQVVKYTDPLIMAKGGYGLETDYSMNFLPQYENGAESVWAIQYSINDGTYNGNLNWGMGLTTPQILGCCDFH
KPSQNLVNAFKTDSQGKPLFSTYDNENYEVATDNVDPRLFHTVGMPGFPYKYNEGYIIQKNDDWSRSKGLYGYYVSLKEN
VDPDCDCLKKGSYWASSLNHIVIRYADVLLMRAEALIQLNDGRITDAISLINEVRSRAAGSTMLIFNYKEDYGVNFKVTP
YDLKAYAQDEAMKMLKWERRVEFGMESSRFFDLVRWGEAKDVINAYYVTEASRCSIYKNAGFTENKNEYLPVPFEQISAS
NGNYTQNFGWAAAAHHHHHH
;
A
2 'polypeptide(L)'
;MPGIMKNKKLLCSVCFLFAFMSALWGQNITVKGNVTSKTDGQPIIGASVVETTATTNGTITDFDGNFTLSVPVNSTLKIT
YIGYKPVTVKAAAIVNVLLEEDTQMVDEVVVTGYTTQRKADLTGAVSVVKVDEIQKQGENNPVKALQGRVPGMNITADGN
PSGSATVRIRGIGTLNNNDPLYIIDGVPTKAGMHELNGNDIESIQVLKDAASASIYGSRAANGVIIITTKQGKKGQIKIN
FDASVSASMYQSKMNVLNTEQYGRAMWQAYVNDGENPNGNALGYAYNWGYNADGNPVLYGMTLSKYLDSKNTMPVADTDW
FDEITRTGVIQQYNLSVSNGSEKGSSFFSLGYYKNLGVIKDTDFDRFSARMNSDYKLIDDILTIGQHFTLNRTSEVQAPG
GIIETALDIPSAIPVYASDGSWGGPVGGWPDRRNPRAVLEYNKDNRYTYWRMFGDAYVNLTPFKGFNLRSTFGLDYANKQ
ARYFTYPYQEGTQTNNGKSAVEAKQEHWTKWMWNAIATYQLEVGKHRGDVMIGMELNREDDSHFSGYKEDFSILTPDYMW
PDAGSGTAQAYGAGEGYSLVSFFGKMNYSYADRYLLSLTLRRDGSSRFGKNHRYATFPSVSLGWRITQENFMKELTWLDD
LKLRASWGQTGNQEISNLARYTIYAPNYGTTDSFGGQSYGTAYDITGSNGGGVLPSGFKRNQIGNDNIKWETTTQTNVGI
DFSLFKQSLYGSLEYYYKKATDILTEMAGVGVLGEGGSRWINSGAMKNQGFEFNLGYRNKTAFGLTYDLNGNISTYRNEI
LELPETVAANGKFGGNGVKSVVGHTYGAQVGYIADGIFKSQDEVDNHATQEGAAVGRIRYRDIDHNGVIDERDQNWIYDP
TPSFSYGLNIYLEYKNFDLTMFWQGVQGVDIISDVKKKSDFWSASNVGFLNKGTRLLNAWSPTNPNSDIPALTRSDTNNE
QRVSTYFVENGSFLKLRNIQLGYTVPAVISKKMRMDRLRFYCSAQNLLTIKSKNFTGEDPENPNFSYPIPVNITFGLNIG
F
;
B
#
# COMPACT_ATOMS: atom_id res chain seq x y z
N CYS A 19 30.52 25.22 -10.08
CA CYS A 19 30.23 25.64 -8.72
C CYS A 19 28.76 26.06 -8.55
N ASP A 20 28.25 26.91 -9.48
CA ASP A 20 26.89 27.45 -9.43
C ASP A 20 26.13 27.24 -10.74
N ASP A 21 26.80 27.37 -11.89
CA ASP A 21 26.20 27.03 -13.17
C ASP A 21 25.68 25.60 -13.16
N PHE A 22 26.18 24.79 -12.23
CA PHE A 22 26.12 23.33 -12.22
C PHE A 22 24.89 22.77 -11.53
N LEU A 23 24.40 23.42 -10.48
CA LEU A 23 23.27 22.91 -9.72
C LEU A 23 21.96 23.56 -10.09
N ASP A 24 21.97 24.43 -11.11
CA ASP A 24 20.75 25.03 -11.64
C ASP A 24 20.32 24.44 -12.98
N ARG A 25 21.14 23.58 -13.58
CA ARG A 25 20.90 23.08 -14.93
C ARG A 25 19.71 22.12 -14.97
N GLN A 26 19.49 21.35 -13.90
CA GLN A 26 18.61 20.17 -13.87
C GLN A 26 17.23 20.58 -13.37
N VAL A 27 16.32 20.89 -14.30
CA VAL A 27 15.00 21.42 -13.95
C VAL A 27 13.97 20.29 -13.99
N PRO A 28 12.76 20.48 -13.46
CA PRO A 28 11.82 19.34 -13.36
C PRO A 28 11.19 18.99 -14.71
N GLN A 29 11.06 17.69 -14.96
CA GLN A 29 10.51 17.21 -16.21
C GLN A 29 9.05 16.74 -16.11
N GLY A 30 8.27 17.14 -17.11
CA GLY A 30 6.99 16.53 -17.36
C GLY A 30 5.90 16.97 -16.42
N ILE A 31 6.10 18.13 -15.78
CA ILE A 31 5.19 18.71 -14.79
C ILE A 31 5.09 20.21 -15.06
N VAL A 32 4.07 20.83 -14.49
CA VAL A 32 3.91 22.28 -14.49
C VAL A 32 4.10 22.76 -13.06
N THR A 33 4.82 23.87 -12.88
CA THR A 33 5.19 24.28 -11.54
C THR A 33 4.16 25.22 -10.88
N GLY A 34 4.32 25.38 -9.57
CA GLY A 34 3.46 26.29 -8.83
C GLY A 34 3.36 27.65 -9.45
N ASP A 35 4.49 28.15 -9.99
CA ASP A 35 4.51 29.46 -10.64
C ASP A 35 3.51 29.50 -11.79
N GLN A 36 3.54 28.46 -12.62
CA GLN A 36 2.98 28.53 -13.96
C GLN A 36 1.47 28.31 -13.95
N ILE A 37 0.98 27.43 -13.08
CA ILE A 37 -0.41 26.98 -13.11
C ILE A 37 -1.41 28.13 -13.04
N ALA A 38 -0.99 29.28 -12.51
CA ALA A 38 -1.85 30.46 -12.46
C ALA A 38 -2.33 30.87 -13.86
N SER A 39 -1.42 30.84 -14.85
CA SER A 39 -1.50 31.35 -16.22
C SER A 39 -2.89 31.24 -16.84
N PRO A 40 -3.30 32.18 -17.69
CA PRO A 40 -4.62 32.04 -18.33
C PRO A 40 -4.68 30.85 -19.30
N GLU A 41 -3.57 30.53 -19.99
CA GLU A 41 -3.55 29.37 -20.88
C GLU A 41 -4.10 28.11 -20.20
N TYR A 42 -3.81 27.94 -18.91
CA TYR A 42 -4.20 26.74 -18.18
C TYR A 42 -5.55 26.84 -17.48
N VAL A 43 -6.15 28.04 -17.38
CA VAL A 43 -7.37 28.22 -16.55
C VAL A 43 -8.45 27.20 -16.89
N ASP A 44 -8.65 26.92 -18.18
CA ASP A 44 -9.70 25.98 -18.56
C ASP A 44 -9.29 24.54 -18.36
N ASN A 45 -7.97 24.27 -18.28
CA ASN A 45 -7.52 22.95 -17.86
C ASN A 45 -7.95 22.68 -16.43
N LEU A 46 -7.89 23.69 -15.57
CA LEU A 46 -8.22 23.45 -14.19
C LEU A 46 -9.72 23.23 -14.01
N VAL A 47 -10.58 23.87 -14.82
CA VAL A 47 -11.99 23.62 -14.61
C VAL A 47 -12.33 22.19 -15.04
N ILE A 48 -11.69 21.72 -16.10
CA ILE A 48 -11.90 20.34 -16.51
C ILE A 48 -11.35 19.39 -15.46
N SER A 49 -10.07 19.55 -15.12
CA SER A 49 -9.50 18.74 -14.06
C SER A 49 -10.41 18.71 -12.82
N ALA A 50 -11.12 19.81 -12.55
CA ALA A 50 -12.00 19.88 -11.38
C ALA A 50 -13.26 19.05 -11.57
N TYR A 51 -13.74 18.95 -12.81
CA TYR A 51 -14.83 18.04 -13.10
C TYR A 51 -14.34 16.60 -13.06
N ALA A 52 -13.12 16.38 -13.54
CA ALA A 52 -12.63 15.02 -13.76
C ALA A 52 -12.73 14.20 -12.49
N ILE A 53 -12.20 14.74 -11.39
CA ILE A 53 -12.07 14.04 -10.12
C ILE A 53 -13.38 13.43 -9.66
N TRP A 54 -14.52 13.93 -10.17
CA TRP A 54 -15.80 13.31 -9.83
C TRP A 54 -15.96 11.94 -10.47
N ALA A 55 -15.25 11.69 -11.55
CA ALA A 55 -15.27 10.40 -12.22
C ALA A 55 -14.04 9.58 -11.94
N THR A 56 -13.00 10.20 -11.36
CA THR A 56 -11.70 9.58 -11.23
C THR A 56 -11.13 9.60 -9.82
N GLY A 57 -11.82 10.22 -8.87
CA GLY A 57 -11.40 10.27 -7.48
C GLY A 57 -12.03 9.22 -6.57
N ASP A 58 -13.17 8.67 -6.96
CA ASP A 58 -13.80 7.61 -6.17
C ASP A 58 -13.12 6.26 -6.46
N ASP A 59 -13.47 5.26 -5.66
CA ASP A 59 -12.93 3.92 -5.79
C ASP A 59 -13.98 2.98 -5.22
N ILE A 60 -13.72 1.68 -5.29
CA ILE A 60 -14.80 0.71 -5.09
C ILE A 60 -15.46 0.84 -3.72
N ASN A 61 -14.74 1.34 -2.71
CA ASN A 61 -15.30 1.63 -1.39
C ASN A 61 -15.55 3.11 -1.15
N SER A 62 -15.64 3.91 -2.20
CA SER A 62 -15.87 5.31 -1.91
C SER A 62 -16.66 5.99 -3.00
N SER A 63 -17.57 5.26 -3.64
CA SER A 63 -18.34 5.86 -4.72
C SER A 63 -18.91 7.19 -4.28
N PHE A 64 -18.59 8.25 -5.02
CA PHE A 64 -19.26 9.53 -4.78
C PHE A 64 -20.76 9.39 -5.06
N SER A 65 -21.24 8.15 -5.16
CA SER A 65 -22.63 7.78 -5.03
C SER A 65 -23.02 7.66 -3.56
N LEU A 66 -22.03 7.55 -2.67
CA LEU A 66 -22.27 7.34 -1.25
C LEU A 66 -23.11 6.08 -1.02
N TRP A 67 -23.04 5.12 -1.94
CA TRP A 67 -23.81 3.88 -1.77
C TRP A 67 -23.19 2.99 -0.72
N ASN A 68 -21.86 2.93 -0.66
CA ASN A 68 -21.21 2.17 0.40
C ASN A 68 -21.81 2.49 1.75
N TYR A 69 -22.14 3.76 1.95
CA TYR A 69 -22.71 4.26 3.18
C TYR A 69 -24.24 4.21 3.19
N ASP A 70 -24.89 4.05 2.05
CA ASP A 70 -26.35 3.86 2.12
C ASP A 70 -26.75 2.45 2.54
N VAL A 71 -25.79 1.56 2.78
CA VAL A 71 -26.12 0.23 3.28
C VAL A 71 -26.77 0.32 4.65
N ARG A 72 -26.51 1.43 5.37
CA ARG A 72 -27.14 1.67 6.65
C ARG A 72 -28.65 1.55 6.52
N SER A 73 -29.19 1.89 5.36
CA SER A 73 -30.62 2.04 5.16
C SER A 73 -31.31 0.68 5.09
N ASP A 74 -32.65 0.75 5.00
CA ASP A 74 -33.53 -0.39 4.77
C ASP A 74 -33.76 -0.68 3.28
N ASP A 75 -33.19 0.14 2.39
CA ASP A 75 -33.20 -0.17 0.97
C ASP A 75 -32.41 -1.45 0.66
N CYS A 76 -31.26 -1.66 1.31
CA CYS A 76 -30.33 -2.68 0.84
C CYS A 76 -29.49 -3.24 1.98
N TYR A 77 -28.69 -4.27 1.65
CA TYR A 77 -27.57 -4.70 2.49
C TYR A 77 -26.26 -4.42 1.76
N LYS A 78 -25.16 -4.66 2.45
CA LYS A 78 -23.85 -4.46 1.82
C LYS A 78 -23.57 -5.57 0.82
N GLY A 79 -23.79 -6.80 1.23
CA GLY A 79 -23.53 -7.91 0.34
C GLY A 79 -22.04 -8.13 0.15
N GLY A 80 -21.73 -9.20 -0.58
CA GLY A 80 -20.34 -9.57 -0.75
C GLY A 80 -20.13 -10.97 -0.25
N SER A 81 -18.90 -11.32 0.11
CA SER A 81 -18.62 -12.64 0.65
C SER A 81 -19.30 -12.83 2.00
N GLY A 82 -19.21 -11.82 2.86
CA GLY A 82 -19.66 -11.94 4.23
C GLY A 82 -19.30 -10.68 4.99
N THR A 83 -19.52 -10.74 6.32
CA THR A 83 -19.42 -9.52 7.11
C THR A 83 -18.00 -8.99 7.24
N GLU A 84 -16.98 -9.76 6.86
CA GLU A 84 -15.61 -9.24 6.83
C GLU A 84 -15.19 -8.73 5.45
N ASP A 85 -15.94 -9.05 4.40
CA ASP A 85 -15.84 -8.39 3.11
C ASP A 85 -16.29 -6.94 3.26
N GLY A 86 -15.34 -6.08 3.64
CA GLY A 86 -15.66 -4.69 3.96
C GLY A 86 -16.26 -4.50 5.35
N GLY A 87 -15.47 -4.87 6.37
CA GLY A 87 -16.01 -4.94 7.71
C GLY A 87 -16.49 -3.62 8.25
N VAL A 88 -15.74 -2.54 7.99
CA VAL A 88 -16.16 -1.25 8.51
C VAL A 88 -17.51 -0.83 7.96
N PHE A 89 -17.93 -1.39 6.82
CA PHE A 89 -19.22 -1.09 6.23
C PHE A 89 -20.32 -2.01 6.73
N ASN A 90 -19.97 -3.20 7.21
CA ASN A 90 -20.91 -3.94 8.03
C ASN A 90 -21.30 -3.15 9.25
N ALA A 91 -20.30 -2.64 9.97
CA ALA A 91 -20.59 -1.94 11.21
C ALA A 91 -21.55 -0.80 10.97
N LEU A 92 -21.35 -0.04 9.88
CA LEU A 92 -22.32 1.00 9.53
C LEU A 92 -23.69 0.40 9.22
N GLU A 93 -23.72 -0.83 8.71
CA GLU A 93 -24.99 -1.40 8.29
C GLU A 93 -25.85 -1.85 9.46
N ILE A 94 -25.22 -2.30 10.54
CA ILE A 94 -25.95 -2.69 11.74
C ILE A 94 -25.89 -1.62 12.84
N SER A 95 -25.11 -0.54 12.63
CA SER A 95 -24.94 0.57 13.57
C SER A 95 -24.30 0.16 14.87
N LYS A 96 -23.68 -1.01 14.92
CA LYS A 96 -22.85 -1.42 16.03
C LYS A 96 -21.42 -1.60 15.53
N GLY A 97 -20.45 -1.46 16.43
CA GLY A 97 -19.06 -1.72 16.08
C GLY A 97 -18.32 -0.61 15.37
N ILE A 98 -18.97 0.50 15.03
CA ILE A 98 -18.32 1.60 14.30
C ILE A 98 -17.25 2.24 15.17
N ASN A 99 -16.00 2.23 14.72
CA ASN A 99 -14.93 2.99 15.34
C ASN A 99 -14.70 4.32 14.61
N THR A 100 -14.17 5.29 15.34
CA THR A 100 -13.84 6.55 14.69
C THR A 100 -12.46 6.50 14.06
N THR A 101 -11.66 5.49 14.39
CA THR A 101 -10.43 5.24 13.65
C THR A 101 -10.69 4.74 12.24
N ASP A 102 -11.78 3.99 12.05
CA ASP A 102 -12.12 3.24 10.84
C ASP A 102 -11.63 3.88 9.55
N TRP A 103 -10.86 3.10 8.75
CA TRP A 103 -10.20 3.60 7.55
C TRP A 103 -11.20 4.17 6.54
N ASN A 104 -12.42 3.65 6.53
CA ASN A 104 -13.37 4.06 5.49
C ASN A 104 -13.87 5.48 5.71
N ILE A 105 -14.04 5.89 6.96
CA ILE A 105 -14.56 7.21 7.27
C ILE A 105 -13.51 8.28 7.00
N ASN A 106 -12.26 8.03 7.43
CA ASN A 106 -11.13 8.85 7.02
C ASN A 106 -11.05 8.94 5.50
N ASP A 107 -11.31 7.83 4.80
CA ASP A 107 -11.31 7.80 3.35
C ASP A 107 -12.25 8.87 2.81
N ILE A 108 -13.55 8.67 2.94
CA ILE A 108 -14.48 9.54 2.22
C ILE A 108 -14.26 10.99 2.63
N TRP A 109 -13.81 11.22 3.88
CA TRP A 109 -13.57 12.59 4.34
C TRP A 109 -12.42 13.22 3.58
N LYS A 110 -11.29 12.51 3.46
CA LYS A 110 -10.18 13.00 2.64
C LYS A 110 -10.59 13.16 1.18
N ARG A 111 -11.36 12.21 0.65
CA ARG A 111 -11.64 12.18 -0.78
C ARG A 111 -12.51 13.37 -1.20
N LEU A 112 -13.53 13.70 -0.42
CA LEU A 112 -14.39 14.78 -0.86
C LEU A 112 -13.71 16.13 -0.74
N TYR A 113 -12.75 16.26 0.17
CA TYR A 113 -12.02 17.51 0.27
C TYR A 113 -11.00 17.66 -0.85
N GLN A 114 -10.61 16.57 -1.50
CA GLN A 114 -9.81 16.71 -2.71
C GLN A 114 -10.65 16.91 -3.99
N CYS A 115 -11.94 16.56 -4.01
CA CYS A 115 -12.77 17.22 -5.02
C CYS A 115 -12.69 18.72 -4.84
N ILE A 116 -12.66 19.18 -3.60
CA ILE A 116 -12.77 20.61 -3.35
C ILE A 116 -11.50 21.31 -3.81
N THR A 117 -10.33 20.72 -3.57
CA THR A 117 -9.11 21.41 -3.95
C THR A 117 -9.07 21.72 -5.44
N ARG A 118 -9.54 20.80 -6.27
CA ARG A 118 -9.59 21.08 -7.70
C ARG A 118 -10.52 22.26 -7.98
N ALA A 119 -11.76 22.20 -7.48
CA ALA A 119 -12.67 23.32 -7.68
C ALA A 119 -12.10 24.60 -7.11
N ASN A 120 -11.31 24.51 -6.02
CA ASN A 120 -10.73 25.71 -5.44
C ASN A 120 -9.53 26.21 -6.25
N THR A 121 -8.67 25.32 -6.78
CA THR A 121 -7.53 25.81 -7.55
C THR A 121 -7.99 26.51 -8.82
N ALA A 122 -8.97 25.93 -9.52
CA ALA A 122 -9.61 26.61 -10.65
C ALA A 122 -10.09 28.02 -10.25
N LEU A 123 -10.77 28.13 -9.12
CA LEU A 123 -11.30 29.44 -8.72
C LEU A 123 -10.18 30.41 -8.37
N GLN A 124 -9.07 29.91 -7.80
CA GLN A 124 -7.98 30.82 -7.48
C GLN A 124 -7.38 31.40 -8.75
N SER A 125 -7.38 30.62 -9.84
CA SER A 125 -6.91 31.14 -11.13
C SER A 125 -7.98 31.95 -11.85
N LEU A 126 -9.24 31.52 -11.75
CA LEU A 126 -10.33 32.22 -12.43
C LEU A 126 -10.62 33.58 -11.79
N ASP A 127 -10.27 33.75 -10.52
CA ASP A 127 -10.47 35.05 -9.89
C ASP A 127 -9.55 36.09 -10.51
N GLN A 128 -8.40 35.66 -11.04
CA GLN A 128 -7.44 36.61 -11.60
C GLN A 128 -7.79 37.02 -13.03
N MET A 129 -8.63 36.24 -13.70
CA MET A 129 -9.00 36.54 -15.08
C MET A 129 -9.77 37.83 -15.16
N ASP A 130 -9.77 38.42 -16.35
CA ASP A 130 -10.50 39.65 -16.64
C ASP A 130 -11.61 39.32 -17.62
N GLU A 131 -12.81 39.82 -17.32
CA GLU A 131 -14.01 39.45 -18.07
C GLU A 131 -13.98 39.93 -19.53
N LYS A 132 -13.49 41.16 -19.78
CA LYS A 132 -13.56 41.71 -21.14
C LYS A 132 -12.79 40.88 -22.14
N THR A 133 -11.85 40.04 -21.70
CA THR A 133 -11.11 39.15 -22.56
C THR A 133 -11.38 37.68 -22.26
N TYR A 134 -12.20 37.38 -21.25
CA TYR A 134 -12.59 36.01 -20.92
C TYR A 134 -14.10 35.99 -20.66
N PRO A 135 -14.92 36.33 -21.70
CA PRO A 135 -16.36 36.54 -21.48
C PRO A 135 -17.08 35.49 -20.65
N LEU A 136 -16.47 34.32 -20.45
CA LEU A 136 -17.13 33.32 -19.64
C LEU A 136 -16.79 33.45 -18.16
N LYS A 137 -15.57 33.91 -17.82
CA LYS A 137 -15.08 34.06 -16.44
C LYS A 137 -16.09 33.71 -15.35
N ASN A 138 -17.21 34.44 -15.30
CA ASN A 138 -18.17 34.20 -14.24
C ASN A 138 -18.92 32.89 -14.46
N GLN A 139 -19.41 32.63 -15.68
CA GLN A 139 -20.03 31.34 -15.95
C GLN A 139 -19.11 30.18 -15.54
N ARG A 140 -17.79 30.32 -15.77
CA ARG A 140 -16.88 29.26 -15.34
C ARG A 140 -16.73 29.23 -13.82
N ILE A 141 -16.71 30.41 -13.20
CA ILE A 141 -16.63 30.46 -11.73
C ILE A 141 -17.84 29.75 -11.12
N ALA A 142 -19.03 30.00 -11.68
CA ALA A 142 -20.25 29.34 -11.20
C ALA A 142 -20.14 27.81 -11.30
N GLU A 143 -19.68 27.31 -12.46
CA GLU A 143 -19.48 25.86 -12.59
C GLU A 143 -18.62 25.29 -11.48
N MET A 144 -17.43 25.87 -11.30
CA MET A 144 -16.55 25.50 -10.20
C MET A 144 -17.22 25.64 -8.83
N ARG A 145 -17.95 26.74 -8.60
CA ARG A 145 -18.60 26.86 -7.30
C ARG A 145 -19.68 25.81 -7.12
N PHE A 146 -20.45 25.53 -8.18
CA PHE A 146 -21.44 24.46 -8.11
C PHE A 146 -20.77 23.15 -7.69
N LEU A 147 -19.70 22.76 -8.40
CA LEU A 147 -18.89 21.63 -7.99
C LEU A 147 -18.53 21.68 -6.52
N ARG A 148 -18.14 22.88 -6.03
CA ARG A 148 -17.69 23.00 -4.63
C ARG A 148 -18.84 22.68 -3.67
N GLY A 149 -20.05 23.08 -4.03
CA GLY A 149 -21.19 22.80 -3.18
C GLY A 149 -21.53 21.33 -3.14
N HIS A 150 -21.57 20.70 -4.32
CA HIS A 150 -21.76 19.27 -4.43
C HIS A 150 -20.90 18.53 -3.40
N ALA A 151 -19.62 18.90 -3.28
CA ALA A 151 -18.73 18.23 -2.33
C ALA A 151 -19.14 18.52 -0.88
N HIS A 152 -19.30 19.80 -0.53
CA HIS A 152 -19.68 20.13 0.84
C HIS A 152 -21.01 19.49 1.21
N PHE A 153 -22.02 19.66 0.36
CA PHE A 153 -23.30 19.00 0.56
C PHE A 153 -23.14 17.52 0.96
N MET A 154 -22.58 16.68 0.06
CA MET A 154 -22.41 15.27 0.41
C MET A 154 -21.58 15.12 1.69
N LEU A 155 -20.45 15.83 1.78
CA LEU A 155 -19.66 15.87 3.00
C LEU A 155 -20.52 16.22 4.23
N LYS A 156 -21.44 17.18 4.09
CA LYS A 156 -22.31 17.54 5.21
C LYS A 156 -23.30 16.43 5.53
N GLN A 157 -23.95 15.88 4.51
CA GLN A 157 -24.74 14.67 4.64
C GLN A 157 -24.03 13.56 5.43
N LEU A 158 -22.75 13.34 5.18
CA LEU A 158 -22.07 12.23 5.84
C LEU A 158 -21.75 12.55 7.30
N PHE A 159 -21.32 13.80 7.58
CA PHE A 159 -20.61 14.16 8.82
C PHE A 159 -21.29 15.21 9.71
N LYS A 160 -22.30 15.92 9.22
CA LYS A 160 -22.88 17.07 9.90
C LYS A 160 -21.88 18.18 10.20
N LYS A 161 -20.83 17.90 10.97
CA LYS A 161 -19.94 18.95 11.48
C LYS A 161 -18.70 18.99 10.58
N ILE A 162 -18.77 19.80 9.53
CA ILE A 162 -17.80 19.78 8.45
C ILE A 162 -17.05 21.10 8.42
N VAL A 163 -15.85 21.08 7.83
CA VAL A 163 -15.09 22.32 7.66
C VAL A 163 -15.50 22.95 6.35
N ILE A 164 -15.82 24.24 6.39
CA ILE A 164 -16.17 24.98 5.20
C ILE A 164 -14.86 25.45 4.59
N VAL A 165 -14.55 24.95 3.40
CA VAL A 165 -13.42 25.45 2.64
C VAL A 165 -13.96 26.24 1.46
N ASN A 166 -14.18 27.55 1.66
CA ASN A 166 -14.69 28.41 0.60
C ASN A 166 -13.79 29.60 0.38
N ASP A 167 -12.54 29.56 0.82
CA ASP A 167 -11.62 30.65 0.51
C ASP A 167 -10.62 30.08 -0.49
N GLU A 168 -10.86 30.39 -1.76
CA GLU A 168 -10.02 29.89 -2.83
C GLU A 168 -8.65 30.55 -2.89
N ASN A 169 -8.48 31.73 -2.27
CA ASN A 169 -7.19 32.39 -2.27
C ASN A 169 -6.44 32.15 -0.97
N MET A 170 -7.04 31.41 -0.04
CA MET A 170 -6.38 30.93 1.17
C MET A 170 -5.11 30.13 0.85
N GLU A 171 -4.05 30.39 1.62
CA GLU A 171 -2.74 29.78 1.52
C GLU A 171 -2.73 28.43 2.23
N PRO A 172 -1.74 27.56 1.93
CA PRO A 172 -1.75 26.22 2.57
C PRO A 172 -1.78 26.27 4.08
N ASP A 173 -0.89 27.02 4.74
CA ASP A 173 -0.79 26.96 6.21
C ASP A 173 -2.02 27.51 6.90
N ALA A 174 -2.91 28.19 6.19
CA ALA A 174 -4.18 28.63 6.73
C ALA A 174 -5.18 27.49 6.94
N TYR A 175 -4.88 26.28 6.47
CA TYR A 175 -5.83 25.18 6.59
C TYR A 175 -5.75 24.46 7.94
N ASN A 176 -4.69 24.69 8.73
CA ASN A 176 -4.67 24.19 10.10
C ASN A 176 -5.55 25.00 11.06
N GLU A 177 -5.73 26.30 10.78
CA GLU A 177 -6.58 27.17 11.58
C GLU A 177 -8.03 27.13 11.15
N LEU A 178 -8.45 26.06 10.48
CA LEU A 178 -9.84 25.88 10.08
C LEU A 178 -10.53 25.00 11.11
N SER A 179 -11.83 25.23 11.31
CA SER A 179 -12.57 24.38 12.24
C SER A 179 -13.95 24.07 11.70
N ASN A 180 -14.44 22.89 12.09
CA ASN A 180 -15.75 22.42 11.67
C ASN A 180 -16.85 22.94 12.58
N THR A 181 -16.51 23.91 13.42
CA THR A 181 -17.46 24.60 14.27
C THR A 181 -17.33 26.11 14.15
N THR A 182 -16.47 26.61 13.25
CA THR A 182 -16.41 28.03 12.90
C THR A 182 -17.80 28.61 12.68
N TYR A 183 -18.58 27.93 11.87
CA TYR A 183 -19.97 28.26 11.60
C TYR A 183 -20.84 27.28 12.36
N THR A 184 -22.10 27.66 12.57
CA THR A 184 -23.04 26.78 13.26
C THR A 184 -23.72 25.90 12.23
N ASN A 185 -24.41 24.87 12.74
CA ASN A 185 -24.86 23.80 11.85
C ASN A 185 -25.73 24.39 10.74
N ASP A 186 -26.40 25.50 11.01
CA ASP A 186 -27.19 26.19 9.99
C ASP A 186 -26.32 27.11 9.14
N GLU A 187 -25.49 27.93 9.77
CA GLU A 187 -24.54 28.72 8.99
C GLU A 187 -23.69 27.83 8.09
N GLN A 188 -23.42 26.60 8.51
CA GLN A 188 -22.76 25.65 7.62
C GLN A 188 -23.65 25.30 6.44
N TRP A 189 -24.94 25.05 6.68
CA TRP A 189 -25.83 24.78 5.56
C TRP A 189 -25.96 26.00 4.67
N GLN A 190 -26.04 27.21 5.25
CA GLN A 190 -26.10 28.38 4.38
C GLN A 190 -24.84 28.57 3.52
N LYS A 191 -23.67 28.15 3.99
CA LYS A 191 -22.48 28.33 3.17
C LYS A 191 -22.55 27.43 1.94
N ILE A 192 -23.08 26.21 2.10
CA ILE A 192 -23.28 25.33 0.95
C ILE A 192 -24.25 25.98 -0.03
N ALA A 193 -25.32 26.58 0.48
CA ALA A 193 -26.25 27.30 -0.38
C ALA A 193 -25.61 28.52 -1.06
N ASP A 194 -24.67 29.21 -0.39
CA ASP A 194 -24.03 30.36 -1.03
C ASP A 194 -23.37 29.97 -2.35
N ASP A 195 -22.71 28.81 -2.39
CA ASP A 195 -22.12 28.33 -3.64
C ASP A 195 -23.20 27.96 -4.66
N PHE A 196 -24.24 27.21 -4.26
CA PHE A 196 -25.28 26.86 -5.23
C PHE A 196 -26.07 28.09 -5.69
N GLN A 197 -26.32 29.06 -4.80
CA GLN A 197 -27.00 30.28 -5.19
C GLN A 197 -26.26 30.99 -6.33
N PHE A 198 -24.97 31.30 -6.10
CA PHE A 198 -24.16 31.97 -7.12
C PHE A 198 -24.32 31.29 -8.47
N ALA A 199 -24.22 29.96 -8.48
CA ALA A 199 -24.36 29.19 -9.71
C ALA A 199 -25.66 29.53 -10.41
N TYR A 200 -26.76 29.59 -9.65
CA TYR A 200 -28.04 29.92 -10.27
C TYR A 200 -27.96 31.25 -11.00
N ASP A 201 -27.36 32.26 -10.36
CA ASP A 201 -27.30 33.59 -10.95
C ASP A 201 -26.49 33.61 -12.25
N ASN A 202 -25.33 32.93 -12.28
CA ASN A 202 -24.44 33.03 -13.43
C ASN A 202 -24.37 31.76 -14.28
N LEU A 203 -25.24 30.74 -14.03
CA LEU A 203 -25.01 29.69 -15.02
C LEU A 203 -25.88 29.93 -16.26
N PRO A 204 -25.41 29.49 -17.44
CA PRO A 204 -26.20 29.61 -18.66
C PRO A 204 -27.56 28.96 -18.49
N GLU A 205 -28.49 29.25 -19.40
CA GLU A 205 -29.76 28.58 -19.25
C GLU A 205 -29.67 27.15 -19.79
N VAL A 206 -28.97 26.97 -20.91
CA VAL A 206 -28.71 25.66 -21.49
C VAL A 206 -27.21 25.49 -21.63
N GLN A 207 -26.70 24.38 -21.17
CA GLN A 207 -25.30 24.05 -21.36
C GLN A 207 -25.23 23.01 -22.47
N ILE A 208 -24.50 23.36 -23.53
CA ILE A 208 -24.41 22.46 -24.67
C ILE A 208 -23.39 21.35 -24.41
N GLU A 209 -22.39 21.62 -23.57
CA GLU A 209 -21.46 20.62 -23.08
C GLU A 209 -22.06 19.93 -21.86
N LYS A 210 -22.67 18.77 -22.06
CA LYS A 210 -23.69 18.29 -21.11
C LYS A 210 -23.14 17.98 -19.72
N GLY A 211 -21.82 17.80 -19.57
CA GLY A 211 -21.28 17.56 -18.24
C GLY A 211 -21.29 18.78 -17.33
N ARG A 212 -21.29 19.99 -17.90
CA ARG A 212 -21.39 21.26 -17.17
C ARG A 212 -22.83 21.46 -16.68
N PRO A 213 -23.04 21.83 -15.42
CA PRO A 213 -24.40 22.06 -14.92
C PRO A 213 -25.03 23.24 -15.62
N ALA A 214 -26.35 23.17 -15.86
CA ALA A 214 -27.03 24.36 -16.34
C ALA A 214 -27.68 25.09 -15.16
N GLN A 215 -28.38 26.19 -15.44
CA GLN A 215 -28.96 26.97 -14.37
C GLN A 215 -30.02 26.19 -13.58
N ALA A 216 -30.86 25.41 -14.26
CA ALA A 216 -31.87 24.62 -13.54
C ALA A 216 -31.23 23.57 -12.65
N ALA A 217 -30.01 23.11 -12.97
CA ALA A 217 -29.29 22.22 -12.08
C ALA A 217 -28.86 22.92 -10.81
N ALA A 218 -28.40 24.17 -10.90
CA ALA A 218 -28.05 24.91 -9.69
C ALA A 218 -29.30 25.18 -8.87
N ALA A 219 -30.39 25.60 -9.52
CA ALA A 219 -31.66 25.74 -8.81
C ALA A 219 -32.04 24.44 -8.13
N ALA A 220 -31.90 23.31 -8.83
CA ALA A 220 -32.26 22.03 -8.22
C ALA A 220 -31.43 21.78 -6.98
N TYR A 221 -30.11 21.89 -7.08
CA TYR A 221 -29.26 21.56 -5.94
C TYR A 221 -29.43 22.58 -4.84
N LEU A 222 -29.65 23.84 -5.22
CA LEU A 222 -29.91 24.87 -4.22
C LEU A 222 -31.15 24.53 -3.41
N ALA A 223 -32.26 24.27 -4.11
CA ALA A 223 -33.49 23.83 -3.46
C ALA A 223 -33.27 22.56 -2.63
N LYS A 224 -32.46 21.62 -3.13
CA LYS A 224 -32.13 20.46 -2.30
C LYS A 224 -31.41 20.89 -1.02
N THR A 225 -30.48 21.84 -1.14
CA THR A 225 -29.73 22.27 0.03
C THR A 225 -30.64 22.88 1.07
N TYR A 226 -31.57 23.75 0.65
CA TYR A 226 -32.49 24.32 1.64
C TYR A 226 -33.34 23.23 2.28
N LEU A 227 -33.89 22.30 1.47
CA LEU A 227 -34.73 21.23 2.03
C LEU A 227 -34.00 20.49 3.16
N TYR A 228 -32.69 20.24 3.00
CA TYR A 228 -31.91 19.63 4.08
C TYR A 228 -31.58 20.64 5.18
N LYS A 229 -31.49 21.93 4.86
CA LYS A 229 -31.19 22.93 5.88
C LYS A 229 -32.38 23.24 6.78
N ALA A 230 -33.62 22.99 6.31
CA ALA A 230 -34.83 23.43 7.02
C ALA A 230 -35.22 22.50 8.17
N TYR A 231 -35.06 21.19 8.02
CA TYR A 231 -35.21 20.31 9.18
C TYR A 231 -34.00 20.54 10.05
N ARG A 232 -34.11 21.46 11.01
CA ARG A 232 -32.95 22.03 11.67
C ARG A 232 -32.48 21.16 12.83
N GLN A 233 -31.18 21.23 13.10
CA GLN A 233 -30.60 20.64 14.30
C GLN A 233 -29.68 21.69 14.91
N ASP A 234 -30.32 22.76 15.39
CA ASP A 234 -29.70 23.85 16.12
C ASP A 234 -29.47 23.52 17.59
N GLY A 235 -30.04 22.40 18.06
CA GLY A 235 -29.65 21.84 19.34
C GLY A 235 -28.34 21.08 19.26
N ALA A 236 -27.77 20.78 20.42
CA ALA A 236 -26.42 20.24 20.53
C ALA A 236 -26.31 18.79 20.06
N ASP A 237 -27.43 18.06 20.04
CA ASP A 237 -27.52 16.71 19.50
C ASP A 237 -27.97 16.79 18.04
N ASN A 238 -28.34 15.63 17.49
CA ASN A 238 -28.73 15.50 16.09
C ASN A 238 -30.24 15.43 15.92
N ALA A 239 -31.02 15.62 16.97
CA ALA A 239 -32.47 15.60 16.85
C ALA A 239 -32.99 16.94 16.34
N LEU A 240 -34.20 16.91 15.78
CA LEU A 240 -34.77 18.09 15.15
C LEU A 240 -35.21 19.12 16.17
N THR A 241 -35.00 20.39 15.82
CA THR A 241 -35.41 21.54 16.62
C THR A 241 -36.37 22.43 15.84
N GLY A 242 -37.34 21.83 15.16
CA GLY A 242 -38.28 22.56 14.31
C GLY A 242 -37.90 22.52 12.83
N ILE A 243 -38.84 23.00 12.02
CA ILE A 243 -38.70 23.01 10.56
C ILE A 243 -38.85 24.45 10.07
N ASN A 244 -37.75 25.04 9.63
CA ASN A 244 -37.68 26.46 9.36
C ASN A 244 -38.58 26.86 8.20
N GLU A 245 -39.57 27.70 8.47
CA GLU A 245 -40.54 28.14 7.46
C GLU A 245 -39.85 28.83 6.27
N GLU A 246 -38.94 29.75 6.55
CA GLU A 246 -38.34 30.61 5.53
C GLU A 246 -37.51 29.84 4.54
N ASP A 247 -37.04 28.64 4.93
CA ASP A 247 -36.20 27.79 4.09
C ASP A 247 -37.04 27.06 3.05
N LEU A 248 -38.14 26.42 3.50
CA LEU A 248 -38.97 25.67 2.57
C LEU A 248 -39.51 26.58 1.49
N LYS A 249 -39.82 27.83 1.84
CA LYS A 249 -40.23 28.81 0.85
C LYS A 249 -39.15 29.08 -0.19
N GLN A 250 -37.91 28.63 0.03
CA GLN A 250 -36.87 28.70 -0.97
C GLN A 250 -36.70 27.41 -1.76
N VAL A 251 -37.20 26.28 -1.23
CA VAL A 251 -37.28 25.07 -2.04
C VAL A 251 -38.29 25.27 -3.17
N VAL A 252 -39.45 25.85 -2.84
CA VAL A 252 -40.48 26.08 -3.85
C VAL A 252 -40.01 27.12 -4.87
N LYS A 253 -39.21 28.10 -4.43
CA LYS A 253 -38.77 29.16 -5.33
C LYS A 253 -37.94 28.57 -6.44
N TYR A 254 -36.94 27.77 -6.07
CA TYR A 254 -35.98 27.18 -6.99
C TYR A 254 -36.33 25.76 -7.39
N THR A 255 -37.62 25.41 -7.43
CA THR A 255 -38.10 24.27 -8.20
C THR A 255 -39.31 24.70 -9.03
N ASP A 256 -39.64 25.99 -9.03
CA ASP A 256 -40.62 26.62 -9.90
C ASP A 256 -40.56 25.94 -11.27
N PRO A 257 -41.69 25.40 -11.75
CA PRO A 257 -41.70 24.79 -13.09
C PRO A 257 -41.10 25.65 -14.21
N LEU A 258 -41.16 26.98 -14.06
CA LEU A 258 -40.64 27.90 -15.06
C LEU A 258 -39.11 27.92 -15.11
N ILE A 259 -38.45 27.71 -13.98
CA ILE A 259 -36.99 27.59 -13.99
C ILE A 259 -36.58 26.33 -14.74
N MET A 260 -37.24 25.20 -14.42
CA MET A 260 -36.93 23.91 -15.00
C MET A 260 -37.27 23.87 -16.50
N ALA A 261 -38.30 24.60 -16.91
CA ALA A 261 -38.68 24.57 -18.31
C ALA A 261 -37.76 25.39 -19.20
N LYS A 262 -37.01 26.36 -18.64
CA LYS A 262 -36.06 27.13 -19.44
C LYS A 262 -34.88 26.26 -19.86
N GLY A 263 -34.49 25.29 -19.03
CA GLY A 263 -33.49 24.31 -19.38
C GLY A 263 -34.06 22.98 -19.84
N GLY A 264 -35.34 22.93 -20.21
CA GLY A 264 -35.95 21.80 -20.90
C GLY A 264 -36.11 20.50 -20.13
N TYR A 265 -35.74 20.44 -18.86
CA TYR A 265 -35.78 19.19 -18.14
C TYR A 265 -37.21 18.71 -17.87
N GLY A 266 -37.38 17.39 -17.81
CA GLY A 266 -38.64 16.82 -17.39
C GLY A 266 -38.51 15.35 -17.04
N LEU A 267 -39.66 14.72 -16.82
CA LEU A 267 -39.69 13.27 -16.53
C LEU A 267 -39.59 12.42 -17.80
N GLU A 268 -38.65 11.48 -17.81
CA GLU A 268 -38.54 10.55 -18.93
C GLU A 268 -39.87 9.83 -19.17
N THR A 269 -40.13 9.49 -20.44
CA THR A 269 -41.34 8.76 -20.81
C THR A 269 -41.48 7.44 -20.06
N ASP A 270 -40.48 6.58 -20.13
CA ASP A 270 -40.50 5.33 -19.39
C ASP A 270 -39.45 5.39 -18.29
N TYR A 271 -39.85 4.95 -17.09
CA TYR A 271 -39.00 5.10 -15.91
C TYR A 271 -37.59 4.61 -16.14
N SER A 272 -37.42 3.56 -16.95
CA SER A 272 -36.16 2.81 -17.00
C SER A 272 -35.02 3.58 -17.64
N MET A 273 -35.32 4.66 -18.39
CA MET A 273 -34.31 5.35 -19.20
C MET A 273 -33.21 5.99 -18.35
N ASN A 274 -33.51 6.30 -17.08
CA ASN A 274 -32.51 6.93 -16.25
C ASN A 274 -31.40 5.96 -15.85
N PHE A 275 -31.51 4.69 -16.21
CA PHE A 275 -30.55 3.67 -15.81
C PHE A 275 -30.05 2.84 -16.98
N LEU A 276 -30.33 3.26 -18.25
CA LEU A 276 -29.88 2.64 -19.48
C LEU A 276 -28.84 3.52 -20.16
N PRO A 277 -27.81 2.92 -20.80
CA PRO A 277 -26.76 3.75 -21.41
C PRO A 277 -27.10 4.32 -22.76
N GLN A 278 -28.12 3.81 -23.44
CA GLN A 278 -28.46 4.42 -24.72
C GLN A 278 -29.15 5.76 -24.48
N TYR A 279 -29.94 5.86 -23.41
CA TYR A 279 -30.64 7.07 -23.02
C TYR A 279 -29.86 7.96 -22.04
N GLU A 280 -28.53 7.96 -22.11
CA GLU A 280 -27.68 8.86 -21.31
C GLU A 280 -28.06 10.31 -21.64
N ASN A 281 -27.91 11.19 -20.65
CA ASN A 281 -28.14 12.63 -20.80
C ASN A 281 -29.52 12.94 -21.34
N GLY A 282 -30.54 12.35 -20.73
CA GLY A 282 -31.91 12.58 -21.10
C GLY A 282 -32.41 13.92 -20.61
N ALA A 283 -33.72 14.10 -20.68
CA ALA A 283 -34.35 15.31 -20.15
C ALA A 283 -34.59 15.24 -18.64
N GLU A 284 -34.49 14.06 -18.03
CA GLU A 284 -34.53 13.88 -16.58
C GLU A 284 -33.15 13.92 -15.94
N SER A 285 -32.07 13.90 -16.73
CA SER A 285 -30.71 14.02 -16.22
C SER A 285 -30.39 15.51 -16.05
N VAL A 286 -30.72 16.03 -14.88
CA VAL A 286 -30.49 17.46 -14.59
C VAL A 286 -29.00 17.74 -14.41
N TRP A 287 -28.29 16.86 -13.71
CA TRP A 287 -26.83 16.94 -13.65
C TRP A 287 -26.27 15.56 -13.36
N ALA A 288 -25.29 15.13 -14.16
CA ALA A 288 -24.82 13.75 -14.10
C ALA A 288 -23.33 13.65 -14.46
N ILE A 289 -22.62 12.81 -13.72
CA ILE A 289 -21.20 12.56 -13.96
C ILE A 289 -21.04 11.81 -15.28
N GLN A 290 -20.20 12.36 -16.17
CA GLN A 290 -20.12 11.84 -17.52
C GLN A 290 -19.04 10.75 -17.60
N TYR A 291 -19.41 9.56 -17.14
CA TYR A 291 -18.57 8.39 -17.39
C TYR A 291 -18.58 8.04 -18.88
N SER A 292 -17.39 7.61 -19.35
CA SER A 292 -17.00 7.54 -20.76
C SER A 292 -16.09 6.33 -20.98
N ILE A 293 -16.04 5.86 -22.22
CA ILE A 293 -15.33 4.65 -22.58
C ILE A 293 -14.65 4.93 -23.91
N ASN A 294 -13.57 4.19 -24.19
CA ASN A 294 -12.86 4.29 -25.49
C ASN A 294 -12.36 5.72 -25.70
N ASP A 295 -11.74 6.26 -24.63
CA ASP A 295 -11.65 7.70 -24.37
C ASP A 295 -10.23 8.13 -23.99
N GLY A 296 -9.21 7.44 -24.49
CA GLY A 296 -7.83 7.81 -24.22
C GLY A 296 -7.24 7.20 -22.98
N THR A 297 -8.06 7.01 -21.95
CA THR A 297 -7.59 6.52 -20.67
C THR A 297 -7.31 5.02 -20.68
N TYR A 298 -6.82 4.51 -19.56
CA TYR A 298 -6.20 3.18 -19.55
C TYR A 298 -7.22 2.12 -19.86
N ASN A 299 -8.29 2.05 -19.07
CA ASN A 299 -9.45 1.27 -19.40
C ASN A 299 -10.66 2.14 -19.68
N GLY A 300 -10.53 3.46 -19.64
CA GLY A 300 -11.72 4.28 -19.79
C GLY A 300 -12.19 4.86 -18.46
N ASN A 301 -12.82 6.05 -18.53
CA ASN A 301 -13.34 6.73 -17.34
C ASN A 301 -14.69 6.11 -16.99
N LEU A 302 -14.62 4.82 -16.68
CA LEU A 302 -15.77 4.07 -16.23
C LEU A 302 -16.08 4.39 -14.77
N ASN A 303 -17.32 4.06 -14.38
CA ASN A 303 -17.84 4.22 -13.01
C ASN A 303 -17.31 3.13 -12.07
N TRP A 304 -16.01 3.20 -11.82
CA TRP A 304 -15.35 2.21 -10.98
C TRP A 304 -15.98 2.11 -9.60
N GLY A 305 -16.60 3.21 -9.14
CA GLY A 305 -17.20 3.22 -7.81
C GLY A 305 -18.21 2.11 -7.63
N MET A 306 -19.09 1.92 -8.64
CA MET A 306 -19.97 0.76 -8.62
C MET A 306 -19.25 -0.55 -8.98
N GLY A 307 -17.94 -0.51 -9.10
CA GLY A 307 -17.13 -1.72 -9.29
C GLY A 307 -17.46 -3.00 -8.53
N LEU A 308 -18.19 -2.93 -7.42
CA LEU A 308 -18.40 -4.11 -6.60
C LEU A 308 -19.83 -4.65 -6.68
N THR A 309 -20.75 -3.90 -7.25
CA THR A 309 -22.18 -4.20 -7.18
C THR A 309 -22.66 -5.07 -8.33
N THR A 310 -21.78 -5.38 -9.28
CA THR A 310 -22.07 -6.36 -10.31
C THR A 310 -22.32 -7.71 -9.65
N PRO A 311 -23.32 -8.47 -10.10
CA PRO A 311 -23.62 -9.75 -9.45
C PRO A 311 -22.65 -10.83 -9.92
N GLN A 312 -22.67 -11.97 -9.20
CA GLN A 312 -21.72 -13.05 -9.44
C GLN A 312 -21.62 -13.51 -10.89
N ILE A 313 -22.62 -13.21 -11.72
CA ILE A 313 -22.59 -13.72 -13.09
C ILE A 313 -21.39 -13.18 -13.85
N LEU A 314 -20.65 -12.24 -13.26
CA LEU A 314 -19.40 -11.81 -13.83
C LEU A 314 -18.23 -12.22 -12.94
N GLY A 315 -18.48 -13.08 -11.96
CA GLY A 315 -17.41 -13.70 -11.18
C GLY A 315 -17.03 -12.96 -9.92
N CYS A 316 -17.76 -11.89 -9.59
CA CYS A 316 -17.49 -10.89 -8.56
C CYS A 316 -18.34 -9.66 -8.84
N CYS A 317 -18.85 -9.01 -7.79
CA CYS A 317 -18.45 -9.22 -6.41
C CYS A 317 -19.67 -9.37 -5.49
N ASP A 318 -20.80 -8.88 -6.02
CA ASP A 318 -22.11 -9.03 -5.40
C ASP A 318 -22.29 -8.15 -4.15
N PHE A 319 -22.00 -6.86 -4.28
CA PHE A 319 -22.40 -5.92 -3.23
C PHE A 319 -23.65 -5.14 -3.65
N HIS A 320 -24.20 -4.41 -2.68
CA HIS A 320 -25.30 -3.47 -2.89
C HIS A 320 -26.58 -4.22 -3.25
N LYS A 321 -26.90 -5.24 -2.46
CA LYS A 321 -28.06 -6.09 -2.70
C LYS A 321 -29.31 -5.48 -2.10
N PRO A 322 -30.36 -5.19 -2.86
CA PRO A 322 -31.60 -4.67 -2.26
C PRO A 322 -32.19 -5.63 -1.23
N SER A 323 -33.00 -5.07 -0.34
CA SER A 323 -33.55 -5.75 0.83
C SER A 323 -34.95 -6.31 0.54
N GLN A 324 -35.33 -7.32 1.32
CA GLN A 324 -36.72 -7.80 1.28
C GLN A 324 -37.69 -6.73 1.78
N ASN A 325 -37.20 -5.77 2.57
CA ASN A 325 -38.02 -4.62 2.93
C ASN A 325 -38.35 -3.81 1.68
N LEU A 326 -37.32 -3.43 0.90
CA LEU A 326 -37.56 -2.64 -0.31
C LEU A 326 -38.38 -3.41 -1.35
N VAL A 327 -38.12 -4.70 -1.51
CA VAL A 327 -38.87 -5.46 -2.51
C VAL A 327 -40.35 -5.41 -2.19
N ASN A 328 -40.70 -5.72 -0.93
CA ASN A 328 -42.09 -5.66 -0.50
C ASN A 328 -42.63 -4.24 -0.59
N ALA A 329 -41.75 -3.24 -0.48
CA ALA A 329 -42.19 -1.84 -0.58
C ALA A 329 -42.88 -1.56 -1.91
N PHE A 330 -42.64 -2.36 -2.92
CA PHE A 330 -43.21 -2.13 -4.25
C PHE A 330 -44.56 -2.79 -4.41
N LYS A 331 -45.02 -3.53 -3.41
CA LYS A 331 -46.38 -4.03 -3.46
C LYS A 331 -47.36 -2.86 -3.49
N THR A 332 -48.61 -3.16 -3.88
CA THR A 332 -49.72 -2.22 -3.88
C THR A 332 -50.99 -2.97 -3.55
N ASP A 333 -52.08 -2.23 -3.27
CA ASP A 333 -53.33 -2.84 -2.83
C ASP A 333 -54.24 -3.13 -4.02
N SER A 334 -55.54 -3.28 -3.76
CA SER A 334 -56.48 -3.64 -4.82
C SER A 334 -56.53 -2.57 -5.90
N GLN A 335 -56.52 -1.29 -5.51
CA GLN A 335 -56.64 -0.17 -6.45
C GLN A 335 -55.29 0.47 -6.81
N GLY A 336 -54.17 -0.14 -6.41
CA GLY A 336 -52.87 0.28 -6.91
C GLY A 336 -52.22 1.41 -6.15
N LYS A 337 -52.19 1.28 -4.83
CA LYS A 337 -51.57 2.26 -3.95
C LYS A 337 -50.81 1.45 -2.89
N PRO A 338 -49.78 2.03 -2.29
CA PRO A 338 -48.91 1.21 -1.43
C PRO A 338 -49.65 0.66 -0.22
N LEU A 339 -49.03 -0.32 0.42
CA LEU A 339 -49.60 -0.94 1.61
C LEU A 339 -48.95 -0.39 2.87
N PHE A 340 -49.10 0.94 3.07
CA PHE A 340 -48.39 1.70 4.10
C PHE A 340 -48.28 0.96 5.42
N SER A 341 -49.39 0.34 5.84
CA SER A 341 -49.44 -0.34 7.13
C SER A 341 -48.77 -1.70 7.08
N THR A 342 -49.19 -2.57 6.17
CA THR A 342 -48.94 -4.01 6.25
C THR A 342 -47.90 -4.54 5.25
N TYR A 343 -47.36 -3.72 4.35
CA TYR A 343 -46.65 -4.23 3.16
C TYR A 343 -45.62 -5.31 3.47
N ASP A 344 -45.00 -5.24 4.66
CA ASP A 344 -43.82 -6.02 5.02
C ASP A 344 -44.12 -7.23 5.90
N ASN A 345 -45.36 -7.69 5.93
CA ASN A 345 -45.71 -8.78 6.83
C ASN A 345 -45.69 -10.15 6.17
N GLU A 346 -45.88 -10.22 4.86
CA GLU A 346 -45.51 -11.39 4.09
C GLU A 346 -44.80 -10.91 2.82
N ASN A 347 -43.84 -11.72 2.36
CA ASN A 347 -43.05 -11.33 1.19
C ASN A 347 -43.92 -11.19 -0.06
N TYR A 348 -43.40 -10.42 -1.01
CA TYR A 348 -44.05 -10.35 -2.32
C TYR A 348 -43.99 -11.72 -2.97
N GLU A 349 -45.16 -12.21 -3.39
CA GLU A 349 -45.27 -13.39 -4.23
C GLU A 349 -45.96 -12.97 -5.53
N VAL A 350 -45.34 -13.29 -6.67
CA VAL A 350 -45.71 -12.63 -7.91
C VAL A 350 -47.09 -13.05 -8.41
N ALA A 351 -47.59 -14.22 -8.00
CA ALA A 351 -48.85 -14.70 -8.56
C ALA A 351 -50.02 -13.85 -8.09
N THR A 352 -49.98 -13.36 -6.85
CA THR A 352 -51.14 -12.87 -6.12
C THR A 352 -51.07 -11.41 -5.66
N ASP A 353 -49.90 -10.88 -5.34
CA ASP A 353 -49.83 -9.47 -4.97
C ASP A 353 -49.83 -8.58 -6.22
N ASN A 354 -50.22 -7.32 -6.01
CA ASN A 354 -50.07 -6.29 -7.02
C ASN A 354 -48.75 -5.59 -6.79
N VAL A 355 -48.08 -5.16 -7.86
CA VAL A 355 -46.74 -4.57 -7.74
C VAL A 355 -46.64 -3.32 -8.61
N ASP A 356 -45.88 -2.34 -8.11
CA ASP A 356 -45.34 -1.19 -8.85
C ASP A 356 -44.31 -1.60 -9.90
N PRO A 357 -44.51 -1.28 -11.20
CA PRO A 357 -43.49 -1.58 -12.20
C PRO A 357 -42.08 -1.23 -11.72
N ARG A 358 -41.97 -0.19 -10.91
CA ARG A 358 -40.63 0.25 -10.55
C ARG A 358 -39.83 -0.85 -9.87
N LEU A 359 -40.47 -1.95 -9.46
CA LEU A 359 -39.72 -3.01 -8.79
C LEU A 359 -38.76 -3.69 -9.78
N PHE A 360 -39.22 -3.86 -11.02
CA PHE A 360 -38.46 -4.57 -12.04
C PHE A 360 -37.52 -3.63 -12.81
N HIS A 361 -37.47 -2.35 -12.41
CA HIS A 361 -36.41 -1.43 -12.76
C HIS A 361 -35.37 -1.28 -11.66
N THR A 362 -35.76 -1.44 -10.39
CA THR A 362 -34.84 -1.27 -9.26
C THR A 362 -34.13 -2.54 -8.85
N VAL A 363 -34.80 -3.70 -8.94
CA VAL A 363 -34.40 -4.93 -8.25
C VAL A 363 -34.50 -6.13 -9.19
N GLY A 364 -33.37 -6.74 -9.52
CA GLY A 364 -33.38 -7.94 -10.32
C GLY A 364 -33.59 -9.18 -9.46
N MET A 365 -34.77 -9.70 -9.48
CA MET A 365 -35.13 -10.78 -8.57
C MET A 365 -34.94 -12.13 -9.24
N PRO A 366 -34.70 -13.18 -8.45
CA PRO A 366 -34.76 -14.54 -8.98
C PRO A 366 -36.02 -14.83 -9.79
N GLY A 367 -35.79 -15.56 -10.90
CA GLY A 367 -36.81 -15.93 -11.86
C GLY A 367 -37.04 -14.94 -12.98
N PHE A 368 -36.33 -13.82 -13.00
CA PHE A 368 -36.56 -12.71 -13.91
C PHE A 368 -35.29 -12.30 -14.64
N PRO A 369 -35.42 -11.57 -15.74
CA PRO A 369 -34.22 -11.20 -16.52
C PRO A 369 -33.37 -10.15 -15.84
N TYR A 370 -32.07 -10.25 -16.09
CA TYR A 370 -31.07 -9.35 -15.53
C TYR A 370 -30.96 -8.14 -16.45
N LYS A 371 -31.57 -7.03 -16.04
CA LYS A 371 -31.55 -5.78 -16.81
C LYS A 371 -32.14 -6.01 -18.21
N TYR A 372 -33.32 -6.62 -18.23
CA TYR A 372 -34.17 -6.75 -19.41
C TYR A 372 -33.61 -7.70 -20.49
N ASN A 373 -32.70 -8.59 -20.12
CA ASN A 373 -32.10 -9.52 -21.08
C ASN A 373 -32.63 -10.93 -20.78
N GLU A 374 -33.70 -11.32 -21.50
CA GLU A 374 -34.40 -12.57 -21.21
C GLU A 374 -33.51 -13.80 -21.26
N GLY A 375 -32.25 -13.67 -21.69
CA GLY A 375 -31.25 -14.72 -21.65
C GLY A 375 -30.31 -14.72 -20.45
N TYR A 376 -30.41 -13.73 -19.58
CA TYR A 376 -29.78 -13.80 -18.25
C TYR A 376 -30.87 -13.85 -17.18
N ILE A 377 -31.25 -15.06 -16.77
CA ILE A 377 -32.28 -15.25 -15.76
C ILE A 377 -31.63 -15.48 -14.41
N ILE A 378 -32.11 -14.76 -13.37
CA ILE A 378 -31.46 -14.71 -12.07
C ILE A 378 -32.02 -15.80 -11.17
N GLN A 379 -31.13 -16.44 -10.40
CA GLN A 379 -31.47 -17.66 -9.67
C GLN A 379 -30.84 -17.64 -8.29
N LYS A 380 -31.48 -18.37 -7.36
CA LYS A 380 -30.95 -18.54 -6.00
C LYS A 380 -29.73 -19.46 -6.02
N ASN A 381 -28.59 -18.92 -6.45
CA ASN A 381 -27.56 -19.72 -7.11
C ASN A 381 -26.14 -19.20 -6.88
N ASP A 382 -25.16 -20.13 -6.82
CA ASP A 382 -23.73 -19.76 -6.89
C ASP A 382 -23.44 -18.84 -8.07
N ASP A 383 -24.27 -18.88 -9.10
CA ASP A 383 -24.08 -18.07 -10.30
C ASP A 383 -24.58 -16.64 -10.16
N TRP A 384 -25.25 -16.29 -9.06
CA TRP A 384 -25.65 -14.91 -8.92
C TRP A 384 -25.25 -14.29 -7.58
N SER A 385 -25.48 -14.98 -6.47
CA SER A 385 -25.18 -14.45 -5.15
C SER A 385 -23.94 -15.12 -4.56
N ARG A 386 -23.12 -14.31 -3.91
CA ARG A 386 -21.84 -14.74 -3.37
C ARG A 386 -21.93 -15.22 -1.94
N SER A 387 -23.02 -14.86 -1.25
CA SER A 387 -23.20 -14.91 0.20
C SER A 387 -23.72 -16.25 0.69
N LYS A 388 -23.88 -17.22 -0.19
CA LYS A 388 -24.53 -18.50 0.12
C LYS A 388 -25.85 -18.29 0.86
N GLY A 389 -26.59 -17.26 0.46
CA GLY A 389 -27.90 -16.98 1.04
C GLY A 389 -27.94 -15.88 2.08
N LEU A 390 -26.82 -15.60 2.75
CA LEU A 390 -26.79 -14.63 3.84
C LEU A 390 -27.44 -13.31 3.45
N TYR A 391 -26.90 -12.66 2.42
CA TYR A 391 -27.35 -11.35 1.96
C TYR A 391 -28.49 -11.45 0.93
N GLY A 392 -29.09 -12.63 0.80
CA GLY A 392 -30.26 -12.85 -0.03
C GLY A 392 -29.90 -13.22 -1.46
N TYR A 393 -30.84 -12.96 -2.37
CA TYR A 393 -30.57 -13.26 -3.76
C TYR A 393 -31.04 -12.17 -4.71
N TYR A 394 -31.21 -10.94 -4.25
CA TYR A 394 -31.61 -9.81 -5.10
C TYR A 394 -30.37 -9.07 -5.58
N VAL A 395 -30.52 -8.35 -6.71
CA VAL A 395 -29.41 -7.69 -7.37
C VAL A 395 -29.84 -6.27 -7.71
N SER A 396 -28.89 -5.32 -7.67
CA SER A 396 -29.24 -3.96 -8.05
C SER A 396 -29.20 -3.80 -9.56
N LEU A 397 -30.25 -3.22 -10.13
CA LEU A 397 -30.35 -3.00 -11.57
C LEU A 397 -29.95 -1.58 -12.00
N LYS A 398 -30.11 -0.58 -11.14
CA LYS A 398 -29.90 0.78 -11.62
C LYS A 398 -28.48 0.99 -12.14
N GLU A 399 -27.49 0.64 -11.34
CA GLU A 399 -26.12 0.94 -11.73
C GLU A 399 -25.50 -0.17 -12.58
N ASN A 400 -26.11 -1.35 -12.64
CA ASN A 400 -25.66 -2.41 -13.52
C ASN A 400 -26.30 -2.29 -14.90
N VAL A 401 -25.75 -3.05 -15.85
CA VAL A 401 -26.12 -2.92 -17.26
C VAL A 401 -26.21 -4.32 -17.85
N ASP A 402 -26.86 -4.40 -19.03
CA ASP A 402 -26.89 -5.61 -19.83
C ASP A 402 -25.48 -6.17 -19.99
N PRO A 403 -25.25 -7.47 -19.76
CA PRO A 403 -23.87 -8.00 -19.88
C PRO A 403 -23.30 -7.89 -21.28
N ASP A 404 -24.16 -7.85 -22.31
CA ASP A 404 -23.75 -7.69 -23.70
C ASP A 404 -23.62 -6.23 -24.10
N CYS A 405 -23.58 -5.32 -23.14
CA CYS A 405 -23.41 -3.91 -23.46
C CYS A 405 -22.01 -3.66 -23.99
N ASP A 406 -21.93 -2.85 -25.05
CA ASP A 406 -20.70 -2.26 -25.56
C ASP A 406 -20.05 -1.31 -24.57
N CYS A 407 -20.77 -0.99 -23.48
CA CYS A 407 -20.41 0.04 -22.52
C CYS A 407 -19.81 -0.53 -21.23
N LEU A 408 -19.75 -1.86 -21.10
CA LEU A 408 -19.18 -2.58 -19.98
C LEU A 408 -17.81 -3.12 -20.34
N LYS A 409 -16.92 -3.27 -19.35
CA LYS A 409 -15.55 -3.68 -19.61
C LYS A 409 -14.92 -4.10 -18.30
N LYS A 410 -14.16 -5.19 -18.29
CA LYS A 410 -13.51 -5.59 -17.04
C LYS A 410 -12.11 -5.01 -16.97
N GLY A 411 -11.96 -3.94 -16.20
CA GLY A 411 -10.65 -3.60 -15.72
C GLY A 411 -10.30 -4.52 -14.56
N SER A 412 -10.08 -3.93 -13.40
CA SER A 412 -9.89 -4.72 -12.19
C SER A 412 -11.21 -5.12 -11.56
N TYR A 413 -12.28 -4.40 -11.90
CA TYR A 413 -13.65 -4.77 -11.59
C TYR A 413 -14.50 -4.48 -12.84
N TRP A 414 -15.76 -4.85 -12.80
CA TRP A 414 -16.61 -4.59 -13.95
C TRP A 414 -17.22 -3.19 -13.81
N ALA A 415 -16.95 -2.36 -14.80
CA ALA A 415 -17.35 -0.96 -14.75
C ALA A 415 -17.90 -0.57 -16.11
N SER A 416 -18.64 0.55 -16.16
CA SER A 416 -19.34 0.90 -17.37
C SER A 416 -19.33 2.41 -17.54
N SER A 417 -20.06 2.87 -18.55
CA SER A 417 -19.99 4.23 -19.03
C SER A 417 -21.25 4.97 -18.68
N LEU A 418 -22.14 4.29 -17.95
CA LEU A 418 -23.44 4.78 -17.54
C LEU A 418 -23.32 5.93 -16.53
N ASN A 419 -23.74 7.12 -16.96
CA ASN A 419 -23.82 8.27 -16.08
C ASN A 419 -24.49 7.92 -14.75
N HIS A 420 -23.91 8.43 -13.66
CA HIS A 420 -24.61 8.51 -12.38
C HIS A 420 -25.29 9.86 -12.39
N ILE A 421 -26.63 9.86 -12.36
CA ILE A 421 -27.36 11.12 -12.30
C ILE A 421 -27.32 11.62 -10.86
N VAL A 422 -26.77 12.82 -10.65
CA VAL A 422 -26.72 13.40 -9.29
C VAL A 422 -28.10 13.96 -8.89
N ILE A 423 -28.89 14.44 -9.85
CA ILE A 423 -30.21 14.99 -9.61
C ILE A 423 -31.14 14.49 -10.71
N ARG A 424 -32.00 13.51 -10.43
CA ARG A 424 -33.03 13.17 -11.40
C ARG A 424 -34.20 14.13 -11.29
N TYR A 425 -34.78 14.50 -12.42
CA TYR A 425 -35.85 15.50 -12.38
C TYR A 425 -36.99 15.05 -11.47
N ALA A 426 -37.21 13.75 -11.33
CA ALA A 426 -38.21 13.29 -10.38
C ALA A 426 -37.86 13.72 -8.97
N ASP A 427 -36.56 13.86 -8.67
CA ASP A 427 -36.14 14.33 -7.36
C ASP A 427 -36.56 15.78 -7.11
N VAL A 428 -36.61 16.61 -8.15
CA VAL A 428 -37.02 17.98 -7.86
C VAL A 428 -38.53 18.04 -7.64
N LEU A 429 -39.31 17.24 -8.37
CA LEU A 429 -40.75 17.24 -8.16
C LEU A 429 -41.12 16.72 -6.76
N LEU A 430 -40.38 15.74 -6.24
CA LEU A 430 -40.67 15.28 -4.89
C LEU A 430 -40.10 16.22 -3.83
N MET A 431 -38.96 16.88 -4.10
CA MET A 431 -38.48 17.92 -3.20
C MET A 431 -39.48 19.06 -3.13
N ARG A 432 -40.09 19.40 -4.28
CA ARG A 432 -41.11 20.44 -4.29
C ARG A 432 -42.35 20.00 -3.52
N ALA A 433 -42.87 18.80 -3.83
CA ALA A 433 -44.02 18.27 -3.12
C ALA A 433 -43.77 18.13 -1.63
N GLU A 434 -42.50 18.03 -1.21
CA GLU A 434 -42.22 17.91 0.20
C GLU A 434 -42.31 19.26 0.89
N ALA A 435 -41.58 20.26 0.39
CA ALA A 435 -41.66 21.57 1.00
C ALA A 435 -43.09 22.13 0.92
N LEU A 436 -43.86 21.72 -0.09
CA LEU A 436 -45.28 22.09 -0.09
C LEU A 436 -46.02 21.47 1.07
N ILE A 437 -45.85 20.17 1.30
CA ILE A 437 -46.59 19.51 2.35
C ILE A 437 -46.16 20.04 3.72
N GLN A 438 -44.90 20.45 3.87
CA GLN A 438 -44.48 20.99 5.16
C GLN A 438 -44.96 22.43 5.38
N LEU A 439 -45.13 23.20 4.32
CA LEU A 439 -45.65 24.55 4.50
C LEU A 439 -47.12 24.52 4.92
N ASN A 440 -47.85 23.48 4.50
CA ASN A 440 -49.27 23.32 4.84
C ASN A 440 -50.05 24.60 4.58
N ASP A 441 -49.82 25.19 3.42
CA ASP A 441 -50.49 26.44 3.08
C ASP A 441 -51.45 26.27 1.92
N GLY A 442 -52.27 25.22 1.96
CA GLY A 442 -53.25 24.97 0.93
C GLY A 442 -52.69 24.59 -0.42
N ARG A 443 -51.37 24.49 -0.53
CA ARG A 443 -50.69 23.98 -1.71
C ARG A 443 -50.56 22.46 -1.68
N ILE A 444 -51.21 21.79 -0.72
CA ILE A 444 -51.10 20.35 -0.61
C ILE A 444 -51.68 19.65 -1.83
N THR A 445 -52.74 20.21 -2.42
CA THR A 445 -53.28 19.65 -3.66
C THR A 445 -52.30 19.75 -4.83
N ASP A 446 -51.18 20.46 -4.66
CA ASP A 446 -50.16 20.54 -5.68
C ASP A 446 -49.03 19.55 -5.43
N ALA A 447 -48.71 19.31 -4.16
CA ALA A 447 -47.83 18.19 -3.83
C ALA A 447 -48.39 16.90 -4.38
N ILE A 448 -49.71 16.73 -4.27
CA ILE A 448 -50.33 15.52 -4.77
C ILE A 448 -50.24 15.45 -6.29
N SER A 449 -50.48 16.56 -6.99
CA SER A 449 -50.26 16.59 -8.44
C SER A 449 -48.82 16.25 -8.79
N LEU A 450 -47.89 16.71 -7.94
CA LEU A 450 -46.46 16.38 -8.10
C LEU A 450 -46.21 14.89 -7.87
N ILE A 451 -46.64 14.36 -6.72
CA ILE A 451 -46.53 12.93 -6.50
C ILE A 451 -47.25 12.15 -7.60
N ASN A 452 -48.33 12.73 -8.16
CA ASN A 452 -49.08 12.00 -9.18
C ASN A 452 -48.34 11.98 -10.52
N GLU A 453 -47.60 13.04 -10.85
CA GLU A 453 -46.72 12.96 -12.02
C GLU A 453 -45.73 11.81 -11.88
N VAL A 454 -45.02 11.75 -10.75
CA VAL A 454 -44.06 10.67 -10.54
C VAL A 454 -44.78 9.33 -10.52
N ARG A 455 -46.01 9.32 -10.01
CA ARG A 455 -46.68 8.03 -9.77
C ARG A 455 -47.27 7.43 -11.05
N SER A 456 -47.95 8.21 -11.87
CA SER A 456 -48.53 7.60 -13.06
C SER A 456 -47.58 7.60 -14.27
N ARG A 457 -46.38 8.17 -14.18
CA ARG A 457 -45.33 7.72 -15.09
C ARG A 457 -44.92 6.30 -14.73
N ALA A 458 -44.65 6.06 -13.45
CA ALA A 458 -44.31 4.71 -13.03
C ALA A 458 -45.41 3.73 -13.43
N ALA A 459 -46.66 4.19 -13.39
CA ALA A 459 -47.80 3.32 -13.66
C ALA A 459 -47.68 2.64 -15.01
N GLY A 460 -47.19 3.38 -16.02
CA GLY A 460 -47.07 2.89 -17.37
C GLY A 460 -45.65 2.74 -17.85
N SER A 461 -44.71 2.50 -16.94
CA SER A 461 -43.30 2.26 -17.30
C SER A 461 -43.08 0.77 -17.59
N THR A 462 -43.83 0.25 -18.55
CA THR A 462 -43.77 -1.17 -18.88
C THR A 462 -43.04 -1.49 -20.19
N MET A 463 -42.62 -0.48 -20.97
CA MET A 463 -41.65 -0.71 -22.03
C MET A 463 -40.41 -1.41 -21.46
N LEU A 464 -39.93 -2.43 -22.15
CA LEU A 464 -38.88 -3.36 -21.74
C LEU A 464 -39.40 -4.42 -20.78
N ILE A 465 -40.59 -4.26 -20.19
CA ILE A 465 -41.19 -5.28 -19.32
C ILE A 465 -42.66 -5.48 -19.64
N PHE A 466 -43.10 -5.05 -20.84
CA PHE A 466 -44.51 -5.14 -21.23
C PHE A 466 -45.07 -6.54 -21.04
N ASN A 467 -44.30 -7.55 -21.46
CA ASN A 467 -44.68 -8.94 -21.55
C ASN A 467 -44.73 -9.64 -20.21
N TYR A 468 -44.46 -8.94 -19.12
CA TYR A 468 -44.18 -9.64 -17.87
C TYR A 468 -45.42 -10.32 -17.30
N LYS A 469 -46.63 -9.98 -17.77
CA LYS A 469 -47.81 -10.68 -17.28
C LYS A 469 -47.87 -12.09 -17.84
N GLU A 470 -48.04 -12.22 -19.16
CA GLU A 470 -48.23 -13.55 -19.75
C GLU A 470 -47.03 -14.45 -19.49
N ASP A 471 -45.82 -13.87 -19.46
CA ASP A 471 -44.62 -14.66 -19.26
C ASP A 471 -44.42 -15.11 -17.82
N TYR A 472 -44.73 -14.22 -16.85
CA TYR A 472 -44.45 -14.53 -15.45
C TYR A 472 -45.64 -14.40 -14.51
N GLY A 473 -46.81 -13.97 -15.00
CA GLY A 473 -47.94 -13.79 -14.12
C GLY A 473 -47.89 -12.58 -13.20
N VAL A 474 -47.07 -11.55 -13.52
CA VAL A 474 -46.97 -10.37 -12.67
C VAL A 474 -48.17 -9.45 -12.92
N ASN A 475 -48.60 -8.74 -11.87
CA ASN A 475 -49.82 -7.93 -11.94
C ASN A 475 -49.52 -6.47 -11.57
N PHE A 476 -49.20 -5.68 -12.59
CA PHE A 476 -48.91 -4.26 -12.39
C PHE A 476 -50.21 -3.56 -12.02
N LYS A 477 -50.25 -2.93 -10.84
CA LYS A 477 -51.36 -2.06 -10.45
C LYS A 477 -50.80 -0.87 -9.68
N VAL A 478 -50.87 0.31 -10.28
CA VAL A 478 -50.37 1.56 -9.71
C VAL A 478 -51.22 2.72 -10.26
N THR A 479 -51.98 3.37 -9.38
CA THR A 479 -52.84 4.47 -9.75
C THR A 479 -52.47 5.72 -8.96
N PRO A 480 -52.77 6.90 -9.51
CA PRO A 480 -52.48 8.14 -8.80
C PRO A 480 -53.54 8.44 -7.75
N TYR A 481 -53.17 9.27 -6.78
CA TYR A 481 -54.05 9.55 -5.66
C TYR A 481 -55.10 10.60 -6.02
N ASP A 482 -56.36 10.29 -5.71
CA ASP A 482 -57.44 11.27 -5.77
C ASP A 482 -57.03 12.55 -5.04
N LEU A 483 -57.56 13.68 -5.50
CA LEU A 483 -57.05 14.99 -5.11
C LEU A 483 -58.04 15.65 -4.16
N LYS A 484 -57.91 15.32 -2.86
CA LYS A 484 -58.62 15.97 -1.78
C LYS A 484 -57.64 16.83 -0.97
N ALA A 485 -58.13 17.38 0.14
CA ALA A 485 -57.34 18.32 0.93
C ALA A 485 -56.72 17.58 2.12
N TYR A 486 -55.72 16.76 1.78
CA TYR A 486 -55.20 15.78 2.73
C TYR A 486 -54.61 16.47 3.96
N ALA A 487 -54.61 15.72 5.07
CA ALA A 487 -53.89 16.11 6.27
C ALA A 487 -52.41 16.32 5.95
N GLN A 488 -51.76 17.20 6.72
CA GLN A 488 -50.33 17.37 6.56
C GLN A 488 -49.58 16.04 6.72
N ASP A 489 -49.99 15.23 7.70
CA ASP A 489 -49.26 14.00 7.99
C ASP A 489 -49.70 12.85 7.09
N GLU A 490 -50.99 12.72 6.85
CA GLU A 490 -51.46 11.68 5.93
C GLU A 490 -50.96 11.90 4.51
N ALA A 491 -50.82 13.15 4.07
CA ALA A 491 -50.19 13.42 2.79
C ALA A 491 -48.70 13.13 2.82
N MET A 492 -48.09 13.28 4.00
CA MET A 492 -46.66 13.05 4.14
C MET A 492 -46.29 11.60 3.83
N LYS A 493 -47.05 10.63 4.36
CA LYS A 493 -46.64 9.25 4.12
C LYS A 493 -46.78 8.86 2.66
N MET A 494 -47.72 9.48 1.93
CA MET A 494 -47.79 9.24 0.48
C MET A 494 -46.59 9.85 -0.23
N LEU A 495 -46.09 10.98 0.26
CA LEU A 495 -44.84 11.52 -0.27
C LEU A 495 -43.65 10.64 0.11
N LYS A 496 -43.59 10.24 1.38
CA LYS A 496 -42.47 9.41 1.80
C LYS A 496 -42.46 8.09 1.05
N TRP A 497 -43.65 7.52 0.79
CA TRP A 497 -43.66 6.27 0.02
C TRP A 497 -43.22 6.50 -1.42
N GLU A 498 -43.61 7.62 -2.04
CA GLU A 498 -43.19 7.85 -3.42
C GLU A 498 -41.67 7.94 -3.50
N ARG A 499 -41.03 8.65 -2.58
CA ARG A 499 -39.58 8.71 -2.55
C ARG A 499 -38.94 7.35 -2.24
N ARG A 500 -39.66 6.45 -1.56
CA ARG A 500 -39.07 5.15 -1.25
C ARG A 500 -38.98 4.28 -2.48
N VAL A 501 -39.97 4.36 -3.38
CA VAL A 501 -40.00 3.53 -4.59
C VAL A 501 -39.33 4.20 -5.79
N GLU A 502 -39.34 5.53 -5.86
CA GLU A 502 -38.68 6.23 -6.96
C GLU A 502 -37.15 6.11 -6.88
N PHE A 503 -36.58 6.28 -5.68
CA PHE A 503 -35.13 6.38 -5.50
C PHE A 503 -34.57 5.21 -4.72
N GLY A 504 -35.16 4.03 -4.87
CA GLY A 504 -34.59 2.85 -4.25
C GLY A 504 -33.18 2.62 -4.74
N MET A 505 -32.32 2.19 -3.83
CA MET A 505 -30.96 1.78 -4.17
C MET A 505 -30.11 2.89 -4.79
N GLU A 506 -30.64 4.10 -4.91
CA GLU A 506 -29.80 5.20 -5.34
C GLU A 506 -29.19 6.00 -4.17
N SER A 507 -29.11 5.40 -2.98
CA SER A 507 -28.19 5.86 -1.93
C SER A 507 -28.54 7.21 -1.32
N SER A 508 -29.77 7.64 -1.38
CA SER A 508 -30.16 8.82 -0.64
C SER A 508 -31.43 8.52 0.13
N ARG A 509 -31.46 7.33 0.71
CA ARG A 509 -32.58 6.84 1.50
C ARG A 509 -32.31 7.07 2.98
N PHE A 510 -31.21 6.49 3.47
CA PHE A 510 -30.79 6.75 4.84
C PHE A 510 -30.63 8.24 5.08
N PHE A 511 -30.14 8.96 4.07
CA PHE A 511 -30.05 10.42 4.18
C PHE A 511 -31.45 11.04 4.31
N ASP A 512 -32.44 10.53 3.55
CA ASP A 512 -33.82 10.96 3.76
C ASP A 512 -34.19 10.94 5.24
N LEU A 513 -33.92 9.81 5.92
CA LEU A 513 -34.42 9.60 7.27
C LEU A 513 -33.70 10.46 8.29
N VAL A 514 -32.37 10.58 8.19
CA VAL A 514 -31.69 11.44 9.16
C VAL A 514 -32.14 12.89 9.02
N ARG A 515 -32.57 13.31 7.82
CA ARG A 515 -33.15 14.64 7.64
C ARG A 515 -34.45 14.76 8.38
N TRP A 516 -35.32 13.75 8.26
CA TRP A 516 -36.63 13.68 8.91
C TRP A 516 -36.54 13.43 10.43
N GLY A 517 -35.35 13.17 10.97
CA GLY A 517 -35.26 12.76 12.36
C GLY A 517 -36.02 11.49 12.64
N GLU A 518 -35.98 10.54 11.72
CA GLU A 518 -36.70 9.28 11.81
C GLU A 518 -35.77 8.07 11.84
N ALA A 519 -34.45 8.27 11.67
CA ALA A 519 -33.53 7.16 11.41
C ALA A 519 -33.63 6.09 12.48
N LYS A 520 -33.35 6.45 13.75
CA LYS A 520 -33.36 5.47 14.83
C LYS A 520 -34.65 4.67 14.83
N ASP A 521 -35.77 5.28 14.43
CA ASP A 521 -37.04 4.59 14.59
C ASP A 521 -37.27 3.61 13.45
N VAL A 522 -37.15 4.05 12.19
CA VAL A 522 -37.56 3.12 11.13
C VAL A 522 -36.52 2.04 10.93
N ILE A 523 -35.22 2.33 11.10
CA ILE A 523 -34.25 1.27 10.80
C ILE A 523 -34.02 0.36 11.99
N ASN A 524 -34.22 0.84 13.22
CA ASN A 524 -34.28 -0.11 14.33
C ASN A 524 -35.48 -1.03 14.20
N ALA A 525 -36.58 -0.53 13.63
CA ALA A 525 -37.71 -1.40 13.31
C ALA A 525 -37.38 -2.27 12.10
N TYR A 526 -36.64 -1.71 11.14
CA TYR A 526 -36.16 -2.55 10.05
C TYR A 526 -35.23 -3.62 10.57
N TYR A 527 -34.48 -3.34 11.65
CA TYR A 527 -33.52 -4.32 12.14
C TYR A 527 -34.20 -5.61 12.57
N VAL A 528 -35.42 -5.52 13.10
CA VAL A 528 -36.05 -6.68 13.71
C VAL A 528 -37.00 -7.38 12.75
N THR A 529 -37.63 -6.62 11.83
CA THR A 529 -38.34 -7.26 10.73
C THR A 529 -37.39 -8.01 9.80
N GLU A 530 -36.18 -7.49 9.59
CA GLU A 530 -35.24 -8.01 8.61
C GLU A 530 -34.20 -8.96 9.19
N ALA A 531 -34.16 -9.15 10.50
CA ALA A 531 -33.35 -10.25 11.01
C ALA A 531 -33.91 -11.60 10.57
N SER A 532 -35.23 -11.67 10.28
CA SER A 532 -35.86 -12.88 9.73
C SER A 532 -35.28 -13.23 8.36
N ARG A 533 -34.95 -12.22 7.57
CA ARG A 533 -34.50 -12.39 6.20
C ARG A 533 -32.98 -12.39 6.05
N CYS A 534 -32.26 -11.82 7.02
CA CYS A 534 -30.83 -11.56 6.86
C CYS A 534 -30.15 -11.62 8.22
N SER A 535 -29.44 -12.74 8.47
CA SER A 535 -28.87 -13.02 9.79
C SER A 535 -28.11 -11.84 10.39
N ILE A 536 -27.48 -11.01 9.55
CA ILE A 536 -26.53 -10.03 10.05
C ILE A 536 -27.18 -9.03 10.97
N TYR A 537 -28.48 -8.76 10.80
CA TYR A 537 -29.16 -7.70 11.53
C TYR A 537 -29.59 -8.14 12.93
N LYS A 538 -29.19 -9.33 13.36
CA LYS A 538 -29.63 -9.86 14.65
C LYS A 538 -28.91 -9.23 15.81
N ASN A 539 -27.73 -8.64 15.61
CA ASN A 539 -26.99 -7.99 16.68
C ASN A 539 -27.07 -6.49 16.59
N ALA A 540 -28.00 -5.98 15.79
CA ALA A 540 -27.95 -4.62 15.30
C ALA A 540 -28.70 -3.66 16.23
N GLY A 541 -28.17 -2.44 16.35
CA GLY A 541 -28.80 -1.44 17.17
C GLY A 541 -28.43 -0.01 16.82
N PHE A 542 -29.40 0.80 16.39
CA PHE A 542 -29.16 2.19 16.06
C PHE A 542 -29.30 3.04 17.30
N THR A 543 -28.27 3.85 17.58
CA THR A 543 -28.19 4.62 18.81
C THR A 543 -28.56 6.07 18.50
N GLU A 544 -29.75 6.48 18.93
CA GLU A 544 -30.20 7.87 18.82
C GLU A 544 -29.12 8.85 19.20
N ASN A 545 -29.06 9.97 18.48
CA ASN A 545 -28.08 11.02 18.76
C ASN A 545 -26.68 10.43 18.83
N LYS A 546 -26.27 9.83 17.72
CA LYS A 546 -24.94 9.27 17.54
C LYS A 546 -24.79 8.74 16.11
N ASN A 547 -25.60 7.74 15.73
CA ASN A 547 -25.40 7.08 14.46
C ASN A 547 -26.05 7.81 13.28
N GLU A 548 -26.70 8.96 13.51
CA GLU A 548 -27.30 9.69 12.39
C GLU A 548 -26.22 10.14 11.43
N TYR A 549 -25.01 10.36 11.95
CA TYR A 549 -23.86 10.82 11.21
C TYR A 549 -22.64 9.96 11.48
N LEU A 550 -21.85 9.76 10.44
CA LEU A 550 -20.55 9.16 10.65
C LEU A 550 -19.80 10.03 11.65
N PRO A 551 -18.98 9.43 12.50
CA PRO A 551 -18.11 10.24 13.35
C PRO A 551 -17.18 11.04 12.47
N VAL A 552 -16.90 12.28 12.89
CA VAL A 552 -15.79 12.94 12.20
C VAL A 552 -14.54 12.07 12.36
N PRO A 553 -13.69 11.92 11.35
CA PRO A 553 -12.62 10.92 11.47
C PRO A 553 -11.65 11.29 12.58
N PHE A 554 -11.17 10.27 13.29
CA PHE A 554 -10.28 10.53 14.42
C PHE A 554 -8.94 11.10 13.95
N GLU A 555 -8.45 10.66 12.79
CA GLU A 555 -7.17 11.20 12.34
C GLU A 555 -7.27 12.70 12.09
N GLN A 556 -8.41 13.17 11.59
CA GLN A 556 -8.60 14.59 11.33
C GLN A 556 -8.70 15.36 12.64
N ILE A 557 -9.62 14.97 13.52
CA ILE A 557 -9.76 15.54 14.86
C ILE A 557 -8.37 15.69 15.49
N SER A 558 -7.69 14.56 15.66
CA SER A 558 -6.42 14.52 16.38
C SER A 558 -5.33 15.36 15.72
N ALA A 559 -5.43 15.64 14.43
CA ALA A 559 -4.40 16.47 13.82
C ALA A 559 -4.71 17.96 13.88
N SER A 560 -5.95 18.32 14.18
CA SER A 560 -6.37 19.72 14.10
C SER A 560 -6.01 20.53 15.34
N ASN A 561 -5.54 19.86 16.39
CA ASN A 561 -5.21 20.47 17.67
C ASN A 561 -6.41 21.07 18.39
N GLY A 562 -7.39 20.24 18.71
CA GLY A 562 -8.59 20.71 19.38
C GLY A 562 -9.48 21.58 18.53
N ASN A 563 -9.10 21.89 17.29
CA ASN A 563 -9.94 22.76 16.47
C ASN A 563 -11.23 22.04 16.10
N TYR A 564 -11.13 20.84 15.52
CA TYR A 564 -12.29 20.07 15.09
C TYR A 564 -12.98 19.42 16.29
N THR A 565 -14.30 19.23 16.18
CA THR A 565 -15.18 18.83 17.26
C THR A 565 -16.00 17.59 16.86
N GLN A 566 -16.12 16.63 17.77
CA GLN A 566 -16.88 15.44 17.40
C GLN A 566 -18.38 15.68 17.38
N ASN A 567 -19.10 14.67 16.87
CA ASN A 567 -20.55 14.66 16.94
C ASN A 567 -21.04 14.06 18.25
N PHE A 568 -22.24 14.51 18.62
CA PHE A 568 -22.92 14.11 19.83
C PHE A 568 -23.07 12.60 19.90
N GLY A 569 -22.31 11.94 20.74
CA GLY A 569 -22.53 10.53 20.91
C GLY A 569 -21.27 9.73 21.08
N TRP A 570 -20.13 10.30 20.68
CA TRP A 570 -18.89 9.54 20.74
C TRP A 570 -17.95 10.05 21.85
N ASP B 121 40.92 4.00 8.83
CA ASP B 121 40.91 5.13 9.75
C ASP B 121 41.17 4.69 11.19
N LEU B 122 42.30 5.15 11.75
CA LEU B 122 42.77 4.65 13.04
C LEU B 122 42.12 5.37 14.22
N THR B 123 41.33 6.42 13.97
CA THR B 123 40.66 7.19 15.02
C THR B 123 39.14 7.07 14.95
N GLY B 124 38.61 6.16 14.16
CA GLY B 124 37.19 6.16 13.91
C GLY B 124 36.36 5.21 14.72
N ALA B 125 35.75 4.25 14.02
CA ALA B 125 34.78 3.32 14.58
C ALA B 125 34.47 2.27 13.50
N VAL B 126 35.53 1.62 13.01
CA VAL B 126 35.55 0.96 11.72
C VAL B 126 35.57 -0.54 11.93
N SER B 127 34.45 -1.21 11.63
CA SER B 127 34.47 -2.66 11.53
C SER B 127 35.10 -3.07 10.20
N VAL B 128 36.12 -3.93 10.26
CA VAL B 128 36.77 -4.48 9.08
C VAL B 128 36.22 -5.88 8.83
N VAL B 129 36.20 -6.27 7.57
CA VAL B 129 35.63 -7.56 7.17
C VAL B 129 36.75 -8.44 6.65
N LYS B 130 36.67 -9.73 6.95
CA LYS B 130 37.61 -10.67 6.35
C LYS B 130 36.99 -11.17 5.05
N VAL B 131 37.44 -10.61 3.93
CA VAL B 131 36.80 -10.86 2.63
C VAL B 131 36.92 -12.32 2.23
N ASP B 132 37.85 -13.04 2.85
CA ASP B 132 37.99 -14.48 2.63
C ASP B 132 36.74 -15.23 3.05
N GLU B 133 36.33 -15.06 4.31
CA GLU B 133 35.11 -15.67 4.80
C GLU B 133 33.91 -15.35 3.93
N ILE B 134 33.92 -14.20 3.23
CA ILE B 134 32.76 -13.74 2.48
C ILE B 134 32.35 -14.78 1.45
N GLN B 135 33.33 -15.31 0.71
CA GLN B 135 33.01 -16.24 -0.35
C GLN B 135 32.59 -17.62 0.16
N LYS B 136 32.74 -17.88 1.45
CA LYS B 136 32.42 -19.19 2.01
C LYS B 136 30.94 -19.39 2.31
N GLN B 137 30.09 -18.43 1.93
CA GLN B 137 28.65 -18.64 1.83
C GLN B 137 28.21 -18.83 0.38
N GLY B 138 29.14 -18.67 -0.56
CA GLY B 138 28.77 -18.74 -1.96
C GLY B 138 27.66 -17.79 -2.34
N GLU B 139 27.47 -16.72 -1.59
CA GLU B 139 26.46 -15.75 -1.97
C GLU B 139 26.83 -15.14 -3.31
N ASN B 140 25.82 -14.80 -4.12
CA ASN B 140 26.07 -13.90 -5.24
C ASN B 140 26.43 -12.52 -4.71
N ASN B 141 25.72 -12.08 -3.68
CA ASN B 141 25.87 -10.74 -3.15
C ASN B 141 26.86 -10.74 -1.99
N PRO B 142 27.99 -10.03 -2.11
CA PRO B 142 28.90 -9.96 -0.96
C PRO B 142 28.20 -9.46 0.29
N VAL B 143 27.35 -8.44 0.17
CA VAL B 143 26.64 -7.91 1.33
C VAL B 143 25.79 -8.99 1.99
N LYS B 144 25.25 -9.93 1.21
CA LYS B 144 24.47 -10.98 1.85
C LYS B 144 25.34 -11.88 2.71
N ALA B 145 26.62 -12.04 2.35
CA ALA B 145 27.53 -12.78 3.23
C ALA B 145 27.79 -12.02 4.52
N LEU B 146 27.91 -10.69 4.45
CA LEU B 146 28.24 -9.93 5.66
C LEU B 146 27.12 -9.96 6.70
N GLN B 147 25.92 -10.44 6.33
CA GLN B 147 24.84 -10.68 7.28
C GLN B 147 25.41 -11.14 8.62
N GLY B 148 25.15 -10.35 9.68
CA GLY B 148 25.59 -10.69 11.02
C GLY B 148 27.08 -10.70 11.25
N ARG B 149 27.90 -10.48 10.22
CA ARG B 149 29.34 -10.49 10.40
C ARG B 149 29.86 -9.28 11.15
N VAL B 150 29.12 -8.18 11.12
CA VAL B 150 29.60 -6.89 11.60
C VAL B 150 28.60 -6.39 12.65
N PRO B 151 29.06 -5.98 13.82
CA PRO B 151 28.14 -5.41 14.82
C PRO B 151 27.70 -4.01 14.43
N GLY B 152 26.42 -3.74 14.64
CA GLY B 152 25.83 -2.48 14.28
C GLY B 152 25.33 -2.40 12.86
N MET B 153 25.78 -3.32 11.99
CA MET B 153 25.39 -3.38 10.58
C MET B 153 24.41 -4.52 10.36
N ASN B 154 23.13 -4.18 10.30
CA ASN B 154 22.06 -5.17 10.12
C ASN B 154 21.80 -5.35 8.64
N ILE B 155 22.16 -6.52 8.10
CA ILE B 155 21.93 -6.83 6.70
C ILE B 155 20.76 -7.78 6.62
N THR B 156 19.81 -7.50 5.74
CA THR B 156 18.55 -8.20 5.82
C THR B 156 18.07 -8.50 4.41
N ALA B 157 17.65 -9.76 4.17
CA ALA B 157 17.29 -10.22 2.83
C ALA B 157 16.41 -11.44 2.91
N ASP B 158 15.52 -11.56 1.91
CA ASP B 158 14.74 -12.77 1.68
C ASP B 158 15.53 -13.77 0.81
N GLY B 159 14.90 -14.92 0.56
CA GLY B 159 15.53 -16.03 -0.15
C GLY B 159 15.62 -15.91 -1.66
N ASN B 160 15.17 -14.79 -2.25
CA ASN B 160 15.12 -14.68 -3.70
C ASN B 160 16.50 -14.87 -4.34
N PRO B 161 16.54 -15.35 -5.58
CA PRO B 161 17.80 -15.87 -6.12
C PRO B 161 18.83 -14.80 -6.44
N SER B 162 18.43 -13.54 -6.53
CA SER B 162 19.42 -12.48 -6.78
C SER B 162 20.27 -12.17 -5.56
N GLY B 163 19.92 -12.69 -4.38
CA GLY B 163 20.71 -12.46 -3.19
C GLY B 163 20.61 -11.04 -2.64
N SER B 164 19.81 -10.21 -3.32
CA SER B 164 19.68 -8.80 -2.98
C SER B 164 19.26 -8.60 -1.53
N ALA B 165 19.89 -7.61 -0.88
CA ALA B 165 19.72 -7.37 0.54
C ALA B 165 19.44 -5.90 0.80
N THR B 166 19.39 -5.49 2.07
CA THR B 166 19.36 -4.09 2.48
C THR B 166 20.19 -3.91 3.74
N VAL B 167 21.00 -2.86 3.77
CA VAL B 167 21.92 -2.59 4.87
C VAL B 167 21.31 -1.52 5.74
N ARG B 168 21.47 -1.68 7.06
CA ARG B 168 21.06 -0.70 8.07
C ARG B 168 22.19 -0.54 9.07
N ILE B 169 22.83 0.63 9.09
CA ILE B 169 23.96 0.89 9.98
C ILE B 169 23.45 1.70 11.17
N ARG B 170 23.62 1.16 12.38
CA ARG B 170 23.34 1.84 13.65
C ARG B 170 21.87 2.26 13.76
N GLY B 171 21.04 1.24 13.91
CA GLY B 171 19.62 1.48 14.01
C GLY B 171 19.10 2.04 12.70
N ILE B 172 18.35 3.13 12.80
CA ILE B 172 17.51 3.63 11.72
C ILE B 172 17.75 5.13 11.61
N GLY B 173 18.71 5.52 10.74
CA GLY B 173 19.31 6.84 10.80
C GLY B 173 18.33 7.99 10.68
N THR B 174 17.32 7.86 9.83
CA THR B 174 16.55 9.03 9.42
C THR B 174 15.16 8.59 8.98
N LEU B 175 14.40 9.51 8.41
CA LEU B 175 13.02 9.26 8.04
C LEU B 175 12.82 9.12 6.53
N ASN B 176 13.89 9.15 5.75
CA ASN B 176 13.77 9.01 4.30
C ASN B 176 14.53 7.79 3.78
N ASN B 177 15.81 7.92 3.53
CA ASN B 177 16.61 6.81 3.02
C ASN B 177 17.60 6.40 4.09
N ASN B 178 17.64 5.12 4.42
CA ASN B 178 18.63 4.63 5.36
C ASN B 178 19.68 3.74 4.70
N ASP B 179 19.76 3.76 3.38
CA ASP B 179 20.69 2.89 2.67
C ASP B 179 22.10 3.45 2.76
N PRO B 180 23.09 2.63 3.10
CA PRO B 180 24.47 3.14 3.22
C PRO B 180 25.11 3.50 1.89
N LEU B 181 26.33 3.98 1.94
CA LEU B 181 27.04 4.47 0.78
C LEU B 181 28.24 3.58 0.59
N TYR B 182 28.35 2.99 -0.59
CA TYR B 182 29.51 2.20 -0.94
C TYR B 182 30.47 3.11 -1.69
N ILE B 183 31.76 2.93 -1.47
CA ILE B 183 32.78 3.59 -2.26
C ILE B 183 33.68 2.49 -2.83
N ILE B 184 33.41 2.08 -4.07
CA ILE B 184 34.09 0.97 -4.72
C ILE B 184 35.24 1.54 -5.53
N ASP B 185 36.48 1.17 -5.17
CA ASP B 185 37.69 1.63 -5.86
C ASP B 185 37.74 3.15 -6.03
N GLY B 186 37.18 3.87 -5.05
CA GLY B 186 37.13 5.30 -5.07
C GLY B 186 35.88 5.93 -5.65
N VAL B 187 34.94 5.14 -6.13
CA VAL B 187 33.74 5.66 -6.78
C VAL B 187 32.56 5.47 -5.82
N PRO B 188 31.70 6.48 -5.65
CA PRO B 188 30.47 6.28 -4.89
C PRO B 188 29.41 5.53 -5.69
N THR B 189 28.64 4.71 -4.98
CA THR B 189 27.33 4.32 -5.47
C THR B 189 26.54 3.84 -4.27
N LYS B 190 25.23 4.10 -4.32
CA LYS B 190 24.33 3.70 -3.24
C LYS B 190 23.53 2.46 -3.58
N ALA B 191 23.64 1.95 -4.80
CA ALA B 191 22.90 0.77 -5.23
C ALA B 191 23.87 -0.31 -5.67
N GLY B 192 23.38 -1.54 -5.65
CA GLY B 192 24.05 -2.62 -6.35
C GLY B 192 24.58 -3.71 -5.45
N MET B 193 25.86 -4.03 -5.62
CA MET B 193 26.58 -5.11 -4.91
C MET B 193 26.10 -6.47 -5.37
N HIS B 194 24.79 -6.68 -5.41
CA HIS B 194 24.24 -7.88 -6.02
C HIS B 194 24.26 -7.85 -7.56
N GLU B 195 24.49 -6.69 -8.16
CA GLU B 195 24.67 -6.51 -9.59
C GLU B 195 26.13 -6.61 -10.03
N LEU B 196 27.07 -6.85 -9.12
CA LEU B 196 28.48 -6.81 -9.45
C LEU B 196 29.13 -8.13 -9.07
N ASN B 197 30.43 -8.24 -9.37
CA ASN B 197 31.14 -9.50 -9.12
C ASN B 197 31.69 -9.49 -7.69
N GLY B 198 30.93 -10.08 -6.77
CA GLY B 198 31.41 -10.24 -5.41
C GLY B 198 32.75 -10.93 -5.30
N ASN B 199 33.16 -11.59 -6.37
CA ASN B 199 34.37 -12.42 -6.34
C ASN B 199 35.65 -11.63 -6.59
N ASP B 200 35.56 -10.43 -7.16
CA ASP B 200 36.75 -9.59 -7.32
C ASP B 200 36.80 -8.48 -6.28
N ILE B 201 36.21 -8.71 -5.07
CA ILE B 201 36.35 -7.86 -3.90
C ILE B 201 37.64 -8.27 -3.20
N GLU B 202 38.36 -7.29 -2.62
CA GLU B 202 39.52 -7.65 -1.80
C GLU B 202 39.48 -7.02 -0.42
N SER B 203 38.82 -5.87 -0.26
CA SER B 203 38.78 -5.20 1.03
C SER B 203 37.40 -4.65 1.27
N ILE B 204 36.92 -4.77 2.50
CA ILE B 204 35.64 -4.22 2.90
C ILE B 204 35.79 -3.74 4.34
N GLN B 205 35.62 -2.45 4.56
CA GLN B 205 35.48 -1.88 5.90
C GLN B 205 34.19 -1.10 5.97
N VAL B 206 33.37 -1.40 6.96
CA VAL B 206 32.21 -0.57 7.26
C VAL B 206 32.67 0.51 8.24
N LEU B 207 32.34 1.77 7.93
CA LEU B 207 32.67 2.94 8.73
C LEU B 207 31.40 3.43 9.41
N LYS B 208 31.34 3.30 10.74
CA LYS B 208 30.07 3.34 11.46
C LYS B 208 29.73 4.68 12.11
N ASP B 209 30.72 5.45 12.57
CA ASP B 209 30.45 6.75 13.19
C ASP B 209 30.56 7.88 12.17
N ALA B 210 30.16 9.08 12.58
CA ALA B 210 30.13 10.19 11.63
C ALA B 210 31.53 10.58 11.16
N ALA B 211 32.53 10.55 12.06
CA ALA B 211 33.86 11.05 11.72
C ALA B 211 34.50 10.26 10.58
N SER B 212 34.75 8.97 10.82
CA SER B 212 35.46 8.13 9.84
C SER B 212 34.79 8.14 8.47
N ALA B 213 33.49 8.33 8.42
CA ALA B 213 32.79 8.29 7.15
C ALA B 213 32.62 9.65 6.50
N SER B 214 32.52 10.72 7.31
CA SER B 214 32.01 12.03 6.85
C SER B 214 32.70 12.53 5.59
N ILE B 215 33.95 12.15 5.36
CA ILE B 215 34.70 12.73 4.26
C ILE B 215 34.55 11.93 2.96
N TYR B 216 34.12 10.68 3.05
CA TYR B 216 34.00 9.86 1.86
C TYR B 216 32.92 10.34 0.91
N GLY B 217 32.03 11.21 1.40
CA GLY B 217 31.07 11.84 0.52
C GLY B 217 30.00 12.59 1.28
N SER B 218 29.19 13.30 0.50
CA SER B 218 28.06 14.08 0.93
C SER B 218 26.89 13.25 1.41
N ARG B 219 27.01 11.92 1.49
CA ARG B 219 25.88 11.03 1.79
C ARG B 219 26.27 9.96 2.77
N ALA B 220 27.02 10.33 3.79
CA ALA B 220 27.58 9.35 4.70
C ALA B 220 26.65 9.02 5.85
N ALA B 221 25.70 9.90 6.14
CA ALA B 221 24.78 9.82 7.29
C ALA B 221 24.42 8.39 7.72
N ASN B 222 24.21 7.51 6.74
CA ASN B 222 23.78 6.14 7.01
C ASN B 222 24.93 5.16 7.01
N GLY B 223 26.17 5.63 7.14
CA GLY B 223 27.31 4.76 7.07
C GLY B 223 27.89 4.68 5.68
N VAL B 224 29.11 4.15 5.61
CA VAL B 224 29.96 4.26 4.43
C VAL B 224 30.79 2.99 4.33
N ILE B 225 30.58 2.23 3.27
CA ILE B 225 31.24 0.94 3.10
C ILE B 225 32.33 1.12 2.06
N ILE B 226 33.58 1.09 2.51
CA ILE B 226 34.71 1.08 1.59
C ILE B 226 34.85 -0.31 1.01
N ILE B 227 34.96 -0.39 -0.31
CA ILE B 227 35.17 -1.64 -1.02
C ILE B 227 36.31 -1.44 -2.01
N THR B 228 37.21 -2.42 -2.05
CA THR B 228 38.43 -2.33 -2.84
C THR B 228 38.52 -3.58 -3.70
N THR B 229 38.49 -3.42 -5.00
CA THR B 229 38.60 -4.64 -5.79
C THR B 229 40.06 -5.06 -5.92
N LYS B 230 40.24 -6.32 -6.33
CA LYS B 230 41.56 -6.94 -6.46
C LYS B 230 42.40 -6.20 -7.49
N GLN B 231 43.67 -6.61 -7.58
CA GLN B 231 44.60 -6.05 -8.55
C GLN B 231 45.97 -6.71 -8.36
N GLY B 232 46.82 -6.56 -9.38
CA GLY B 232 48.08 -7.30 -9.40
C GLY B 232 49.15 -6.71 -8.51
N LYS B 233 49.96 -7.59 -7.94
CA LYS B 233 50.97 -7.19 -6.97
C LYS B 233 52.35 -7.27 -7.61
N LYS B 234 53.22 -6.35 -7.19
CA LYS B 234 54.57 -6.21 -7.74
C LYS B 234 55.34 -7.53 -7.75
N GLY B 235 55.46 -8.13 -8.95
CA GLY B 235 56.30 -9.30 -9.16
C GLY B 235 55.59 -10.65 -9.18
N GLN B 236 54.27 -10.66 -9.37
CA GLN B 236 53.43 -11.86 -9.23
C GLN B 236 52.60 -12.04 -10.50
N ILE B 237 52.46 -13.30 -10.94
CA ILE B 237 51.46 -13.62 -11.98
C ILE B 237 50.58 -14.76 -11.49
N LYS B 238 49.69 -14.45 -10.55
CA LYS B 238 48.76 -15.42 -9.99
C LYS B 238 47.55 -15.61 -10.92
N ILE B 239 46.80 -16.68 -10.67
CA ILE B 239 45.54 -16.95 -11.35
C ILE B 239 44.71 -17.85 -10.44
N ASN B 240 43.41 -17.59 -10.39
CA ASN B 240 42.51 -18.32 -9.52
C ASN B 240 41.29 -18.73 -10.32
N PHE B 241 40.89 -19.97 -10.15
CA PHE B 241 39.61 -20.42 -10.64
C PHE B 241 38.83 -20.99 -9.47
N ASP B 242 37.67 -20.39 -9.19
CA ASP B 242 36.74 -20.86 -8.19
C ASP B 242 35.48 -21.30 -8.94
N ALA B 243 34.79 -22.31 -8.40
CA ALA B 243 33.63 -22.88 -9.09
C ALA B 243 32.78 -23.67 -8.12
N SER B 244 31.48 -23.36 -8.06
CA SER B 244 30.57 -23.87 -7.05
C SER B 244 29.27 -24.31 -7.70
N VAL B 245 28.58 -25.25 -7.09
CA VAL B 245 27.23 -25.63 -7.50
C VAL B 245 26.46 -26.16 -6.30
N SER B 246 25.25 -25.65 -6.09
CA SER B 246 24.43 -25.91 -4.92
C SER B 246 23.07 -26.43 -5.35
N ALA B 247 22.35 -27.02 -4.41
CA ALA B 247 20.91 -27.22 -4.54
C ALA B 247 20.20 -26.51 -3.40
N SER B 248 19.03 -25.96 -3.70
CA SER B 248 18.26 -25.23 -2.71
C SER B 248 16.90 -25.89 -2.56
N MET B 249 16.51 -26.17 -1.32
CA MET B 249 15.22 -26.74 -0.99
C MET B 249 14.44 -25.79 -0.08
N TYR B 250 13.13 -25.74 -0.33
CA TYR B 250 12.19 -25.00 0.51
C TYR B 250 12.26 -25.51 1.94
N GLN B 251 12.66 -24.64 2.87
CA GLN B 251 12.67 -24.95 4.30
C GLN B 251 11.30 -24.72 4.93
N SER B 252 10.90 -23.46 5.03
CA SER B 252 9.80 -23.04 5.89
C SER B 252 8.42 -23.40 5.35
N LYS B 253 8.14 -24.69 5.16
CA LYS B 253 6.86 -25.08 4.59
C LYS B 253 5.73 -24.81 5.57
N MET B 254 4.84 -23.87 5.23
CA MET B 254 3.74 -23.48 6.10
C MET B 254 2.60 -24.48 6.01
N ASN B 255 2.22 -25.07 7.15
CA ASN B 255 1.24 -26.15 7.18
C ASN B 255 -0.18 -25.61 7.07
N VAL B 256 -0.84 -25.90 5.95
CA VAL B 256 -2.18 -25.42 5.65
C VAL B 256 -3.11 -26.63 5.45
N LEU B 257 -4.41 -26.43 5.71
CA LEU B 257 -5.36 -27.54 5.74
C LEU B 257 -5.42 -28.27 4.41
N ASN B 258 -5.58 -29.60 4.49
CA ASN B 258 -5.90 -30.44 3.36
C ASN B 258 -7.41 -30.51 3.18
N THR B 259 -7.86 -31.25 2.16
CA THR B 259 -9.28 -31.23 1.80
C THR B 259 -10.14 -31.81 2.91
N GLU B 260 -9.59 -32.71 3.72
CA GLU B 260 -10.42 -33.29 4.77
C GLU B 260 -10.35 -32.47 6.05
N GLN B 261 -9.18 -31.91 6.39
CA GLN B 261 -9.10 -31.00 7.53
C GLN B 261 -10.00 -29.80 7.30
N TYR B 262 -9.94 -29.22 6.10
CA TYR B 262 -10.84 -28.13 5.71
C TYR B 262 -12.29 -28.53 5.84
N GLY B 263 -12.57 -29.82 5.80
CA GLY B 263 -13.93 -30.29 6.00
C GLY B 263 -14.26 -30.33 7.46
N ARG B 264 -13.36 -30.91 8.27
CA ARG B 264 -13.58 -30.91 9.71
C ARG B 264 -13.72 -29.50 10.25
N ALA B 265 -12.83 -28.59 9.83
CA ALA B 265 -12.87 -27.23 10.34
C ALA B 265 -14.19 -26.56 10.01
N MET B 266 -14.59 -26.63 8.73
CA MET B 266 -15.81 -25.96 8.30
C MET B 266 -17.03 -26.50 9.05
N TRP B 267 -17.03 -27.80 9.34
CA TRP B 267 -18.10 -28.35 10.16
C TRP B 267 -18.12 -27.72 11.54
N GLN B 268 -16.95 -27.63 12.18
CA GLN B 268 -16.87 -27.03 13.50
C GLN B 268 -17.38 -25.58 13.48
N ALA B 269 -16.81 -24.75 12.61
CA ALA B 269 -17.24 -23.37 12.55
C ALA B 269 -18.73 -23.28 12.28
N TYR B 270 -19.26 -24.16 11.43
CA TYR B 270 -20.69 -24.14 11.17
C TYR B 270 -21.50 -24.48 12.42
N VAL B 271 -21.08 -25.49 13.19
CA VAL B 271 -21.89 -25.84 14.34
C VAL B 271 -21.65 -24.86 15.47
N ASN B 272 -20.39 -24.49 15.71
CA ASN B 272 -20.09 -23.51 16.77
C ASN B 272 -21.03 -22.31 16.70
N ASP B 273 -21.57 -22.02 15.51
CA ASP B 273 -22.53 -20.94 15.32
C ASP B 273 -23.96 -21.44 15.33
N GLY B 274 -24.17 -22.74 15.42
CA GLY B 274 -25.52 -23.27 15.46
C GLY B 274 -26.31 -23.04 14.20
N GLU B 275 -25.68 -23.26 13.04
CA GLU B 275 -26.38 -23.40 11.77
C GLU B 275 -25.98 -24.71 11.12
N ASN B 276 -26.79 -25.16 10.18
CA ASN B 276 -26.66 -26.50 9.64
C ASN B 276 -25.36 -26.66 8.87
N PRO B 277 -24.42 -27.49 9.33
CA PRO B 277 -23.12 -27.61 8.63
C PRO B 277 -23.22 -28.22 7.25
N ASN B 278 -24.38 -28.76 6.86
CA ASN B 278 -24.60 -29.15 5.47
C ASN B 278 -25.10 -28.00 4.60
N GLY B 279 -25.32 -26.82 5.17
CA GLY B 279 -25.70 -25.67 4.36
C GLY B 279 -24.54 -24.99 3.68
N ASN B 280 -23.40 -25.69 3.58
CA ASN B 280 -22.28 -25.23 2.78
C ASN B 280 -22.56 -25.55 1.31
N ALA B 281 -22.53 -24.54 0.45
CA ALA B 281 -22.68 -24.78 -0.98
C ALA B 281 -21.39 -25.28 -1.60
N LEU B 282 -20.65 -26.10 -0.86
CA LEU B 282 -19.47 -26.79 -1.32
C LEU B 282 -19.80 -28.28 -1.31
N GLY B 283 -18.83 -29.10 -1.72
CA GLY B 283 -19.15 -30.50 -1.97
C GLY B 283 -19.31 -31.37 -0.75
N TYR B 284 -19.50 -30.78 0.42
CA TYR B 284 -19.42 -31.51 1.66
C TYR B 284 -20.81 -31.86 2.17
N ALA B 285 -20.94 -33.09 2.67
CA ALA B 285 -22.15 -33.60 3.28
C ALA B 285 -21.74 -34.27 4.58
N TYR B 286 -22.48 -33.99 5.66
CA TYR B 286 -21.96 -34.36 6.97
C TYR B 286 -22.80 -35.43 7.65
N ASN B 287 -22.14 -36.07 8.60
CA ASN B 287 -22.71 -37.19 9.36
C ASN B 287 -22.29 -36.93 10.80
N TRP B 288 -23.22 -36.40 11.59
CA TRP B 288 -22.86 -35.90 12.92
C TRP B 288 -24.05 -36.01 13.86
N GLY B 289 -23.81 -35.65 15.11
CA GLY B 289 -24.80 -35.72 16.17
C GLY B 289 -24.22 -35.17 17.45
N TYR B 290 -24.92 -35.42 18.55
CA TYR B 290 -24.52 -34.94 19.87
C TYR B 290 -24.17 -36.09 20.80
N ASN B 291 -23.11 -35.89 21.59
CA ASN B 291 -22.67 -36.90 22.54
C ASN B 291 -23.53 -36.85 23.80
N ALA B 292 -22.98 -37.31 24.92
CA ALA B 292 -23.73 -37.33 26.17
C ALA B 292 -24.07 -35.90 26.63
N ASP B 293 -23.07 -35.02 26.62
CA ASP B 293 -23.23 -33.65 27.11
C ASP B 293 -23.99 -32.73 26.15
N GLY B 294 -24.44 -33.23 25.00
CA GLY B 294 -25.19 -32.42 24.07
C GLY B 294 -24.37 -31.45 23.24
N ASN B 295 -23.08 -31.70 23.07
CA ASN B 295 -22.09 -30.98 22.29
C ASN B 295 -22.07 -31.46 20.84
N PRO B 296 -21.73 -30.59 19.89
CA PRO B 296 -21.65 -31.05 18.50
C PRO B 296 -20.39 -31.90 18.32
N VAL B 297 -20.57 -33.14 17.85
CA VAL B 297 -19.46 -34.02 17.50
C VAL B 297 -19.70 -34.60 16.11
N LEU B 298 -18.61 -34.74 15.35
CA LEU B 298 -18.65 -35.12 13.96
C LEU B 298 -18.17 -36.56 13.79
N TYR B 299 -18.97 -37.37 13.09
CA TYR B 299 -18.73 -38.80 12.90
C TYR B 299 -17.99 -39.13 11.60
N GLY B 300 -18.62 -38.84 10.44
CA GLY B 300 -17.98 -39.02 9.15
C GLY B 300 -18.41 -37.92 8.18
N MET B 301 -17.86 -37.97 6.96
CA MET B 301 -18.20 -36.95 5.97
C MET B 301 -17.94 -37.46 4.56
N THR B 302 -18.76 -36.99 3.61
CA THR B 302 -18.68 -37.37 2.20
C THR B 302 -18.58 -36.13 1.32
N LEU B 303 -17.90 -36.27 0.18
CA LEU B 303 -17.58 -35.14 -0.69
C LEU B 303 -17.82 -35.52 -2.16
N SER B 304 -18.21 -34.50 -2.95
CA SER B 304 -18.48 -34.67 -4.38
C SER B 304 -17.20 -34.99 -5.16
N LYS B 305 -17.39 -35.57 -6.33
CA LYS B 305 -16.26 -35.79 -7.22
C LYS B 305 -15.89 -34.52 -7.98
N TYR B 306 -16.86 -33.65 -8.22
CA TYR B 306 -16.66 -32.41 -8.98
C TYR B 306 -17.08 -31.20 -8.14
N LEU B 307 -16.30 -30.12 -8.23
CA LEU B 307 -16.52 -28.94 -7.41
C LEU B 307 -17.69 -28.08 -7.87
N ASP B 308 -18.23 -28.31 -9.06
CA ASP B 308 -19.22 -27.42 -9.61
C ASP B 308 -20.32 -28.24 -10.27
N SER B 309 -21.50 -27.62 -10.39
CA SER B 309 -22.68 -28.32 -10.89
C SER B 309 -22.48 -28.89 -12.30
N LYS B 310 -21.70 -28.22 -13.16
CA LYS B 310 -21.47 -28.65 -14.54
C LYS B 310 -20.28 -29.61 -14.68
N ASN B 311 -19.71 -30.05 -13.56
CA ASN B 311 -18.69 -31.11 -13.49
C ASN B 311 -17.49 -30.85 -14.41
N THR B 312 -17.00 -29.60 -14.38
CA THR B 312 -15.82 -29.20 -15.14
C THR B 312 -14.55 -29.06 -14.31
N MET B 313 -14.67 -29.06 -12.99
CA MET B 313 -13.52 -29.06 -12.09
C MET B 313 -13.58 -30.25 -11.17
N PRO B 314 -12.65 -31.20 -11.26
CA PRO B 314 -12.57 -32.27 -10.25
C PRO B 314 -12.23 -31.72 -8.87
N VAL B 315 -12.84 -32.31 -7.84
CA VAL B 315 -12.39 -32.08 -6.46
C VAL B 315 -11.02 -32.71 -6.28
N ALA B 316 -10.14 -32.03 -5.55
CA ALA B 316 -8.77 -32.51 -5.43
C ALA B 316 -8.30 -32.36 -3.99
N ASP B 317 -7.09 -32.86 -3.73
CA ASP B 317 -6.38 -32.61 -2.48
C ASP B 317 -4.96 -32.16 -2.85
N THR B 318 -4.83 -30.96 -3.37
CA THR B 318 -3.52 -30.50 -3.76
C THR B 318 -2.80 -29.91 -2.56
N ASP B 319 -1.48 -29.99 -2.60
CA ASP B 319 -0.58 -29.36 -1.64
C ASP B 319 0.08 -28.23 -2.41
N TRP B 320 -0.56 -27.06 -2.39
CA TRP B 320 -0.14 -25.94 -3.23
C TRP B 320 1.31 -25.53 -3.01
N PHE B 321 1.86 -25.75 -1.82
CA PHE B 321 3.25 -25.39 -1.60
C PHE B 321 4.21 -26.45 -2.15
N ASP B 322 3.81 -27.72 -2.18
CA ASP B 322 4.57 -28.70 -2.96
C ASP B 322 4.54 -28.35 -4.43
N GLU B 323 3.42 -27.79 -4.90
CA GLU B 323 3.19 -27.53 -6.33
C GLU B 323 4.06 -26.37 -6.83
N ILE B 324 3.99 -25.21 -6.18
CA ILE B 324 4.62 -23.98 -6.69
C ILE B 324 6.10 -23.90 -6.39
N THR B 325 6.68 -24.94 -5.77
CA THR B 325 8.09 -24.92 -5.38
C THR B 325 8.84 -26.09 -6.01
N ARG B 326 10.15 -25.88 -6.19
CA ARG B 326 11.02 -26.84 -6.84
C ARG B 326 12.30 -26.89 -6.04
N THR B 327 13.24 -27.71 -6.51
CA THR B 327 14.56 -27.74 -5.92
C THR B 327 15.47 -26.88 -6.78
N GLY B 328 15.89 -25.73 -6.24
CA GLY B 328 16.71 -24.82 -7.01
C GLY B 328 18.10 -25.38 -7.28
N VAL B 329 18.70 -24.90 -8.37
CA VAL B 329 20.11 -25.17 -8.67
C VAL B 329 20.85 -23.83 -8.70
N ILE B 330 22.01 -23.79 -8.05
CA ILE B 330 22.87 -22.61 -8.01
C ILE B 330 24.18 -23.02 -8.67
N GLN B 331 24.96 -22.03 -9.09
CA GLN B 331 26.04 -22.32 -10.02
C GLN B 331 26.95 -21.11 -10.20
N GLN B 332 28.23 -21.20 -9.82
CA GLN B 332 29.13 -20.05 -9.95
C GLN B 332 30.48 -20.45 -10.47
N TYR B 333 31.09 -19.56 -11.24
CA TYR B 333 32.41 -19.79 -11.80
C TYR B 333 33.12 -18.45 -11.86
N ASN B 334 34.30 -18.36 -11.27
CA ASN B 334 35.08 -17.14 -11.34
C ASN B 334 36.48 -17.47 -11.81
N LEU B 335 37.04 -16.59 -12.62
CA LEU B 335 38.40 -16.75 -13.10
C LEU B 335 39.10 -15.41 -12.89
N SER B 336 40.13 -15.40 -12.05
CA SER B 336 40.91 -14.20 -11.78
C SER B 336 42.29 -14.38 -12.40
N VAL B 337 42.82 -13.32 -13.02
CA VAL B 337 44.19 -13.30 -13.48
C VAL B 337 44.80 -11.95 -13.10
N SER B 338 46.07 -11.98 -12.70
CA SER B 338 46.82 -10.80 -12.26
C SER B 338 48.18 -10.79 -12.93
N ASN B 339 48.87 -9.66 -12.81
CA ASN B 339 50.25 -9.51 -13.27
C ASN B 339 50.90 -8.25 -12.68
N GLY B 340 52.10 -8.37 -12.12
CA GLY B 340 52.72 -7.22 -11.50
C GLY B 340 54.16 -6.93 -11.88
N SER B 341 54.39 -5.87 -12.65
CA SER B 341 55.72 -5.35 -12.93
C SER B 341 56.06 -4.22 -11.95
N GLU B 342 57.23 -3.64 -12.13
CA GLU B 342 57.64 -2.49 -11.32
C GLU B 342 57.02 -1.19 -11.81
N LYS B 343 56.73 -1.10 -13.11
CA LYS B 343 56.21 0.11 -13.74
C LYS B 343 54.69 0.11 -13.85
N GLY B 344 54.02 -0.96 -13.44
CA GLY B 344 52.57 -1.00 -13.45
C GLY B 344 52.07 -2.43 -13.32
N SER B 345 50.80 -2.56 -12.96
CA SER B 345 50.14 -3.84 -12.75
C SER B 345 48.84 -3.92 -13.57
N SER B 346 48.17 -5.08 -13.53
CA SER B 346 46.87 -5.19 -14.18
C SER B 346 46.15 -6.48 -13.76
N PHE B 347 44.81 -6.43 -13.84
CA PHE B 347 43.87 -7.45 -13.36
C PHE B 347 42.84 -7.76 -14.44
N PHE B 348 42.27 -8.96 -14.39
CA PHE B 348 41.25 -9.39 -15.36
C PHE B 348 40.39 -10.50 -14.74
N SER B 349 39.12 -10.20 -14.48
CA SER B 349 38.21 -11.11 -13.80
C SER B 349 37.12 -11.51 -14.76
N LEU B 350 36.76 -12.79 -14.75
CA LEU B 350 35.60 -13.25 -15.49
C LEU B 350 34.74 -14.08 -14.55
N GLY B 351 33.42 -14.04 -14.75
CA GLY B 351 32.53 -14.65 -13.77
C GLY B 351 31.07 -14.78 -14.16
N TYR B 352 30.44 -15.91 -13.80
CA TYR B 352 29.05 -16.21 -14.12
C TYR B 352 28.35 -16.76 -12.89
N TYR B 353 27.04 -16.47 -12.79
CA TYR B 353 26.20 -16.95 -11.69
C TYR B 353 24.80 -17.24 -12.22
N LYS B 354 24.19 -18.30 -11.72
CA LYS B 354 22.87 -18.72 -12.19
C LYS B 354 22.17 -19.36 -10.99
N ASN B 355 21.09 -18.76 -10.53
CA ASN B 355 20.39 -19.24 -9.35
C ASN B 355 18.95 -19.49 -9.76
N LEU B 356 18.56 -20.76 -9.85
CA LEU B 356 17.17 -21.08 -10.14
C LEU B 356 16.42 -21.10 -8.82
N GLY B 357 15.60 -20.08 -8.59
CA GLY B 357 14.99 -19.89 -7.29
C GLY B 357 14.07 -21.03 -6.87
N VAL B 358 13.68 -20.98 -5.59
CA VAL B 358 12.93 -22.10 -5.01
C VAL B 358 11.45 -21.99 -5.33
N ILE B 359 11.02 -20.82 -5.80
CA ILE B 359 9.72 -20.65 -6.43
C ILE B 359 9.89 -20.97 -7.91
N LYS B 360 9.01 -21.81 -8.44
CA LYS B 360 9.06 -22.16 -9.85
C LYS B 360 8.87 -20.90 -10.68
N ASP B 361 9.59 -20.83 -11.80
CA ASP B 361 9.51 -19.72 -12.77
C ASP B 361 10.01 -18.42 -12.17
N THR B 362 11.09 -18.54 -11.40
CA THR B 362 11.87 -17.41 -10.92
C THR B 362 13.34 -17.79 -11.00
N ASP B 363 14.17 -16.91 -11.55
CA ASP B 363 15.59 -17.20 -11.62
C ASP B 363 16.37 -15.91 -11.65
N PHE B 364 17.69 -16.05 -11.65
CA PHE B 364 18.58 -14.90 -11.78
C PHE B 364 19.93 -15.38 -12.30
N ASP B 365 20.52 -14.58 -13.18
CA ASP B 365 21.89 -14.81 -13.66
C ASP B 365 22.63 -13.48 -13.72
N ARG B 366 23.95 -13.59 -13.72
CA ARG B 366 24.88 -12.47 -13.78
C ARG B 366 26.11 -12.91 -14.56
N PHE B 367 26.46 -12.16 -15.61
CA PHE B 367 27.76 -12.30 -16.24
C PHE B 367 28.58 -11.10 -15.86
N SER B 368 29.86 -11.29 -15.56
CA SER B 368 30.67 -10.19 -15.05
C SER B 368 32.07 -10.27 -15.63
N ALA B 369 32.64 -9.08 -15.84
CA ALA B 369 34.01 -8.91 -16.31
C ALA B 369 34.58 -7.65 -15.69
N ARG B 370 35.79 -7.75 -15.14
CA ARG B 370 36.50 -6.60 -14.57
C ARG B 370 37.92 -6.54 -15.12
N MET B 371 38.37 -5.32 -15.46
CA MET B 371 39.74 -5.09 -15.89
C MET B 371 40.27 -3.88 -15.14
N ASN B 372 41.22 -4.08 -14.22
CA ASN B 372 41.87 -2.98 -13.53
C ASN B 372 43.33 -2.88 -13.98
N SER B 373 43.87 -1.65 -14.02
CA SER B 373 45.24 -1.50 -14.50
C SER B 373 45.80 -0.15 -14.09
N ASP B 374 47.09 -0.13 -13.70
CA ASP B 374 47.78 1.11 -13.38
C ASP B 374 49.10 1.19 -14.13
N TYR B 375 49.56 2.43 -14.36
CA TYR B 375 50.83 2.68 -15.02
C TYR B 375 51.62 3.70 -14.21
N LYS B 376 52.92 3.41 -13.99
CA LYS B 376 53.83 4.28 -13.24
C LYS B 376 54.84 4.91 -14.20
N LEU B 377 54.58 6.16 -14.59
CA LEU B 377 55.39 6.88 -15.56
C LEU B 377 56.35 7.84 -14.85
N ILE B 378 57.36 8.29 -15.59
CA ILE B 378 58.21 9.40 -15.18
C ILE B 378 58.81 9.04 -13.81
N ASP B 379 59.77 8.13 -13.80
CA ASP B 379 60.18 7.39 -12.60
C ASP B 379 58.89 6.89 -11.95
N ASP B 380 58.67 7.13 -10.66
CA ASP B 380 57.38 6.79 -10.05
C ASP B 380 56.66 8.05 -9.59
N ILE B 381 56.80 9.12 -10.39
CA ILE B 381 56.11 10.39 -10.14
C ILE B 381 54.69 10.33 -10.68
N LEU B 382 54.53 10.41 -12.00
CA LEU B 382 53.22 10.42 -12.61
C LEU B 382 52.66 9.00 -12.65
N THR B 383 51.46 8.82 -12.11
CA THR B 383 50.74 7.55 -12.13
C THR B 383 49.39 7.74 -12.81
N ILE B 384 48.96 6.71 -13.55
CA ILE B 384 47.70 6.74 -14.31
C ILE B 384 47.04 5.37 -14.17
N GLY B 385 45.75 5.35 -13.86
CA GLY B 385 45.11 4.06 -13.66
C GLY B 385 43.61 4.09 -13.88
N GLN B 386 43.03 2.89 -13.85
CA GLN B 386 41.62 2.67 -14.15
C GLN B 386 41.14 1.37 -13.49
N HIS B 387 39.92 1.43 -12.94
CA HIS B 387 39.14 0.26 -12.53
C HIS B 387 37.90 0.20 -13.42
N PHE B 388 37.41 -1.01 -13.71
CA PHE B 388 36.23 -1.11 -14.58
C PHE B 388 35.58 -2.49 -14.57
N THR B 389 34.29 -2.55 -14.21
CA THR B 389 33.55 -3.79 -14.17
C THR B 389 32.37 -3.70 -15.13
N LEU B 390 32.08 -4.82 -15.79
CA LEU B 390 31.01 -4.93 -16.77
C LEU B 390 30.08 -6.04 -16.33
N ASN B 391 28.76 -5.83 -16.45
CA ASN B 391 27.83 -6.79 -15.89
C ASN B 391 26.52 -6.82 -16.66
N ARG B 392 26.08 -8.03 -16.98
CA ARG B 392 24.75 -8.30 -17.51
C ARG B 392 24.07 -9.24 -16.53
N THR B 393 23.12 -8.70 -15.76
CA THR B 393 22.25 -9.51 -14.90
C THR B 393 20.87 -9.58 -15.53
N SER B 394 20.15 -10.66 -15.22
CA SER B 394 18.86 -10.94 -15.85
C SER B 394 18.00 -11.75 -14.91
N GLU B 395 16.73 -11.38 -14.78
CA GLU B 395 15.93 -12.02 -13.76
C GLU B 395 14.47 -12.01 -14.20
N VAL B 396 13.76 -13.02 -13.73
CA VAL B 396 12.31 -13.06 -13.66
C VAL B 396 12.03 -13.22 -12.19
N GLN B 397 11.15 -12.39 -11.64
CA GLN B 397 10.96 -12.35 -10.20
C GLN B 397 9.61 -12.93 -9.80
N ALA B 398 9.55 -13.36 -8.54
CA ALA B 398 8.30 -13.85 -7.96
C ALA B 398 7.23 -12.78 -8.02
N PRO B 399 5.98 -13.13 -8.31
CA PRO B 399 4.93 -12.13 -8.41
C PRO B 399 4.52 -11.64 -7.04
N GLY B 400 3.91 -10.46 -7.04
CA GLY B 400 3.45 -9.83 -5.82
C GLY B 400 2.43 -10.66 -5.09
N GLY B 401 2.84 -11.26 -3.97
CA GLY B 401 1.90 -11.93 -3.09
C GLY B 401 1.46 -13.31 -3.52
N ILE B 402 2.31 -14.07 -4.21
CA ILE B 402 1.94 -15.44 -4.52
C ILE B 402 1.92 -16.31 -3.27
N ILE B 403 2.86 -16.09 -2.34
CA ILE B 403 2.84 -16.90 -1.13
C ILE B 403 1.52 -16.71 -0.38
N GLU B 404 1.02 -15.48 -0.33
CA GLU B 404 -0.26 -15.29 0.33
C GLU B 404 -1.38 -15.98 -0.44
N THR B 405 -1.30 -16.03 -1.77
CA THR B 405 -2.28 -16.78 -2.56
C THR B 405 -2.21 -18.28 -2.28
N ALA B 406 -0.98 -18.84 -2.25
CA ALA B 406 -0.79 -20.26 -1.94
C ALA B 406 -1.30 -20.63 -0.55
N LEU B 407 -1.22 -19.72 0.41
CA LEU B 407 -1.85 -19.95 1.69
C LEU B 407 -3.37 -19.94 1.58
N ASP B 408 -3.92 -19.18 0.64
CA ASP B 408 -5.36 -18.89 0.68
C ASP B 408 -6.21 -19.93 -0.05
N ILE B 409 -5.71 -20.53 -1.14
CA ILE B 409 -6.54 -21.34 -2.03
C ILE B 409 -6.76 -22.72 -1.42
N PRO B 410 -7.99 -23.21 -1.39
CA PRO B 410 -8.29 -24.52 -0.77
C PRO B 410 -7.56 -25.66 -1.46
N SER B 411 -7.30 -26.72 -0.70
CA SER B 411 -6.77 -27.95 -1.29
C SER B 411 -7.73 -28.49 -2.33
N ALA B 412 -9.04 -28.25 -2.16
CA ALA B 412 -10.02 -28.89 -3.03
C ALA B 412 -9.93 -28.42 -4.49
N ILE B 413 -9.29 -27.29 -4.76
CA ILE B 413 -9.13 -26.80 -6.13
C ILE B 413 -8.06 -27.61 -6.83
N PRO B 414 -8.33 -28.11 -8.03
CA PRO B 414 -7.33 -28.93 -8.72
C PRO B 414 -6.37 -28.04 -9.48
N VAL B 415 -5.13 -28.54 -9.66
CA VAL B 415 -4.17 -27.80 -10.49
C VAL B 415 -4.71 -27.58 -11.90
N TYR B 416 -5.35 -28.60 -12.46
CA TYR B 416 -5.89 -28.61 -13.83
C TYR B 416 -7.37 -28.95 -13.82
N ALA B 417 -8.08 -28.46 -14.84
CA ALA B 417 -9.51 -28.73 -14.99
C ALA B 417 -9.74 -30.10 -15.66
N SER B 418 -11.01 -30.49 -15.80
CA SER B 418 -11.30 -31.76 -16.47
C SER B 418 -10.69 -31.79 -17.87
N ASP B 419 -10.83 -30.71 -18.63
CA ASP B 419 -10.12 -30.56 -19.88
C ASP B 419 -8.66 -30.25 -19.60
N GLY B 420 -7.96 -29.64 -20.55
CA GLY B 420 -6.56 -29.33 -20.30
C GLY B 420 -6.34 -28.27 -19.26
N SER B 421 -7.26 -27.32 -19.13
CA SER B 421 -6.97 -25.97 -18.66
C SER B 421 -6.49 -25.96 -17.21
N TRP B 422 -5.93 -24.82 -16.80
CA TRP B 422 -5.62 -24.59 -15.40
C TRP B 422 -6.88 -24.59 -14.53
N GLY B 423 -6.73 -25.11 -13.29
CA GLY B 423 -7.83 -25.11 -12.35
C GLY B 423 -8.01 -23.78 -11.65
N GLY B 424 -9.24 -23.52 -11.20
CA GLY B 424 -9.60 -22.34 -10.45
C GLY B 424 -10.85 -22.62 -9.64
N PRO B 425 -11.41 -21.62 -8.98
CA PRO B 425 -12.63 -21.85 -8.22
C PRO B 425 -13.87 -21.76 -9.11
N VAL B 426 -14.87 -22.58 -8.77
CA VAL B 426 -16.15 -22.60 -9.44
C VAL B 426 -17.23 -22.77 -8.39
N GLY B 427 -18.49 -22.59 -8.82
CA GLY B 427 -19.60 -22.69 -7.90
C GLY B 427 -19.48 -21.78 -6.68
N GLY B 428 -19.22 -22.33 -5.50
CA GLY B 428 -19.19 -21.53 -4.29
C GLY B 428 -17.86 -21.36 -3.57
N TRP B 429 -16.77 -21.34 -4.28
CA TRP B 429 -15.46 -21.33 -3.66
C TRP B 429 -14.83 -19.92 -3.71
N PRO B 430 -13.80 -19.68 -2.91
CA PRO B 430 -13.33 -18.31 -2.71
C PRO B 430 -12.67 -17.70 -3.95
N ASP B 431 -12.48 -16.38 -3.86
CA ASP B 431 -12.07 -15.50 -4.96
C ASP B 431 -10.54 -15.52 -5.13
N ARG B 432 -9.93 -16.69 -5.09
CA ARG B 432 -8.47 -16.80 -5.11
C ARG B 432 -8.01 -17.52 -6.37
N ARG B 433 -6.84 -17.11 -6.85
CA ARG B 433 -6.37 -17.53 -8.16
C ARG B 433 -5.42 -18.73 -8.08
N ASN B 434 -5.11 -19.28 -9.25
CA ASN B 434 -4.27 -20.45 -9.40
C ASN B 434 -2.80 -20.06 -9.26
N PRO B 435 -2.14 -20.49 -8.19
CA PRO B 435 -0.74 -20.06 -7.99
C PRO B 435 0.21 -20.68 -8.98
N ARG B 436 -0.10 -21.87 -9.49
CA ARG B 436 0.75 -22.40 -10.53
C ARG B 436 0.52 -21.68 -11.86
N ALA B 437 -0.72 -21.27 -12.17
CA ALA B 437 -0.96 -20.43 -13.33
C ALA B 437 -0.17 -19.13 -13.26
N VAL B 438 -0.37 -18.34 -12.20
CA VAL B 438 0.23 -17.00 -12.20
C VAL B 438 1.75 -17.11 -12.34
N LEU B 439 2.35 -18.10 -11.69
CA LEU B 439 3.80 -18.29 -11.79
C LEU B 439 4.22 -18.64 -13.22
N GLU B 440 3.41 -19.44 -13.93
CA GLU B 440 3.66 -19.73 -15.34
C GLU B 440 3.48 -18.47 -16.19
N TYR B 441 2.25 -17.90 -16.23
CA TYR B 441 1.93 -16.69 -17.00
C TYR B 441 2.96 -15.57 -16.85
N ASN B 442 3.68 -15.55 -15.73
CA ASN B 442 4.69 -14.54 -15.46
C ASN B 442 6.09 -15.03 -15.82
N LYS B 443 6.22 -16.29 -16.31
CA LYS B 443 7.53 -16.90 -16.56
C LYS B 443 8.34 -16.14 -17.60
N ASP B 444 7.71 -15.31 -18.43
CA ASP B 444 8.38 -14.66 -19.55
C ASP B 444 8.72 -13.21 -19.30
N ASN B 445 8.38 -12.67 -18.12
CA ASN B 445 8.62 -11.26 -17.79
C ASN B 445 10.02 -11.08 -17.22
N ARG B 446 10.98 -11.18 -18.12
CA ARG B 446 12.39 -11.10 -17.77
C ARG B 446 12.92 -9.73 -18.13
N TYR B 447 13.53 -9.07 -17.16
CA TYR B 447 14.32 -7.90 -17.43
C TYR B 447 15.73 -8.37 -17.72
N THR B 448 16.51 -7.53 -18.41
CA THR B 448 17.94 -7.78 -18.49
C THR B 448 18.61 -6.43 -18.27
N TYR B 449 19.72 -6.46 -17.51
CA TYR B 449 20.31 -5.26 -16.89
C TYR B 449 21.79 -5.22 -17.22
N TRP B 450 22.25 -4.12 -17.82
CA TRP B 450 23.64 -3.92 -18.24
C TRP B 450 24.21 -2.73 -17.46
N ARG B 451 25.12 -2.98 -16.51
CA ARG B 451 25.70 -1.93 -15.67
C ARG B 451 27.21 -1.86 -15.86
N MET B 452 27.67 -0.76 -16.43
CA MET B 452 29.09 -0.45 -16.51
C MET B 452 29.49 0.42 -15.33
N PHE B 453 30.61 0.07 -14.71
CA PHE B 453 31.02 0.74 -13.49
C PHE B 453 32.53 0.72 -13.40
N GLY B 454 33.12 1.84 -13.00
CA GLY B 454 34.56 1.95 -12.90
C GLY B 454 34.98 3.40 -12.89
N ASP B 455 36.30 3.61 -12.94
CA ASP B 455 36.83 4.96 -12.79
C ASP B 455 38.09 5.12 -13.64
N ALA B 456 38.67 6.31 -13.58
CA ALA B 456 39.99 6.55 -14.13
C ALA B 456 40.65 7.68 -13.33
N TYR B 457 41.95 7.57 -13.12
CA TYR B 457 42.63 8.55 -12.30
C TYR B 457 44.04 8.84 -12.80
N VAL B 458 44.54 10.01 -12.38
CA VAL B 458 45.90 10.46 -12.61
C VAL B 458 46.43 10.96 -11.27
N ASN B 459 47.70 10.68 -10.99
CA ASN B 459 48.31 10.99 -9.70
C ASN B 459 49.72 11.47 -9.90
N LEU B 460 49.99 12.68 -9.44
CA LEU B 460 51.28 13.32 -9.63
C LEU B 460 51.94 13.56 -8.28
N THR B 461 53.25 13.35 -8.23
CA THR B 461 54.06 13.54 -7.02
C THR B 461 55.12 14.59 -7.33
N PRO B 462 54.73 15.87 -7.39
CA PRO B 462 55.73 16.91 -7.71
C PRO B 462 56.91 16.94 -6.74
N PHE B 463 56.70 16.62 -5.46
CA PHE B 463 57.81 16.44 -4.53
C PHE B 463 57.33 15.65 -3.32
N LYS B 464 58.23 14.83 -2.79
CA LYS B 464 57.96 13.80 -1.77
C LYS B 464 56.96 14.29 -0.74
N GLY B 465 55.85 13.56 -0.60
CA GLY B 465 54.84 13.84 0.40
C GLY B 465 53.66 14.64 -0.09
N PHE B 466 53.80 15.31 -1.23
CA PHE B 466 52.73 16.12 -1.85
C PHE B 466 52.20 15.40 -3.08
N ASN B 467 50.92 15.03 -3.05
CA ASN B 467 50.28 14.36 -4.17
C ASN B 467 49.04 15.12 -4.62
N LEU B 468 48.90 15.22 -5.94
CA LEU B 468 47.73 15.76 -6.62
C LEU B 468 47.12 14.63 -7.44
N ARG B 469 45.95 14.17 -7.08
CA ARG B 469 45.31 13.17 -7.92
C ARG B 469 43.82 13.43 -8.03
N SER B 470 43.27 13.12 -9.19
CA SER B 470 41.84 13.29 -9.42
C SER B 470 41.31 12.05 -10.10
N THR B 471 40.16 11.56 -9.64
CA THR B 471 39.47 10.43 -10.22
C THR B 471 38.29 10.90 -11.07
N PHE B 472 37.81 10.04 -11.97
CA PHE B 472 36.54 10.28 -12.66
C PHE B 472 35.82 8.96 -12.82
N GLY B 473 34.65 8.86 -12.22
CA GLY B 473 33.93 7.61 -12.19
C GLY B 473 32.72 7.63 -13.08
N LEU B 474 32.24 6.45 -13.41
CA LEU B 474 31.13 6.34 -14.32
C LEU B 474 30.32 5.17 -13.81
N ASP B 475 29.04 5.40 -13.57
CA ASP B 475 28.13 4.33 -13.22
C ASP B 475 26.95 4.46 -14.17
N TYR B 476 26.89 3.59 -15.18
CA TYR B 476 25.81 3.63 -16.17
C TYR B 476 25.17 2.27 -16.25
N ALA B 477 23.85 2.22 -16.09
CA ALA B 477 23.09 0.98 -16.26
C ALA B 477 21.93 1.23 -17.19
N ASN B 478 21.58 0.22 -17.98
CA ASN B 478 20.30 0.23 -18.68
C ASN B 478 19.55 -1.07 -18.39
N LYS B 479 18.22 -0.99 -18.41
CA LYS B 479 17.40 -2.15 -18.02
C LYS B 479 16.16 -2.26 -18.91
N GLN B 480 16.27 -3.12 -19.91
CA GLN B 480 15.16 -3.50 -20.78
C GLN B 480 14.32 -4.61 -20.16
N ALA B 481 13.00 -4.54 -20.39
CA ALA B 481 12.15 -5.71 -20.14
C ALA B 481 10.87 -5.63 -20.95
N ARG B 482 10.29 -6.80 -21.22
CA ARG B 482 8.96 -6.90 -21.79
C ARG B 482 8.10 -7.64 -20.78
N TYR B 483 7.03 -6.99 -20.34
CA TYR B 483 6.11 -7.62 -19.41
C TYR B 483 4.85 -8.04 -20.18
N PHE B 484 4.50 -9.34 -20.08
CA PHE B 484 3.44 -9.95 -20.87
C PHE B 484 2.17 -10.17 -20.03
N THR B 485 1.07 -9.63 -20.49
CA THR B 485 -0.26 -9.96 -19.99
C THR B 485 -0.90 -10.99 -20.91
N TYR B 486 -1.14 -12.18 -20.40
CA TYR B 486 -1.92 -13.10 -21.22
C TYR B 486 -3.34 -13.14 -20.70
N PRO B 487 -4.30 -13.59 -21.51
CA PRO B 487 -5.61 -13.89 -20.93
C PRO B 487 -5.58 -15.16 -20.10
N TYR B 488 -6.22 -15.09 -18.94
CA TYR B 488 -6.41 -16.25 -18.10
C TYR B 488 -7.90 -16.43 -17.84
N GLN B 489 -8.23 -17.62 -17.36
CA GLN B 489 -9.59 -18.00 -17.07
C GLN B 489 -9.53 -19.32 -16.31
N GLU B 490 -9.02 -19.26 -15.10
CA GLU B 490 -9.20 -20.32 -14.13
C GLU B 490 -10.53 -20.11 -13.43
N GLY B 491 -11.46 -21.04 -13.61
CA GLY B 491 -12.69 -21.00 -12.82
C GLY B 491 -13.44 -19.70 -13.00
N THR B 492 -13.97 -19.17 -11.89
CA THR B 492 -14.58 -17.85 -11.92
C THR B 492 -13.57 -16.72 -11.99
N GLN B 493 -12.27 -17.01 -11.93
CA GLN B 493 -11.20 -16.02 -11.94
C GLN B 493 -10.84 -15.68 -13.37
N THR B 494 -11.56 -14.73 -13.93
CA THR B 494 -11.39 -14.27 -15.29
C THR B 494 -10.49 -13.04 -15.35
N ASN B 495 -10.27 -12.60 -16.57
CA ASN B 495 -9.37 -11.53 -16.98
C ASN B 495 -10.00 -10.79 -18.15
N ASN B 496 -11.28 -11.04 -18.43
CA ASN B 496 -11.88 -11.01 -19.76
C ASN B 496 -10.92 -11.77 -20.67
N GLY B 497 -10.56 -11.22 -21.83
CA GLY B 497 -9.63 -11.93 -22.65
C GLY B 497 -8.43 -11.06 -22.86
N LYS B 498 -8.06 -10.32 -21.82
CA LYS B 498 -7.03 -9.30 -22.00
C LYS B 498 -5.73 -9.94 -22.46
N SER B 499 -5.15 -9.37 -23.50
CA SER B 499 -3.75 -9.62 -23.79
C SER B 499 -3.10 -8.25 -23.94
N ALA B 500 -1.85 -8.16 -23.53
CA ALA B 500 -1.13 -6.94 -23.81
C ALA B 500 0.33 -7.24 -23.62
N VAL B 501 1.15 -6.29 -24.07
CA VAL B 501 2.57 -6.31 -23.74
C VAL B 501 3.03 -4.89 -23.50
N GLU B 502 3.97 -4.74 -22.58
CA GLU B 502 4.61 -3.47 -22.28
C GLU B 502 6.10 -3.67 -22.39
N ALA B 503 6.74 -2.88 -23.23
CA ALA B 503 8.18 -2.88 -23.39
C ALA B 503 8.74 -1.70 -22.60
N LYS B 504 9.32 -1.98 -21.42
CA LYS B 504 9.90 -0.96 -20.57
C LYS B 504 11.39 -0.86 -20.79
N GLN B 505 11.91 0.37 -20.75
CA GLN B 505 13.33 0.67 -20.79
C GLN B 505 13.70 1.66 -19.73
N GLU B 506 14.83 1.45 -19.06
CA GLU B 506 15.24 2.38 -18.03
C GLU B 506 16.74 2.62 -18.13
N HIS B 507 17.14 3.87 -17.86
CA HIS B 507 18.52 4.33 -17.87
C HIS B 507 18.84 5.00 -16.55
N TRP B 508 19.95 4.61 -15.93
CA TRP B 508 20.59 5.44 -14.92
C TRP B 508 22.01 5.71 -15.37
N THR B 509 22.33 6.99 -15.56
CA THR B 509 23.66 7.43 -15.95
C THR B 509 24.20 8.31 -14.83
N LYS B 510 24.99 7.72 -13.94
CA LYS B 510 25.63 8.45 -12.85
C LYS B 510 27.10 8.68 -13.20
N TRP B 511 27.63 9.85 -12.88
CA TRP B 511 29.06 10.06 -12.96
C TRP B 511 29.50 10.96 -11.81
N MET B 512 30.79 10.87 -11.50
CA MET B 512 31.44 11.59 -10.41
C MET B 512 32.79 12.07 -10.88
N TRP B 513 33.14 13.31 -10.54
CA TRP B 513 34.50 13.81 -10.73
C TRP B 513 34.97 14.45 -9.45
N ASN B 514 36.19 14.13 -9.00
CA ASN B 514 36.78 14.87 -7.91
C ASN B 514 38.25 15.19 -8.20
N ALA B 515 38.86 16.02 -7.35
CA ALA B 515 40.28 16.35 -7.41
C ALA B 515 40.78 16.53 -5.99
N ILE B 516 41.98 16.02 -5.69
CA ILE B 516 42.44 15.98 -4.32
C ILE B 516 43.90 16.40 -4.23
N ALA B 517 44.24 17.17 -3.17
CA ALA B 517 45.60 17.53 -2.80
C ALA B 517 45.92 17.02 -1.40
N THR B 518 47.12 16.46 -1.23
CA THR B 518 47.52 15.89 0.07
C THR B 518 49.01 16.09 0.31
N TYR B 519 49.36 16.77 1.42
CA TYR B 519 50.74 16.85 1.91
C TYR B 519 50.85 16.09 3.23
N GLN B 520 51.67 15.03 3.24
CA GLN B 520 52.03 14.34 4.48
C GLN B 520 53.45 14.74 4.88
N LEU B 521 53.68 14.85 6.19
CA LEU B 521 55.00 15.27 6.68
C LEU B 521 55.30 14.57 7.99
N GLU B 522 56.49 13.96 8.10
CA GLU B 522 56.98 13.40 9.36
C GLU B 522 58.10 14.32 9.88
N VAL B 523 57.78 15.08 10.93
CA VAL B 523 58.73 16.03 11.51
C VAL B 523 59.94 15.30 12.08
N GLY B 524 59.69 14.30 12.91
CA GLY B 524 60.72 13.53 13.58
C GLY B 524 60.09 12.93 14.81
N LYS B 525 59.66 13.80 15.73
CA LYS B 525 58.74 13.38 16.77
C LYS B 525 57.35 13.11 16.18
N HIS B 526 56.86 14.03 15.35
CA HIS B 526 55.45 14.12 14.98
C HIS B 526 55.15 13.45 13.63
N ARG B 527 53.86 13.42 13.29
CA ARG B 527 53.33 13.08 11.97
C ARG B 527 52.06 13.88 11.71
N GLY B 528 51.81 14.20 10.44
CA GLY B 528 50.60 14.93 10.05
C GLY B 528 50.26 14.90 8.57
N ASP B 529 49.00 14.61 8.25
CA ASP B 529 48.49 14.57 6.89
C ASP B 529 47.46 15.66 6.69
N VAL B 530 47.41 16.24 5.50
CA VAL B 530 46.40 17.24 5.17
C VAL B 530 45.81 16.91 3.81
N MET B 531 44.49 17.12 3.68
CA MET B 531 43.82 16.91 2.41
C MET B 531 42.77 17.97 2.18
N ILE B 532 42.71 18.48 0.95
CA ILE B 532 41.64 19.36 0.50
C ILE B 532 41.23 18.92 -0.89
N GLY B 533 40.01 19.28 -1.27
CA GLY B 533 39.54 18.91 -2.58
C GLY B 533 38.07 19.21 -2.76
N MET B 534 37.59 18.83 -3.94
CA MET B 534 36.19 19.04 -4.31
C MET B 534 35.73 17.86 -5.15
N GLU B 535 34.42 17.63 -5.13
CA GLU B 535 33.82 16.51 -5.82
C GLU B 535 32.55 17.00 -6.49
N LEU B 536 32.26 16.44 -7.65
CA LEU B 536 31.06 16.73 -8.40
C LEU B 536 30.34 15.42 -8.63
N ASN B 537 29.02 15.45 -8.53
CA ASN B 537 28.21 14.30 -8.86
C ASN B 537 27.02 14.76 -9.67
N ARG B 538 26.60 13.91 -10.61
CA ARG B 538 25.42 14.17 -11.41
C ARG B 538 24.87 12.81 -11.81
N GLU B 539 23.70 12.50 -11.31
CA GLU B 539 22.88 11.43 -11.83
C GLU B 539 21.90 12.04 -12.80
N ASP B 540 21.73 11.38 -13.95
CA ASP B 540 20.68 11.74 -14.91
C ASP B 540 19.94 10.45 -15.24
N ASP B 541 18.66 10.37 -14.86
CA ASP B 541 17.88 9.17 -15.12
C ASP B 541 16.90 9.43 -16.26
N SER B 542 16.35 8.34 -16.79
CA SER B 542 15.17 8.40 -17.64
C SER B 542 14.57 7.00 -17.71
N HIS B 543 13.34 6.91 -18.24
CA HIS B 543 12.66 5.62 -18.39
C HIS B 543 11.47 5.85 -19.31
N PHE B 544 11.23 4.95 -20.27
CA PHE B 544 10.09 5.10 -21.19
C PHE B 544 9.58 3.72 -21.57
N SER B 545 8.41 3.70 -22.19
CA SER B 545 7.65 2.46 -22.17
C SER B 545 6.52 2.53 -23.20
N GLY B 546 6.33 1.46 -23.97
CA GLY B 546 5.21 1.39 -24.90
C GLY B 546 4.34 0.21 -24.54
N TYR B 547 3.04 0.40 -24.42
CA TYR B 547 2.10 -0.64 -23.99
C TYR B 547 1.05 -0.84 -25.07
N LYS B 548 0.78 -2.09 -25.46
CA LYS B 548 -0.28 -2.32 -26.42
C LYS B 548 -1.06 -3.57 -26.07
N GLU B 549 -2.33 -3.59 -26.46
CA GLU B 549 -3.26 -4.68 -26.17
C GLU B 549 -3.66 -5.45 -27.42
N ASP B 550 -4.20 -6.66 -27.19
CA ASP B 550 -4.79 -7.55 -28.20
C ASP B 550 -3.75 -8.27 -29.05
N PHE B 551 -3.65 -9.60 -28.96
CA PHE B 551 -2.66 -10.37 -29.73
C PHE B 551 -3.24 -11.68 -30.21
N SER B 552 -3.25 -11.86 -31.54
CA SER B 552 -3.82 -13.07 -32.11
C SER B 552 -2.99 -14.30 -31.80
N ILE B 553 -1.76 -14.14 -31.33
CA ILE B 553 -0.91 -15.26 -30.93
C ILE B 553 -0.29 -14.87 -29.60
N LEU B 554 -0.40 -15.72 -28.60
CA LEU B 554 0.02 -15.37 -27.25
C LEU B 554 1.33 -16.08 -26.91
N THR B 555 2.38 -15.65 -27.59
CA THR B 555 3.73 -16.05 -27.27
C THR B 555 4.62 -14.82 -27.18
N PRO B 556 5.73 -14.92 -26.46
CA PRO B 556 6.72 -13.84 -26.51
C PRO B 556 7.25 -13.60 -27.89
N ASP B 557 7.11 -14.56 -28.82
CA ASP B 557 7.53 -14.33 -30.20
C ASP B 557 6.55 -13.43 -30.94
N TYR B 558 5.26 -13.68 -30.83
CA TYR B 558 4.33 -12.81 -31.55
C TYR B 558 4.08 -11.51 -30.83
N MET B 559 4.22 -11.50 -29.50
CA MET B 559 3.68 -10.42 -28.67
C MET B 559 4.70 -9.28 -28.55
N TRP B 560 4.84 -8.56 -29.66
CA TRP B 560 5.54 -7.29 -29.73
C TRP B 560 4.55 -6.17 -29.97
N PRO B 561 4.95 -4.92 -29.74
CA PRO B 561 4.02 -3.80 -29.95
C PRO B 561 3.55 -3.60 -31.39
N ASP B 562 4.30 -4.00 -32.44
CA ASP B 562 3.74 -3.81 -33.78
C ASP B 562 2.65 -4.82 -34.10
N ALA B 563 2.64 -5.97 -33.44
CA ALA B 563 1.64 -7.01 -33.65
C ALA B 563 0.31 -6.74 -32.97
N GLY B 564 0.16 -5.62 -32.26
CA GLY B 564 -1.07 -5.36 -31.53
C GLY B 564 -2.20 -4.89 -32.43
N SER B 565 -3.41 -5.37 -32.13
CA SER B 565 -4.65 -4.89 -32.73
C SER B 565 -5.39 -3.84 -31.90
N GLY B 566 -5.01 -3.66 -30.63
CA GLY B 566 -5.82 -2.95 -29.68
C GLY B 566 -5.31 -1.56 -29.35
N THR B 567 -5.74 -1.06 -28.20
CA THR B 567 -5.37 0.28 -27.80
C THR B 567 -3.94 0.30 -27.27
N ALA B 568 -3.28 1.45 -27.38
CA ALA B 568 -1.95 1.62 -26.84
C ALA B 568 -1.94 2.78 -25.89
N GLN B 569 -0.83 2.86 -25.16
CA GLN B 569 -0.49 3.90 -24.19
C GLN B 569 1.02 4.07 -24.22
N ALA B 570 1.49 5.30 -24.11
CA ALA B 570 2.91 5.57 -23.93
C ALA B 570 3.18 6.23 -22.58
N TYR B 571 4.35 5.91 -22.00
CA TYR B 571 4.77 6.44 -20.71
C TYR B 571 6.27 6.74 -20.69
N GLY B 572 6.67 7.69 -19.84
CA GLY B 572 8.08 8.00 -19.67
C GLY B 572 8.38 9.39 -19.12
N ALA B 573 9.33 9.47 -18.20
CA ALA B 573 9.76 10.75 -17.64
C ALA B 573 11.26 10.67 -17.37
N GLY B 574 11.83 11.77 -16.89
CA GLY B 574 13.22 11.77 -16.47
C GLY B 574 13.40 12.70 -15.28
N GLU B 575 14.54 12.55 -14.61
CA GLU B 575 14.83 13.37 -13.44
C GLU B 575 16.33 13.24 -13.16
N GLY B 576 16.82 14.08 -12.26
CA GLY B 576 18.22 13.95 -11.86
C GLY B 576 18.59 14.89 -10.73
N TYR B 577 19.87 14.89 -10.40
CA TYR B 577 20.36 15.80 -9.38
C TYR B 577 21.88 15.93 -9.48
N SER B 578 22.39 17.12 -9.22
CA SER B 578 23.82 17.35 -9.25
C SER B 578 24.30 17.69 -7.85
N LEU B 579 25.54 17.31 -7.54
CA LEU B 579 26.09 17.44 -6.20
C LEU B 579 27.46 18.12 -6.27
N VAL B 580 27.66 19.13 -5.42
CA VAL B 580 28.94 19.79 -5.28
C VAL B 580 29.37 19.68 -3.82
N SER B 581 30.68 19.54 -3.60
CA SER B 581 31.15 19.15 -2.27
C SER B 581 32.62 19.54 -2.16
N PHE B 582 32.89 20.63 -1.43
CA PHE B 582 34.23 21.05 -1.05
C PHE B 582 34.59 20.47 0.31
N PHE B 583 35.76 19.89 0.43
CA PHE B 583 36.08 19.20 1.66
C PHE B 583 37.55 19.40 2.02
N GLY B 584 37.81 19.29 3.33
CA GLY B 584 39.17 19.13 3.82
C GLY B 584 39.16 18.21 5.01
N LYS B 585 40.29 17.54 5.26
CA LYS B 585 40.48 16.75 6.47
C LYS B 585 41.96 16.67 6.80
N MET B 586 42.28 16.78 8.09
CA MET B 586 43.64 16.96 8.57
C MET B 586 43.91 16.04 9.75
N ASN B 587 45.11 15.45 9.79
CA ASN B 587 45.51 14.44 10.76
C ASN B 587 46.75 14.87 11.54
N TYR B 588 47.04 14.12 12.62
CA TYR B 588 48.23 14.37 13.44
C TYR B 588 48.42 13.21 14.43
N SER B 589 49.68 13.00 14.82
CA SER B 589 50.05 12.02 15.83
C SER B 589 51.33 12.49 16.51
N TYR B 590 51.29 12.71 17.84
CA TYR B 590 52.50 13.16 18.52
C TYR B 590 53.63 12.17 18.31
N ALA B 591 53.50 10.96 18.82
CA ALA B 591 54.57 9.98 18.68
C ALA B 591 54.01 8.58 18.85
N ASP B 592 53.13 8.18 17.94
CA ASP B 592 52.37 6.93 18.04
C ASP B 592 51.57 6.86 19.34
N ARG B 593 51.65 7.90 20.15
CA ARG B 593 50.97 7.93 21.44
C ARG B 593 49.63 8.66 21.36
N TYR B 594 49.59 9.83 20.73
CA TYR B 594 48.41 10.69 20.75
C TYR B 594 48.06 11.09 19.32
N LEU B 595 46.85 10.73 18.88
CA LEU B 595 46.39 10.86 17.51
C LEU B 595 45.21 11.82 17.42
N LEU B 596 45.30 12.83 16.54
CA LEU B 596 44.18 13.73 16.27
C LEU B 596 43.73 13.63 14.81
N SER B 597 42.48 14.00 14.55
CA SER B 597 41.98 14.16 13.19
C SER B 597 40.76 15.07 13.15
N LEU B 598 40.72 15.93 12.13
CA LEU B 598 39.65 16.90 11.91
C LEU B 598 39.23 16.89 10.45
N THR B 599 37.93 17.02 10.22
CA THR B 599 37.38 17.11 8.89
C THR B 599 36.33 18.21 8.81
N LEU B 600 36.33 18.94 7.69
CA LEU B 600 35.37 20.02 7.47
C LEU B 600 34.81 19.92 6.05
N ARG B 601 33.48 19.79 5.95
CA ARG B 601 32.81 19.68 4.66
C ARG B 601 31.97 20.92 4.38
N ARG B 602 31.81 21.21 3.09
CA ARG B 602 30.77 22.13 2.62
C ARG B 602 30.13 21.48 1.40
N ASP B 603 28.91 20.97 1.58
CA ASP B 603 28.20 20.19 0.59
C ASP B 603 26.99 20.95 0.10
N GLY B 604 26.88 21.07 -1.23
CA GLY B 604 25.73 21.64 -1.87
C GLY B 604 24.97 20.59 -2.68
N SER B 605 23.78 20.96 -3.11
CA SER B 605 22.91 19.98 -3.77
C SER B 605 21.85 20.65 -4.61
N SER B 606 21.59 20.01 -5.76
CA SER B 606 20.56 20.40 -6.71
C SER B 606 19.17 20.39 -6.09
N ARG B 607 18.94 19.62 -5.03
CA ARG B 607 17.59 19.42 -4.50
C ARG B 607 17.05 20.65 -3.78
N PHE B 608 17.92 21.57 -3.39
CA PHE B 608 17.58 22.72 -2.56
C PHE B 608 17.65 24.01 -3.39
N GLY B 609 16.92 25.04 -2.91
CA GLY B 609 17.05 26.34 -3.50
C GLY B 609 18.34 27.05 -3.08
N LYS B 610 18.63 28.14 -3.81
CA LYS B 610 19.90 28.85 -3.70
C LYS B 610 20.20 29.28 -2.27
N ASN B 611 19.16 29.37 -1.44
CA ASN B 611 19.25 29.94 -0.10
C ASN B 611 19.59 28.90 0.95
N HIS B 612 19.45 27.60 0.64
CA HIS B 612 19.85 26.57 1.58
C HIS B 612 20.75 25.51 0.96
N ARG B 613 21.29 25.74 -0.24
CA ARG B 613 22.05 24.72 -0.98
C ARG B 613 23.18 24.08 -0.19
N TYR B 614 23.97 24.89 0.48
CA TYR B 614 25.22 24.45 1.09
C TYR B 614 25.12 24.51 2.59
N ALA B 615 25.38 23.39 3.25
CA ALA B 615 25.56 23.35 4.69
C ALA B 615 27.01 23.02 5.01
N THR B 616 27.39 23.15 6.26
CA THR B 616 28.79 22.98 6.64
C THR B 616 28.89 21.95 7.76
N PHE B 617 29.57 20.85 7.47
CA PHE B 617 29.56 19.68 8.37
C PHE B 617 30.96 19.35 8.85
N PRO B 618 31.32 19.81 10.04
CA PRO B 618 32.64 19.53 10.59
C PRO B 618 32.62 18.32 11.50
N SER B 619 33.79 17.70 11.66
CA SER B 619 33.91 16.53 12.53
C SER B 619 35.29 16.54 13.19
N VAL B 620 35.35 16.00 14.42
CA VAL B 620 36.58 15.89 15.18
C VAL B 620 36.70 14.48 15.70
N SER B 621 37.93 14.02 15.90
CA SER B 621 38.16 12.71 16.51
C SER B 621 39.52 12.71 17.18
N LEU B 622 39.64 11.88 18.22
CA LEU B 622 40.88 11.78 19.01
C LEU B 622 41.26 10.32 19.20
N GLY B 623 42.47 10.12 19.72
CA GLY B 623 43.00 8.80 19.95
C GLY B 623 44.25 8.81 20.82
N TRP B 624 44.33 7.86 21.74
CA TRP B 624 45.43 7.79 22.70
C TRP B 624 45.86 6.34 22.76
N ARG B 625 47.04 6.03 22.23
CA ARG B 625 47.55 4.66 22.29
C ARG B 625 48.29 4.50 23.61
N ILE B 626 47.52 4.13 24.64
CA ILE B 626 47.96 4.05 26.04
C ILE B 626 49.12 3.09 26.21
N THR B 627 49.34 2.20 25.25
CA THR B 627 50.41 1.23 25.38
C THR B 627 51.78 1.81 25.05
N GLN B 628 51.83 2.79 24.15
CA GLN B 628 53.11 3.42 23.85
C GLN B 628 53.52 4.41 24.94
N GLU B 629 52.57 4.96 25.70
CA GLU B 629 52.87 5.62 26.96
C GLU B 629 53.61 4.66 27.88
N ASN B 630 54.95 4.68 27.83
CA ASN B 630 55.75 3.70 28.55
C ASN B 630 55.63 3.87 30.07
N PHE B 631 54.62 4.63 30.49
CA PHE B 631 54.04 4.45 31.81
C PHE B 631 53.40 3.08 31.97
N MET B 632 53.27 2.34 30.87
CA MET B 632 52.90 0.93 30.88
C MET B 632 54.07 0.06 30.41
N LYS B 633 55.27 0.45 30.82
CA LYS B 633 56.41 -0.46 30.80
C LYS B 633 56.00 -1.82 31.32
N GLU B 634 55.40 -1.85 32.53
CA GLU B 634 55.08 -3.09 33.24
C GLU B 634 54.34 -4.09 32.37
N LEU B 635 53.15 -3.72 31.90
CA LEU B 635 52.19 -4.70 31.41
C LEU B 635 52.66 -5.30 30.08
N THR B 636 53.04 -6.58 30.12
CA THR B 636 53.49 -7.33 28.95
C THR B 636 52.39 -8.20 28.32
N TRP B 637 51.42 -8.61 29.11
CA TRP B 637 50.27 -9.39 28.66
C TRP B 637 49.39 -8.65 27.67
N LEU B 638 49.71 -7.40 27.32
CA LEU B 638 48.81 -6.54 26.57
C LEU B 638 49.61 -5.78 25.50
N ASP B 639 49.36 -6.11 24.22
CA ASP B 639 50.14 -5.54 23.12
C ASP B 639 49.66 -4.14 22.72
N ASP B 640 48.37 -3.99 22.42
CA ASP B 640 47.81 -2.71 22.03
C ASP B 640 46.69 -2.36 23.00
N LEU B 641 46.42 -1.06 23.16
CA LEU B 641 45.23 -0.59 23.83
C LEU B 641 45.10 0.90 23.52
N LYS B 642 43.94 1.31 23.03
CA LYS B 642 43.79 2.54 22.25
C LYS B 642 42.40 3.08 22.56
N LEU B 643 42.32 4.34 22.96
CA LEU B 643 41.05 4.97 23.33
C LEU B 643 40.75 6.09 22.33
N ARG B 644 39.58 6.01 21.67
CA ARG B 644 39.20 6.99 20.65
C ARG B 644 37.81 7.54 20.93
N ALA B 645 37.59 8.78 20.49
CA ALA B 645 36.35 9.51 20.72
C ALA B 645 36.01 10.35 19.51
N SER B 646 34.76 10.30 19.05
CA SER B 646 34.34 11.00 17.84
C SER B 646 33.26 12.02 18.14
N TRP B 647 33.33 13.17 17.47
CA TRP B 647 32.14 13.98 17.25
C TRP B 647 32.17 14.49 15.83
N GLY B 648 31.05 14.34 15.13
CA GLY B 648 30.94 14.82 13.77
C GLY B 648 29.51 14.97 13.34
N GLN B 649 29.33 15.73 12.27
CA GLN B 649 28.04 15.88 11.61
C GLN B 649 28.19 15.44 10.16
N THR B 650 27.16 14.75 9.66
CA THR B 650 27.11 14.29 8.28
C THR B 650 25.80 14.77 7.66
N GLY B 651 25.90 15.47 6.53
CA GLY B 651 24.71 15.98 5.88
C GLY B 651 23.90 14.87 5.24
N ASN B 652 22.59 15.11 5.15
CA ASN B 652 21.67 14.25 4.44
C ASN B 652 20.80 15.09 3.52
N GLN B 653 20.86 14.80 2.21
CA GLN B 653 19.97 15.41 1.22
C GLN B 653 19.23 14.35 0.41
N GLU B 654 19.22 13.09 0.86
CA GLU B 654 18.64 11.99 0.10
C GLU B 654 17.11 12.09 0.09
N ILE B 655 16.59 12.99 -0.76
CA ILE B 655 15.16 13.25 -0.91
C ILE B 655 14.78 13.37 -2.39
N SER B 656 13.47 13.38 -2.64
CA SER B 656 12.91 13.50 -4.00
C SER B 656 13.57 14.59 -4.83
N ASN B 657 13.90 14.27 -6.07
CA ASN B 657 14.36 15.30 -6.97
C ASN B 657 13.34 16.42 -7.19
N LEU B 658 12.13 16.29 -6.66
CA LEU B 658 11.11 17.33 -6.85
C LEU B 658 10.60 17.90 -5.53
N ALA B 659 11.35 17.74 -4.44
CA ALA B 659 10.87 18.09 -3.10
C ALA B 659 10.62 19.59 -2.95
N ARG B 660 11.58 20.41 -3.39
CA ARG B 660 11.44 21.86 -3.42
C ARG B 660 10.11 22.35 -3.98
N TYR B 661 9.55 21.67 -4.99
CA TYR B 661 8.62 22.25 -5.95
C TYR B 661 7.16 22.02 -5.58
N THR B 662 6.29 22.83 -6.19
CA THR B 662 4.86 22.58 -6.20
C THR B 662 4.55 21.88 -7.52
N ILE B 663 4.14 20.62 -7.46
CA ILE B 663 4.07 19.76 -8.63
C ILE B 663 2.65 19.70 -9.14
N TYR B 664 2.40 20.29 -10.31
CA TYR B 664 1.18 20.08 -11.05
C TYR B 664 1.52 19.21 -12.27
N ALA B 665 1.01 17.95 -12.27
CA ALA B 665 1.16 16.97 -13.31
C ALA B 665 -0.10 16.92 -14.14
N PRO B 666 -0.01 16.61 -15.47
CA PRO B 666 -1.24 16.59 -16.28
C PRO B 666 -2.00 15.28 -16.17
N ASN B 667 -1.33 14.17 -15.79
CA ASN B 667 -1.96 12.90 -15.45
C ASN B 667 -3.33 12.68 -16.11
N TYR B 668 -3.33 12.32 -17.41
CA TYR B 668 -4.60 12.18 -18.15
C TYR B 668 -5.47 11.10 -17.54
N GLY B 669 -4.86 10.01 -17.08
CA GLY B 669 -5.62 8.86 -16.63
C GLY B 669 -5.16 7.58 -17.28
N THR B 670 -4.07 7.68 -18.06
CA THR B 670 -3.56 6.64 -18.97
C THR B 670 -2.92 5.47 -18.25
N THR B 671 -2.82 5.49 -16.93
CA THR B 671 -2.10 4.47 -16.20
C THR B 671 -3.07 3.58 -15.43
N ASP B 672 -2.70 2.31 -15.32
CA ASP B 672 -3.47 1.37 -14.52
C ASP B 672 -3.58 1.83 -13.06
N SER B 673 -4.72 1.50 -12.47
CA SER B 673 -5.23 1.94 -11.18
C SER B 673 -6.14 0.86 -10.65
N PHE B 674 -6.24 0.74 -9.35
CA PHE B 674 -6.94 -0.40 -8.76
C PHE B 674 -8.24 0.01 -8.10
N GLY B 675 -9.32 -0.61 -8.53
CA GLY B 675 -10.61 -0.24 -8.00
C GLY B 675 -11.05 1.16 -8.34
N GLY B 676 -10.35 1.85 -9.24
CA GLY B 676 -10.70 3.21 -9.60
C GLY B 676 -9.63 4.20 -9.17
N GLN B 677 -10.00 5.42 -8.83
CA GLN B 677 -9.06 6.37 -8.21
C GLN B 677 -7.73 6.43 -8.97
N SER B 678 -7.83 6.73 -10.26
CA SER B 678 -6.64 7.08 -11.04
C SER B 678 -6.23 8.53 -10.83
N TYR B 679 -7.11 9.32 -10.21
CA TYR B 679 -7.02 10.78 -10.10
C TYR B 679 -6.58 11.38 -11.43
N GLY B 680 -7.31 11.06 -12.45
CA GLY B 680 -6.99 11.59 -13.74
C GLY B 680 -7.66 12.92 -14.00
N THR B 681 -7.05 13.71 -14.89
CA THR B 681 -7.60 15.02 -15.18
C THR B 681 -8.51 15.04 -16.41
N ALA B 682 -8.56 13.96 -17.19
CA ALA B 682 -9.42 13.95 -18.36
C ALA B 682 -10.88 13.76 -17.96
N TYR B 683 -11.79 14.38 -18.71
CA TYR B 683 -13.21 14.19 -18.45
C TYR B 683 -14.03 14.47 -19.72
N ASP B 684 -15.01 13.61 -19.94
CA ASP B 684 -16.03 13.79 -20.98
C ASP B 684 -16.93 14.98 -20.64
N ILE B 685 -16.43 16.19 -20.83
CA ILE B 685 -17.24 17.35 -20.50
C ILE B 685 -18.40 17.51 -21.47
N THR B 686 -18.37 16.84 -22.61
CA THR B 686 -19.41 16.95 -23.63
C THR B 686 -20.53 15.91 -23.53
N GLY B 687 -20.42 14.91 -22.66
CA GLY B 687 -21.49 13.92 -22.55
C GLY B 687 -21.42 12.86 -23.62
N SER B 688 -20.29 12.79 -24.32
CA SER B 688 -20.07 11.94 -25.48
C SER B 688 -20.24 10.47 -25.17
N ASN B 689 -19.79 10.05 -24.00
CA ASN B 689 -19.51 8.67 -23.60
C ASN B 689 -18.16 8.24 -24.13
N GLY B 690 -17.41 9.17 -24.71
CA GLY B 690 -16.04 8.90 -25.06
C GLY B 690 -15.89 8.81 -26.55
N GLY B 691 -15.20 7.77 -27.00
CA GLY B 691 -14.92 7.58 -28.41
C GLY B 691 -14.14 8.74 -28.96
N GLY B 692 -12.88 8.81 -28.60
CA GLY B 692 -12.06 9.94 -28.94
C GLY B 692 -11.34 10.46 -27.73
N VAL B 693 -10.57 11.50 -27.94
CA VAL B 693 -9.69 12.01 -26.91
C VAL B 693 -10.49 13.05 -26.12
N LEU B 694 -10.38 12.97 -24.79
CA LEU B 694 -11.11 13.87 -23.90
C LEU B 694 -10.26 15.08 -23.55
N PRO B 695 -10.91 16.18 -23.17
CA PRO B 695 -10.18 17.32 -22.61
C PRO B 695 -9.69 16.97 -21.21
N SER B 696 -8.55 17.56 -20.84
CA SER B 696 -7.83 17.16 -19.64
C SER B 696 -7.26 18.41 -18.97
N GLY B 697 -6.38 18.20 -17.98
CA GLY B 697 -5.76 19.34 -17.34
C GLY B 697 -4.58 18.99 -16.45
N PHE B 698 -4.67 19.37 -15.18
CA PHE B 698 -3.54 19.24 -14.26
C PHE B 698 -4.06 18.96 -12.86
N LYS B 699 -3.46 18.03 -12.17
CA LYS B 699 -3.71 17.80 -10.75
C LYS B 699 -2.47 18.21 -9.99
N ARG B 700 -2.64 18.50 -8.70
CA ARG B 700 -1.52 18.86 -7.86
C ARG B 700 -0.96 17.61 -7.18
N ASN B 701 0.36 17.44 -7.27
CA ASN B 701 1.03 16.29 -6.69
C ASN B 701 1.73 16.60 -5.39
N GLN B 702 1.94 17.87 -5.07
CA GLN B 702 2.76 18.25 -3.92
C GLN B 702 2.58 19.75 -3.73
N ILE B 703 3.23 20.30 -2.70
CA ILE B 703 3.26 21.75 -2.48
C ILE B 703 4.69 22.15 -2.15
N GLY B 704 5.11 23.31 -2.63
CA GLY B 704 6.51 23.68 -2.52
C GLY B 704 6.95 23.93 -1.10
N ASN B 705 8.27 23.95 -0.92
CA ASN B 705 8.89 24.50 0.29
C ASN B 705 10.16 25.21 -0.14
N ASP B 706 10.10 26.53 -0.19
CA ASP B 706 11.28 27.27 -0.62
C ASP B 706 12.46 27.01 0.30
N ASN B 707 12.19 26.63 1.56
CA ASN B 707 13.17 26.69 2.64
C ASN B 707 13.69 25.32 3.08
N ILE B 708 13.54 24.27 2.27
CA ILE B 708 14.18 23.01 2.64
C ILE B 708 15.69 23.22 2.67
N LYS B 709 16.31 22.71 3.71
CA LYS B 709 17.76 22.77 3.91
C LYS B 709 18.21 21.35 4.09
N TRP B 710 19.49 21.17 4.42
CA TRP B 710 19.98 19.83 4.72
C TRP B 710 19.31 19.32 5.99
N GLU B 711 19.33 18.02 6.17
CA GLU B 711 19.09 17.42 7.46
C GLU B 711 20.49 17.10 7.97
N THR B 712 20.66 17.04 9.28
CA THR B 712 21.97 16.81 9.86
C THR B 712 21.89 15.67 10.84
N THR B 713 22.57 14.56 10.53
CA THR B 713 22.92 13.57 11.55
C THR B 713 24.21 13.98 12.25
N THR B 714 24.16 14.04 13.56
CA THR B 714 25.31 14.24 14.42
C THR B 714 25.55 12.94 15.17
N GLN B 715 26.79 12.44 15.14
CA GLN B 715 27.10 11.17 15.78
C GLN B 715 28.25 11.35 16.74
N THR B 716 28.05 10.95 17.99
CA THR B 716 29.10 10.97 18.97
C THR B 716 29.41 9.55 19.41
N ASN B 717 30.69 9.22 19.40
CA ASN B 717 31.12 7.83 19.46
C ASN B 717 32.35 7.77 20.33
N VAL B 718 32.35 6.81 21.24
CA VAL B 718 33.51 6.56 22.09
C VAL B 718 33.81 5.08 21.92
N GLY B 719 35.10 4.72 22.02
CA GLY B 719 35.47 3.33 21.84
C GLY B 719 36.90 3.03 22.27
N ILE B 720 37.14 1.74 22.54
CA ILE B 720 38.46 1.23 22.91
C ILE B 720 38.79 -0.01 22.08
N ASP B 721 40.03 -0.06 21.57
CA ASP B 721 40.63 -1.21 20.91
C ASP B 721 41.54 -1.92 21.90
N PHE B 722 41.85 -3.20 21.64
CA PHE B 722 42.76 -3.92 22.52
C PHE B 722 43.33 -5.16 21.82
N SER B 723 44.45 -5.65 22.38
CA SER B 723 45.18 -6.78 21.80
C SER B 723 46.05 -7.41 22.89
N LEU B 724 45.73 -8.63 23.31
CA LEU B 724 46.32 -9.25 24.49
C LEU B 724 47.36 -10.29 24.06
N PHE B 725 47.36 -11.49 24.66
CA PHE B 725 48.55 -12.34 24.76
C PHE B 725 49.02 -12.75 23.37
N LYS B 726 50.28 -12.45 23.06
CA LYS B 726 50.90 -12.79 21.78
C LYS B 726 50.17 -12.16 20.60
N GLN B 727 49.20 -11.27 20.87
CA GLN B 727 48.20 -10.75 19.95
C GLN B 727 47.16 -11.81 19.53
N SER B 728 46.97 -12.84 20.36
CA SER B 728 45.69 -13.54 20.47
C SER B 728 44.70 -12.63 21.20
N LEU B 729 43.43 -13.05 21.29
CA LEU B 729 42.45 -12.25 22.03
C LEU B 729 42.44 -10.76 21.67
N TYR B 730 41.84 -10.44 20.53
CA TYR B 730 41.73 -9.09 20.00
C TYR B 730 40.25 -8.67 19.93
N GLY B 731 40.03 -7.36 19.82
CA GLY B 731 38.69 -6.86 19.72
C GLY B 731 38.62 -5.36 19.95
N SER B 732 37.38 -4.89 20.15
CA SER B 732 37.05 -3.48 20.26
C SER B 732 35.59 -3.32 20.63
N LEU B 733 35.31 -2.28 21.43
CA LEU B 733 33.95 -1.90 21.78
C LEU B 733 33.73 -0.42 21.49
N GLU B 734 32.48 -0.06 21.19
CA GLU B 734 32.06 1.27 20.80
C GLU B 734 30.68 1.61 21.34
N TYR B 735 30.50 2.88 21.74
CA TYR B 735 29.23 3.44 22.18
C TYR B 735 28.93 4.70 21.40
N TYR B 736 27.76 4.76 20.77
CA TYR B 736 27.41 5.90 19.94
C TYR B 736 26.17 6.60 20.49
N TYR B 737 26.05 7.87 20.08
CA TYR B 737 24.81 8.63 20.20
C TYR B 737 24.62 9.29 18.84
N LYS B 738 23.80 8.66 17.99
CA LYS B 738 23.51 9.11 16.63
C LYS B 738 22.22 9.93 16.69
N LYS B 739 22.25 11.16 16.21
CA LYS B 739 21.05 11.99 16.25
C LYS B 739 20.89 12.71 14.93
N ALA B 740 19.75 12.50 14.28
CA ALA B 740 19.38 13.24 13.09
C ALA B 740 18.42 14.36 13.48
N THR B 741 18.73 15.58 13.04
CA THR B 741 17.92 16.74 13.33
C THR B 741 17.60 17.49 12.05
N ASP B 742 16.52 18.27 12.08
CA ASP B 742 15.99 18.95 10.90
C ASP B 742 15.64 17.94 9.80
N ILE B 743 15.30 16.73 10.26
CA ILE B 743 15.01 15.60 9.40
C ILE B 743 14.12 16.03 8.24
N LEU B 744 14.55 15.62 7.03
CA LEU B 744 13.78 15.86 5.82
C LEU B 744 12.68 14.84 5.76
N THR B 745 11.45 15.31 5.60
CA THR B 745 10.27 14.50 5.89
C THR B 745 9.17 14.77 4.90
N GLU B 746 8.66 13.70 4.29
CA GLU B 746 7.52 13.82 3.40
C GLU B 746 6.31 14.02 4.30
N MET B 747 5.88 15.26 4.42
CA MET B 747 4.87 15.64 5.40
C MET B 747 3.51 15.63 4.74
N ALA B 748 2.71 14.61 5.10
CA ALA B 748 1.34 14.51 4.58
C ALA B 748 0.61 15.84 4.75
N GLY B 749 -0.40 16.05 3.93
CA GLY B 749 -1.19 17.26 4.03
C GLY B 749 -2.30 17.19 5.06
N VAL B 750 -2.92 18.32 5.30
CA VAL B 750 -4.11 18.37 6.14
C VAL B 750 -5.30 17.90 5.32
N GLY B 751 -6.25 17.24 5.97
CA GLY B 751 -7.36 16.66 5.25
C GLY B 751 -8.09 17.67 4.37
N VAL B 752 -8.41 18.83 4.94
CA VAL B 752 -9.19 19.80 4.17
C VAL B 752 -8.38 20.49 3.08
N LEU B 753 -7.04 20.42 3.18
CA LEU B 753 -6.18 20.80 2.05
C LEU B 753 -6.47 19.93 0.82
N GLY B 754 -6.58 18.62 1.03
CA GLY B 754 -7.04 17.75 -0.03
C GLY B 754 -5.91 17.24 -0.89
N GLU B 755 -6.11 17.31 -2.21
CA GLU B 755 -5.24 16.68 -3.21
C GLU B 755 -3.86 17.33 -3.28
N GLY B 756 -2.85 16.51 -3.14
CA GLY B 756 -1.50 16.97 -3.36
C GLY B 756 -1.09 18.02 -2.37
N GLY B 757 -1.41 17.80 -1.09
CA GLY B 757 -0.96 18.63 -0.01
C GLY B 757 0.33 18.21 0.63
N SER B 758 0.81 17.00 0.33
CA SER B 758 2.16 16.59 0.73
C SER B 758 3.13 17.73 0.47
N ARG B 759 4.13 17.87 1.35
CA ARG B 759 5.26 18.72 1.04
C ARG B 759 6.45 18.27 1.86
N TRP B 760 7.63 18.60 1.36
CA TRP B 760 8.85 18.30 2.11
C TRP B 760 9.14 19.42 3.09
N ILE B 761 9.62 19.05 4.27
CA ILE B 761 9.88 20.04 5.31
C ILE B 761 10.94 19.44 6.20
N ASN B 762 11.71 20.30 6.87
CA ASN B 762 12.65 19.87 7.88
C ASN B 762 11.95 19.98 9.24
N SER B 763 11.00 19.09 9.47
CA SER B 763 10.42 18.95 10.80
C SER B 763 10.57 17.50 11.22
N GLY B 764 11.41 17.25 12.20
CA GLY B 764 11.49 15.94 12.81
C GLY B 764 12.90 15.65 13.28
N ALA B 765 13.01 14.69 14.20
CA ALA B 765 14.31 14.30 14.71
C ALA B 765 14.25 12.93 15.37
N MET B 766 15.38 12.23 15.33
CA MET B 766 15.47 10.85 15.79
C MET B 766 16.88 10.58 16.28
N LYS B 767 16.98 9.68 17.25
CA LYS B 767 18.24 9.35 17.88
C LYS B 767 18.42 7.86 17.88
N ASN B 768 19.63 7.43 18.22
CA ASN B 768 20.04 6.04 18.05
C ASN B 768 21.28 5.82 18.90
N GLN B 769 21.12 5.25 20.09
CA GLN B 769 22.29 4.95 20.90
C GLN B 769 22.46 3.45 20.98
N GLY B 770 23.69 3.01 21.24
CA GLY B 770 23.90 1.57 21.36
C GLY B 770 25.33 1.22 21.70
N PHE B 771 25.63 -0.07 21.60
CA PHE B 771 26.94 -0.62 21.88
C PHE B 771 27.30 -1.64 20.78
N GLU B 772 28.55 -1.61 20.32
CA GLU B 772 29.03 -2.55 19.31
C GLU B 772 30.33 -3.18 19.76
N PHE B 773 30.35 -4.52 19.78
CA PHE B 773 31.43 -5.30 20.38
C PHE B 773 31.79 -6.44 19.43
N ASN B 774 33.05 -6.48 19.00
CA ASN B 774 33.62 -7.59 18.25
C ASN B 774 34.88 -8.07 18.97
N LEU B 775 35.06 -9.39 19.04
CA LEU B 775 36.11 -10.00 19.87
C LEU B 775 36.37 -11.41 19.40
N GLY B 776 37.64 -11.72 19.14
CA GLY B 776 38.00 -13.01 18.58
C GLY B 776 39.30 -13.54 19.17
N TYR B 777 39.41 -14.87 19.16
CA TYR B 777 40.55 -15.57 19.74
C TYR B 777 41.24 -16.44 18.69
N ARG B 778 42.54 -16.25 18.55
CA ARG B 778 43.40 -17.06 17.69
C ARG B 778 44.29 -17.92 18.59
N ASN B 779 44.63 -19.13 18.11
CA ASN B 779 45.75 -19.89 18.66
C ASN B 779 45.86 -21.27 18.02
N LYS B 780 47.08 -21.77 17.89
CA LYS B 780 47.32 -23.14 17.46
C LYS B 780 47.33 -24.06 18.69
N THR B 781 47.08 -25.35 18.47
CA THR B 781 47.35 -26.34 19.49
C THR B 781 48.40 -27.32 19.00
N ALA B 782 49.14 -27.88 19.96
CA ALA B 782 50.36 -28.62 19.65
C ALA B 782 50.11 -29.95 18.94
N PHE B 783 48.85 -30.36 18.78
CA PHE B 783 48.54 -31.59 18.04
C PHE B 783 48.05 -31.32 16.62
N GLY B 784 48.39 -30.17 16.04
CA GLY B 784 48.12 -29.88 14.65
C GLY B 784 46.87 -29.05 14.40
N LEU B 785 45.93 -29.02 15.34
CA LEU B 785 44.67 -28.32 15.13
C LEU B 785 44.82 -26.82 15.39
N THR B 786 44.33 -26.02 14.45
CA THR B 786 44.26 -24.57 14.60
C THR B 786 42.80 -24.14 14.76
N TYR B 787 42.55 -23.25 15.70
CA TYR B 787 41.19 -22.83 15.98
C TYR B 787 41.14 -21.31 16.16
N ASP B 788 40.23 -20.67 15.43
CA ASP B 788 40.15 -19.23 15.31
C ASP B 788 38.69 -18.82 15.50
N LEU B 789 38.43 -17.93 16.46
CA LEU B 789 37.07 -17.49 16.77
C LEU B 789 36.92 -16.00 16.46
N ASN B 790 35.69 -15.58 16.15
CA ASN B 790 35.37 -14.20 15.76
C ASN B 790 33.89 -13.97 16.03
N GLY B 791 33.56 -13.64 17.28
CA GLY B 791 32.21 -13.24 17.62
C GLY B 791 32.04 -11.75 17.51
N ASN B 792 30.77 -11.32 17.52
CA ASN B 792 30.47 -9.89 17.65
C ASN B 792 29.04 -9.76 18.11
N ILE B 793 28.79 -8.78 18.99
CA ILE B 793 27.46 -8.55 19.54
C ILE B 793 27.20 -7.05 19.60
N SER B 794 26.13 -6.61 18.96
CA SER B 794 25.63 -5.24 19.01
C SER B 794 24.37 -5.20 19.84
N THR B 795 24.02 -3.98 20.29
CA THR B 795 22.67 -3.66 20.73
C THR B 795 22.45 -2.18 20.44
N TYR B 796 21.21 -1.73 20.56
CA TYR B 796 20.94 -0.33 20.29
C TYR B 796 19.49 -0.02 20.69
N ARG B 797 19.22 1.25 21.01
CA ARG B 797 17.87 1.74 21.19
C ARG B 797 17.63 2.88 20.21
N ASN B 798 16.44 2.90 19.62
CA ASN B 798 16.04 3.90 18.64
C ASN B 798 14.81 4.62 19.16
N GLU B 799 14.85 5.95 19.16
CA GLU B 799 13.72 6.74 19.64
C GLU B 799 13.46 7.95 18.77
N ILE B 800 12.18 8.19 18.49
CA ILE B 800 11.75 9.35 17.71
C ILE B 800 11.54 10.50 18.68
N LEU B 801 12.21 11.62 18.41
CA LEU B 801 12.11 12.75 19.31
C LEU B 801 10.92 13.61 18.85
N GLU B 802 11.09 14.40 17.79
CA GLU B 802 10.00 15.24 17.29
C GLU B 802 9.58 14.82 15.87
N LEU B 803 8.45 15.38 15.44
CA LEU B 803 7.69 14.96 14.26
C LEU B 803 6.57 15.94 13.95
N PRO B 804 6.35 16.32 12.70
CA PRO B 804 5.20 17.20 12.41
C PRO B 804 3.89 16.52 12.77
N GLU B 805 2.83 17.31 12.92
CA GLU B 805 1.59 16.76 13.48
C GLU B 805 0.87 15.83 12.50
N THR B 806 0.93 16.10 11.19
CA THR B 806 0.31 15.19 10.24
C THR B 806 1.01 13.83 10.23
N VAL B 807 2.35 13.83 10.28
CA VAL B 807 3.11 12.59 10.34
C VAL B 807 2.83 11.81 11.63
N ALA B 808 2.41 12.51 12.69
CA ALA B 808 2.10 11.85 13.96
C ALA B 808 0.81 11.05 13.83
N ALA B 809 -0.30 11.73 13.55
CA ALA B 809 -1.59 11.06 13.41
C ALA B 809 -1.70 10.26 12.13
N ASN B 810 -0.76 10.44 11.19
CA ASN B 810 -0.63 9.53 10.06
C ASN B 810 -0.38 8.12 10.53
N GLY B 811 0.29 7.98 11.67
CA GLY B 811 0.85 6.70 12.06
C GLY B 811 1.92 6.19 11.13
N LYS B 812 2.34 7.01 10.16
CA LYS B 812 3.23 6.53 9.10
C LYS B 812 4.45 5.87 9.71
N PHE B 813 4.97 6.43 10.79
CA PHE B 813 6.18 5.93 11.43
C PHE B 813 5.92 5.20 12.74
N GLY B 814 4.65 5.05 13.16
CA GLY B 814 4.41 4.27 14.36
C GLY B 814 3.01 4.20 14.94
N GLY B 815 2.27 5.28 14.98
CA GLY B 815 1.13 5.22 15.89
C GLY B 815 -0.08 4.41 15.46
N ASN B 816 -0.05 3.70 14.32
CA ASN B 816 -1.26 3.19 13.65
C ASN B 816 -2.35 4.27 13.61
N GLY B 817 -1.92 5.53 13.71
CA GLY B 817 -2.87 6.63 13.70
C GLY B 817 -3.90 6.58 14.81
N VAL B 818 -3.58 5.95 15.93
CA VAL B 818 -4.33 6.10 17.16
C VAL B 818 -3.54 6.93 18.19
N LYS B 819 -2.28 6.60 18.40
CA LYS B 819 -1.40 7.35 19.27
C LYS B 819 -0.26 7.94 18.44
N SER B 820 0.65 8.67 19.06
CA SER B 820 1.71 9.34 18.35
C SER B 820 3.04 8.67 18.71
N VAL B 821 3.91 8.50 17.70
CA VAL B 821 5.14 7.75 17.87
C VAL B 821 6.24 8.58 18.53
N VAL B 822 6.05 9.89 18.73
CA VAL B 822 7.06 10.68 19.45
C VAL B 822 7.26 10.07 20.84
N GLY B 823 8.50 9.66 21.11
CA GLY B 823 8.84 9.00 22.35
C GLY B 823 9.06 7.53 22.21
N HIS B 824 8.71 6.95 21.07
CA HIS B 824 8.82 5.51 20.90
C HIS B 824 9.78 5.16 19.77
N THR B 825 10.01 3.86 19.60
CA THR B 825 10.92 3.40 18.56
C THR B 825 10.26 3.45 17.18
N TYR B 826 11.04 3.88 16.19
CA TYR B 826 10.63 3.94 14.79
C TYR B 826 9.99 2.63 14.37
N GLY B 827 8.68 2.67 14.08
CA GLY B 827 7.91 1.50 13.73
C GLY B 827 7.12 0.85 14.87
N ALA B 828 7.26 1.33 16.11
CA ALA B 828 6.47 0.85 17.23
C ALA B 828 4.98 0.91 16.91
N GLN B 829 4.20 0.01 17.51
CA GLN B 829 2.78 -0.07 17.17
C GLN B 829 1.88 -0.20 18.39
N VAL B 830 0.64 0.28 18.22
CA VAL B 830 -0.41 0.35 19.23
C VAL B 830 -1.52 -0.62 18.90
N GLY B 831 -2.03 -1.32 19.92
CA GLY B 831 -3.16 -2.20 19.71
C GLY B 831 -3.86 -2.54 21.00
N TYR B 832 -4.86 -3.41 20.89
CA TYR B 832 -5.58 -3.95 22.03
C TYR B 832 -4.78 -5.10 22.65
N ILE B 833 -5.27 -5.56 23.80
CA ILE B 833 -4.58 -6.55 24.62
C ILE B 833 -5.49 -7.76 24.77
N ALA B 834 -4.95 -8.93 24.45
CA ALA B 834 -5.75 -10.15 24.39
C ALA B 834 -5.62 -10.90 25.72
N ASP B 835 -6.47 -10.53 26.68
CA ASP B 835 -6.60 -11.29 27.91
C ASP B 835 -7.26 -12.64 27.65
N GLY B 836 -6.59 -13.56 26.95
CA GLY B 836 -7.13 -14.90 26.81
C GLY B 836 -8.39 -14.95 25.97
N ILE B 837 -9.23 -15.96 26.25
CA ILE B 837 -10.52 -16.12 25.56
C ILE B 837 -11.60 -16.43 26.59
N PHE B 838 -12.79 -15.86 26.37
CA PHE B 838 -13.93 -16.16 27.22
C PHE B 838 -14.21 -17.65 27.20
N LYS B 839 -14.43 -18.22 28.39
CA LYS B 839 -14.66 -19.65 28.50
C LYS B 839 -16.06 -20.01 28.94
N SER B 840 -16.83 -19.07 29.47
CA SER B 840 -18.21 -19.34 29.85
C SER B 840 -18.95 -18.02 29.93
N GLN B 841 -20.27 -18.07 29.74
CA GLN B 841 -21.04 -16.86 29.49
C GLN B 841 -20.96 -15.88 30.65
N ASP B 842 -20.55 -16.34 31.83
CA ASP B 842 -20.44 -15.42 32.97
C ASP B 842 -19.14 -14.64 32.98
N GLU B 843 -18.11 -15.08 32.23
CA GLU B 843 -16.93 -14.26 32.03
C GLU B 843 -17.21 -13.14 31.05
N VAL B 844 -18.24 -13.29 30.23
CA VAL B 844 -18.68 -12.25 29.30
C VAL B 844 -19.49 -11.19 30.03
N ASP B 845 -20.42 -11.65 30.87
CA ASP B 845 -21.32 -10.73 31.54
C ASP B 845 -20.58 -9.90 32.59
N ASN B 846 -19.58 -10.49 33.26
CA ASN B 846 -18.79 -9.74 34.23
C ASN B 846 -17.67 -8.93 33.60
N HIS B 847 -17.31 -9.23 32.35
CA HIS B 847 -16.32 -8.44 31.64
C HIS B 847 -16.89 -7.07 31.27
N ALA B 848 -16.00 -6.14 30.95
CA ALA B 848 -16.46 -4.88 30.38
C ALA B 848 -17.31 -5.17 29.16
N THR B 849 -18.38 -4.38 28.98
CA THR B 849 -19.27 -4.60 27.83
C THR B 849 -18.49 -4.44 26.53
N GLN B 850 -18.37 -5.55 25.79
CA GLN B 850 -17.49 -5.66 24.63
C GLN B 850 -18.30 -6.20 23.45
N GLU B 851 -18.54 -5.35 22.43
CA GLU B 851 -19.36 -5.68 21.28
C GLU B 851 -18.88 -6.96 20.64
N GLY B 852 -19.77 -7.95 20.57
CA GLY B 852 -19.50 -9.17 19.85
C GLY B 852 -18.77 -10.22 20.63
N ALA B 853 -18.67 -10.07 21.94
CA ALA B 853 -18.02 -11.06 22.77
C ALA B 853 -19.03 -12.13 23.17
N ALA B 854 -18.58 -13.38 23.15
CA ALA B 854 -19.37 -14.47 23.68
C ALA B 854 -18.42 -15.57 24.07
N VAL B 855 -18.99 -16.63 24.63
CA VAL B 855 -18.18 -17.75 25.07
C VAL B 855 -17.51 -18.37 23.86
N GLY B 856 -16.18 -18.25 23.79
CA GLY B 856 -15.43 -18.65 22.62
C GLY B 856 -14.49 -17.57 22.14
N ARG B 857 -14.91 -16.31 22.23
CA ARG B 857 -14.21 -15.19 21.62
C ARG B 857 -13.07 -14.66 22.51
N ILE B 858 -12.16 -13.90 21.90
CA ILE B 858 -11.06 -13.25 22.61
C ILE B 858 -11.59 -12.14 23.52
N ARG B 859 -11.23 -12.22 24.81
CA ARG B 859 -11.45 -11.15 25.79
C ARG B 859 -10.41 -10.04 25.61
N TYR B 860 -10.87 -8.80 25.40
CA TYR B 860 -9.97 -7.67 25.22
C TYR B 860 -9.94 -6.80 26.49
N ARG B 861 -8.74 -6.36 26.87
CA ARG B 861 -8.57 -5.69 28.16
C ARG B 861 -9.20 -4.30 28.16
N ASP B 862 -9.60 -3.88 29.36
CA ASP B 862 -10.22 -2.57 29.60
C ASP B 862 -9.18 -1.67 30.24
N ILE B 863 -8.44 -0.93 29.41
CA ILE B 863 -7.25 -0.25 29.93
C ILE B 863 -7.58 1.03 30.71
N ASP B 864 -8.73 1.67 30.44
CA ASP B 864 -9.12 2.84 31.23
C ASP B 864 -10.28 2.53 32.19
N HIS B 865 -10.63 1.27 32.34
CA HIS B 865 -11.60 0.77 33.32
C HIS B 865 -12.88 1.60 33.33
N ASN B 866 -13.30 2.06 32.15
CA ASN B 866 -14.57 2.75 31.96
C ASN B 866 -15.73 1.79 31.70
N GLY B 867 -15.52 0.49 31.84
CA GLY B 867 -16.61 -0.47 31.78
C GLY B 867 -17.13 -0.78 30.40
N VAL B 868 -16.43 -0.36 29.36
CA VAL B 868 -16.79 -0.72 27.99
C VAL B 868 -15.49 -0.82 27.21
N ILE B 869 -15.40 -1.86 26.36
CA ILE B 869 -14.27 -2.01 25.45
C ILE B 869 -14.60 -1.29 24.14
N ASP B 870 -14.02 -0.11 24.00
CA ASP B 870 -14.08 0.67 22.78
C ASP B 870 -12.64 1.02 22.41
N GLU B 871 -12.50 1.76 21.30
CA GLU B 871 -11.20 1.93 20.66
C GLU B 871 -10.19 2.61 21.56
N ARG B 872 -10.63 3.27 22.63
CA ARG B 872 -9.72 3.94 23.56
C ARG B 872 -8.91 2.95 24.38
N ASP B 873 -9.14 1.65 24.21
CA ASP B 873 -8.48 0.63 25.01
C ASP B 873 -7.27 0.03 24.32
N GLN B 874 -6.38 0.88 23.76
CA GLN B 874 -5.15 0.41 23.12
C GLN B 874 -3.91 1.11 23.68
N ASN B 875 -2.82 0.35 23.77
CA ASN B 875 -1.55 0.80 24.32
C ASN B 875 -0.42 0.25 23.45
N TRP B 876 0.83 0.63 23.75
CA TRP B 876 1.98 0.25 22.94
C TRP B 876 2.30 -1.22 23.17
N ILE B 877 2.12 -2.03 22.12
CA ILE B 877 2.26 -3.47 22.23
C ILE B 877 3.34 -4.07 21.33
N TYR B 878 3.96 -3.31 20.42
CA TYR B 878 5.02 -3.88 19.58
C TYR B 878 6.20 -2.91 19.47
N ASP B 879 7.40 -3.41 19.76
CA ASP B 879 8.64 -2.64 19.60
C ASP B 879 9.61 -3.43 18.72
N PRO B 880 9.87 -3.00 17.47
CA PRO B 880 10.65 -3.85 16.54
C PRO B 880 12.10 -4.07 16.93
N THR B 881 12.65 -3.35 17.97
CA THR B 881 14.08 -3.38 18.24
C THR B 881 14.47 -4.70 18.90
N PRO B 882 15.65 -5.24 18.60
CA PRO B 882 16.20 -6.33 19.42
C PRO B 882 16.93 -5.83 20.66
N SER B 883 16.65 -6.49 21.79
CA SER B 883 17.56 -6.44 22.92
C SER B 883 18.79 -7.25 22.57
N PHE B 884 19.79 -6.62 21.93
CA PHE B 884 21.04 -7.19 21.40
C PHE B 884 20.91 -8.22 20.26
N SER B 885 21.75 -8.06 19.23
CA SER B 885 21.96 -9.00 18.12
C SER B 885 23.43 -9.40 18.07
N TYR B 886 23.72 -10.57 17.51
CA TYR B 886 25.08 -11.06 17.58
C TYR B 886 25.35 -12.02 16.43
N GLY B 887 26.59 -12.51 16.40
CA GLY B 887 27.06 -13.43 15.40
C GLY B 887 28.46 -13.87 15.76
N LEU B 888 28.79 -15.12 15.43
CA LEU B 888 30.08 -15.69 15.82
C LEU B 888 30.55 -16.62 14.72
N ASN B 889 31.82 -16.48 14.34
CA ASN B 889 32.47 -17.36 13.38
C ASN B 889 33.49 -18.25 14.11
N ILE B 890 33.51 -19.53 13.76
CA ILE B 890 34.43 -20.50 14.32
C ILE B 890 35.18 -21.12 13.15
N TYR B 891 36.50 -21.17 13.25
CA TYR B 891 37.30 -21.74 12.17
C TYR B 891 38.20 -22.82 12.76
N LEU B 892 38.23 -23.98 12.11
CA LEU B 892 39.05 -25.12 12.53
C LEU B 892 39.86 -25.63 11.35
N GLU B 893 41.12 -25.99 11.61
CA GLU B 893 42.08 -26.25 10.53
C GLU B 893 43.10 -27.26 11.07
N TYR B 894 42.92 -28.52 10.69
CA TYR B 894 43.65 -29.65 11.28
C TYR B 894 44.01 -30.59 10.13
N LYS B 895 45.31 -30.68 9.81
CA LYS B 895 45.83 -31.65 8.85
C LYS B 895 45.11 -31.55 7.51
N ASN B 896 45.35 -30.42 6.84
CA ASN B 896 44.74 -30.04 5.56
C ASN B 896 43.27 -29.63 5.68
N PHE B 897 42.49 -30.32 6.51
CA PHE B 897 41.05 -30.08 6.55
C PHE B 897 40.76 -28.76 7.22
N ASP B 898 39.88 -27.96 6.62
CA ASP B 898 39.40 -26.71 7.18
C ASP B 898 37.90 -26.81 7.37
N LEU B 899 37.41 -26.36 8.52
CA LEU B 899 35.97 -26.32 8.76
C LEU B 899 35.56 -24.98 9.37
N THR B 900 34.54 -24.38 8.78
CA THR B 900 34.05 -23.08 9.19
C THR B 900 32.55 -23.15 9.47
N MET B 901 32.16 -22.57 10.60
CA MET B 901 30.76 -22.32 10.93
C MET B 901 30.60 -20.85 11.23
N PHE B 902 29.50 -20.25 10.75
CA PHE B 902 29.11 -18.90 11.16
C PHE B 902 27.68 -18.93 11.70
N TRP B 903 27.54 -18.67 12.99
CA TRP B 903 26.23 -18.57 13.58
C TRP B 903 25.78 -17.11 13.59
N GLN B 904 24.47 -16.92 13.72
CA GLN B 904 23.96 -15.57 13.85
C GLN B 904 22.70 -15.65 14.66
N GLY B 905 22.55 -14.71 15.59
CA GLY B 905 21.38 -14.66 16.44
C GLY B 905 20.86 -13.25 16.59
N VAL B 906 19.57 -13.19 16.96
CA VAL B 906 18.83 -11.97 17.27
C VAL B 906 17.80 -12.33 18.33
N GLN B 907 18.11 -12.10 19.61
CA GLN B 907 17.17 -12.30 20.71
C GLN B 907 16.57 -10.97 21.16
N GLY B 908 15.26 -10.97 21.41
CA GLY B 908 14.54 -9.81 21.87
C GLY B 908 13.50 -9.32 20.88
N VAL B 909 13.68 -9.60 19.58
CA VAL B 909 12.87 -9.00 18.52
C VAL B 909 11.41 -9.46 18.59
N ASP B 910 10.52 -8.48 18.70
CA ASP B 910 9.11 -8.71 18.47
C ASP B 910 8.85 -8.84 16.97
N ILE B 911 7.70 -9.42 16.65
CA ILE B 911 7.34 -9.87 15.30
C ILE B 911 5.82 -9.86 15.19
N ILE B 912 5.30 -9.19 14.17
CA ILE B 912 3.86 -9.10 14.00
C ILE B 912 3.43 -10.12 12.95
N SER B 913 2.75 -11.16 13.41
CA SER B 913 2.32 -12.26 12.56
C SER B 913 1.03 -11.90 11.87
N ASP B 914 1.08 -11.77 10.55
CA ASP B 914 -0.12 -11.73 9.73
C ASP B 914 -0.56 -13.11 9.27
N VAL B 915 0.26 -14.15 9.47
CA VAL B 915 -0.17 -15.52 9.18
C VAL B 915 -1.11 -16.02 10.26
N LYS B 916 -0.96 -15.53 11.49
CA LYS B 916 -1.80 -15.98 12.59
C LYS B 916 -3.27 -15.67 12.35
N LYS B 917 -3.56 -14.63 11.56
CA LYS B 917 -4.94 -14.38 11.18
C LYS B 917 -5.49 -15.50 10.34
N LYS B 918 -4.60 -16.24 9.66
CA LYS B 918 -5.03 -17.31 8.78
C LYS B 918 -4.93 -18.68 9.41
N SER B 919 -4.28 -18.82 10.56
CA SER B 919 -4.18 -20.14 11.19
C SER B 919 -4.99 -20.29 12.47
N ASP B 920 -5.60 -19.20 12.99
CA ASP B 920 -6.26 -19.24 14.28
C ASP B 920 -7.74 -18.85 14.25
N PHE B 921 -8.30 -18.52 13.09
CA PHE B 921 -9.70 -18.14 13.03
C PHE B 921 -10.21 -18.55 11.66
N TRP B 922 -11.44 -19.08 11.62
CA TRP B 922 -12.14 -19.36 10.36
C TRP B 922 -12.61 -18.03 9.59
N SER B 923 -12.21 -16.82 9.98
CA SER B 923 -12.89 -15.60 9.54
C SER B 923 -12.14 -14.36 9.95
N ALA B 924 -10.81 -14.48 10.12
CA ALA B 924 -9.96 -13.31 10.25
C ALA B 924 -9.39 -12.89 8.90
N SER B 925 -10.21 -13.01 7.87
CA SER B 925 -9.83 -12.74 6.49
C SER B 925 -11.02 -12.06 5.85
N ASN B 926 -10.77 -11.31 4.78
CA ASN B 926 -11.83 -10.46 4.27
C ASN B 926 -12.91 -11.24 3.54
N VAL B 927 -12.60 -12.44 3.02
CA VAL B 927 -13.52 -13.21 2.20
C VAL B 927 -13.68 -14.60 2.80
N GLY B 928 -14.84 -15.20 2.57
CA GLY B 928 -15.13 -16.47 3.19
C GLY B 928 -14.44 -17.62 2.50
N PHE B 929 -14.17 -18.67 3.27
CA PHE B 929 -13.80 -19.99 2.76
C PHE B 929 -12.39 -20.06 2.20
N LEU B 930 -11.55 -19.07 2.50
CA LEU B 930 -10.13 -19.22 2.23
C LEU B 930 -9.58 -20.46 2.94
N ASN B 931 -8.47 -20.98 2.42
CA ASN B 931 -7.72 -21.94 3.20
C ASN B 931 -7.23 -21.27 4.48
N LYS B 932 -7.00 -22.08 5.49
CA LYS B 932 -6.52 -21.59 6.77
C LYS B 932 -5.43 -22.55 7.24
N GLY B 933 -4.47 -22.01 8.00
CA GLY B 933 -3.42 -22.84 8.56
C GLY B 933 -3.94 -24.01 9.38
N THR B 934 -3.04 -24.82 9.93
CA THR B 934 -3.48 -26.05 10.59
C THR B 934 -3.92 -25.82 12.03
N ARG B 935 -3.47 -24.71 12.64
CA ARG B 935 -3.63 -24.50 14.07
C ARG B 935 -5.10 -24.58 14.48
N LEU B 936 -6.01 -24.03 13.67
CA LEU B 936 -7.40 -23.96 14.11
C LEU B 936 -8.07 -25.32 14.25
N LEU B 937 -7.44 -26.39 13.76
CA LEU B 937 -7.88 -27.74 14.12
C LEU B 937 -7.80 -27.98 15.62
N ASN B 938 -7.23 -27.03 16.35
CA ASN B 938 -7.00 -27.13 17.77
C ASN B 938 -7.73 -26.02 18.53
N ALA B 939 -8.68 -25.35 17.88
CA ALA B 939 -9.41 -24.27 18.50
C ALA B 939 -10.25 -24.80 19.66
N TRP B 940 -10.66 -23.86 20.51
CA TRP B 940 -11.53 -24.12 21.64
C TRP B 940 -12.93 -24.51 21.18
N SER B 941 -13.67 -25.11 22.10
CA SER B 941 -15.06 -25.51 22.02
C SER B 941 -15.42 -26.05 23.40
N PRO B 942 -16.70 -26.35 23.68
CA PRO B 942 -16.98 -27.20 24.84
C PRO B 942 -16.08 -28.41 24.85
N THR B 943 -16.03 -29.14 23.72
CA THR B 943 -15.39 -30.45 23.61
C THR B 943 -13.87 -30.41 23.80
N ASN B 944 -13.25 -29.26 23.57
CA ASN B 944 -11.80 -29.11 23.64
C ASN B 944 -11.52 -27.76 24.29
N PRO B 945 -11.38 -27.71 25.62
CA PRO B 945 -11.18 -26.44 26.32
C PRO B 945 -9.75 -26.14 26.75
N ASN B 946 -8.78 -26.98 26.39
CA ASN B 946 -7.37 -26.72 26.68
C ASN B 946 -6.70 -26.13 25.44
N SER B 947 -6.99 -24.86 25.20
CA SER B 947 -6.43 -24.18 24.04
C SER B 947 -6.57 -22.67 24.20
N ASP B 948 -5.59 -21.95 23.63
CA ASP B 948 -5.67 -20.49 23.49
C ASP B 948 -6.58 -20.10 22.34
N ILE B 949 -6.46 -20.84 21.23
CA ILE B 949 -7.09 -20.52 19.95
C ILE B 949 -8.60 -20.36 20.12
N PRO B 950 -9.16 -19.20 19.80
CA PRO B 950 -10.59 -19.01 19.95
C PRO B 950 -11.42 -19.87 19.02
N ALA B 951 -12.56 -20.32 19.55
CA ALA B 951 -13.41 -21.27 18.87
C ALA B 951 -13.68 -20.82 17.45
N LEU B 952 -13.78 -21.77 16.54
CA LEU B 952 -14.10 -21.42 15.18
C LEU B 952 -15.44 -20.69 15.16
N THR B 953 -15.51 -19.61 14.37
CA THR B 953 -16.79 -19.04 13.99
C THR B 953 -16.76 -18.59 12.54
N ARG B 954 -17.94 -18.64 11.92
CA ARG B 954 -18.07 -18.15 10.56
C ARG B 954 -18.09 -16.62 10.45
N SER B 955 -18.38 -15.89 11.52
CA SER B 955 -18.46 -14.44 11.43
C SER B 955 -17.61 -13.79 12.53
N ASP B 956 -16.83 -12.78 12.16
CA ASP B 956 -15.91 -12.07 13.04
C ASP B 956 -16.64 -10.94 13.76
N THR B 957 -17.60 -11.34 14.59
CA THR B 957 -18.39 -10.40 15.35
C THR B 957 -17.59 -9.76 16.49
N ASN B 958 -16.60 -10.47 17.03
CA ASN B 958 -15.73 -9.89 18.04
C ASN B 958 -14.55 -9.12 17.43
N ASN B 959 -14.54 -8.95 16.10
CA ASN B 959 -13.49 -8.20 15.40
C ASN B 959 -12.09 -8.70 15.76
N GLU B 960 -11.91 -10.02 15.73
CA GLU B 960 -10.64 -10.56 16.20
C GLU B 960 -9.50 -10.24 15.26
N GLN B 961 -9.79 -9.56 14.15
CA GLN B 961 -8.77 -9.04 13.26
C GLN B 961 -8.09 -7.78 13.79
N ARG B 962 -8.73 -7.07 14.73
CA ARG B 962 -8.17 -5.82 15.26
C ARG B 962 -6.77 -6.08 15.79
N VAL B 963 -5.92 -5.05 15.73
CA VAL B 963 -4.52 -5.18 16.11
C VAL B 963 -4.44 -5.66 17.56
N SER B 964 -4.05 -6.91 17.78
CA SER B 964 -4.04 -7.48 19.11
C SER B 964 -2.61 -7.78 19.51
N THR B 965 -2.43 -7.98 20.81
CA THR B 965 -1.24 -8.68 21.27
C THR B 965 -1.24 -10.10 20.77
N TYR B 966 -2.39 -10.58 20.27
CA TYR B 966 -2.51 -11.94 19.75
C TYR B 966 -1.54 -12.20 18.63
N PHE B 967 -1.25 -11.19 17.82
CA PHE B 967 -0.42 -11.32 16.64
C PHE B 967 1.02 -10.90 16.89
N VAL B 968 1.39 -10.59 18.12
CA VAL B 968 2.75 -10.16 18.44
C VAL B 968 3.45 -11.31 19.12
N GLU B 969 4.53 -11.80 18.50
CA GLU B 969 5.14 -13.05 18.93
C GLU B 969 6.65 -12.87 19.09
N ASN B 970 7.27 -13.82 19.82
CA ASN B 970 8.72 -13.84 20.03
C ASN B 970 9.42 -14.32 18.75
N GLY B 971 9.94 -13.38 17.98
CA GLY B 971 10.54 -13.73 16.71
C GLY B 971 12.03 -13.86 16.82
N SER B 972 12.50 -14.11 18.04
CA SER B 972 13.92 -14.27 18.19
C SER B 972 14.36 -15.61 17.61
N PHE B 973 15.65 -15.69 17.28
CA PHE B 973 16.21 -16.82 16.55
C PHE B 973 17.72 -16.85 16.71
N LEU B 974 18.28 -18.01 16.35
CA LEU B 974 19.70 -18.18 16.08
C LEU B 974 19.82 -19.20 14.97
N LYS B 975 20.32 -18.79 13.82
CA LYS B 975 20.50 -19.69 12.70
C LYS B 975 21.97 -20.03 12.55
N LEU B 976 22.22 -21.22 12.00
CA LEU B 976 23.52 -21.58 11.47
C LEU B 976 23.53 -21.07 10.05
N ARG B 977 23.93 -19.78 9.90
CA ARG B 977 23.89 -19.13 8.59
C ARG B 977 24.73 -19.87 7.55
N ASN B 978 25.76 -20.59 7.98
CA ASN B 978 26.65 -21.29 7.07
C ASN B 978 27.53 -22.28 7.81
N ILE B 979 27.84 -23.39 7.14
CA ILE B 979 28.81 -24.37 7.60
C ILE B 979 29.51 -24.97 6.38
N GLN B 980 30.83 -25.06 6.46
CA GLN B 980 31.66 -25.45 5.33
C GLN B 980 32.72 -26.42 5.82
N LEU B 981 33.15 -27.30 4.91
CA LEU B 981 34.16 -28.31 5.20
C LEU B 981 34.96 -28.55 3.93
N GLY B 982 36.29 -28.52 4.05
CA GLY B 982 37.14 -28.61 2.89
C GLY B 982 38.38 -29.45 3.14
N TYR B 983 39.04 -29.80 2.03
CA TYR B 983 40.31 -30.52 2.03
C TYR B 983 41.24 -29.76 1.08
N THR B 984 42.48 -29.56 1.50
CA THR B 984 43.48 -28.82 0.70
C THR B 984 44.64 -29.75 0.37
N VAL B 985 44.53 -30.45 -0.76
CA VAL B 985 45.55 -31.36 -1.28
C VAL B 985 46.92 -30.74 -1.06
N PRO B 986 47.80 -31.37 -0.26
CA PRO B 986 49.00 -30.66 0.21
C PRO B 986 49.88 -30.23 -0.95
N ALA B 987 50.57 -29.09 -0.76
CA ALA B 987 51.35 -28.46 -1.82
C ALA B 987 52.27 -29.44 -2.52
N VAL B 988 52.60 -30.57 -1.87
CA VAL B 988 53.49 -31.54 -2.49
C VAL B 988 52.80 -32.23 -3.66
N ILE B 989 51.54 -32.65 -3.47
CA ILE B 989 50.80 -33.32 -4.54
C ILE B 989 50.36 -32.32 -5.60
N SER B 990 49.85 -31.17 -5.16
CA SER B 990 49.26 -30.22 -6.11
C SER B 990 50.32 -29.55 -6.97
N LYS B 991 51.54 -29.38 -6.46
CA LYS B 991 52.57 -28.64 -7.18
C LYS B 991 53.27 -29.48 -8.25
N LYS B 992 53.08 -30.80 -8.25
CA LYS B 992 53.48 -31.57 -9.44
C LYS B 992 52.45 -31.43 -10.55
N MET B 993 51.18 -31.16 -10.23
CA MET B 993 50.23 -30.62 -11.20
C MET B 993 50.53 -29.17 -11.58
N ARG B 994 51.61 -28.60 -11.03
CA ARG B 994 52.02 -27.21 -11.21
C ARG B 994 50.88 -26.24 -10.85
N MET B 995 50.56 -26.25 -9.54
CA MET B 995 49.45 -25.51 -8.95
C MET B 995 49.78 -25.10 -7.52
N ASP B 996 49.62 -23.80 -7.21
CA ASP B 996 49.81 -23.29 -5.85
C ASP B 996 48.71 -23.70 -4.88
N ARG B 997 47.55 -24.11 -5.38
CA ARG B 997 46.33 -24.07 -4.57
C ARG B 997 45.32 -25.01 -5.20
N LEU B 998 45.01 -26.11 -4.51
CA LEU B 998 43.98 -27.03 -4.98
C LEU B 998 43.12 -27.44 -3.79
N ARG B 999 41.88 -26.95 -3.72
CA ARG B 999 41.02 -27.21 -2.58
C ARG B 999 39.61 -27.56 -3.01
N PHE B 1000 39.09 -28.66 -2.47
CA PHE B 1000 37.72 -29.10 -2.66
C PHE B 1000 36.96 -28.82 -1.36
N TYR B 1001 35.70 -28.38 -1.46
CA TYR B 1001 34.92 -28.02 -0.29
C TYR B 1001 33.45 -28.38 -0.48
N CYS B 1002 32.68 -28.30 0.62
CA CYS B 1002 31.23 -28.47 0.55
C CYS B 1002 30.54 -27.81 1.75
N SER B 1003 29.43 -27.11 1.48
CA SER B 1003 28.83 -26.14 2.38
C SER B 1003 27.35 -26.41 2.58
N ALA B 1004 26.81 -25.80 3.63
CA ALA B 1004 25.36 -25.71 3.85
C ALA B 1004 25.05 -24.31 4.35
N GLN B 1005 24.04 -23.69 3.78
CA GLN B 1005 23.62 -22.36 4.20
C GLN B 1005 22.22 -22.40 4.79
N ASN B 1006 22.05 -21.65 5.87
CA ASN B 1006 20.79 -21.59 6.60
C ASN B 1006 20.31 -22.99 6.92
N LEU B 1007 21.27 -23.89 7.19
CA LEU B 1007 20.94 -25.28 7.40
C LEU B 1007 19.95 -25.46 8.55
N LEU B 1008 20.15 -24.73 9.65
CA LEU B 1008 19.27 -24.98 10.77
C LEU B 1008 19.01 -23.73 11.58
N THR B 1009 17.79 -23.64 12.08
CA THR B 1009 17.21 -22.47 12.71
C THR B 1009 16.71 -22.88 14.08
N ILE B 1010 16.82 -21.98 15.04
CA ILE B 1010 16.30 -22.21 16.38
C ILE B 1010 15.54 -20.94 16.77
N LYS B 1011 14.40 -21.13 17.45
CA LYS B 1011 13.34 -20.13 17.54
C LYS B 1011 12.60 -20.36 18.83
N SER B 1012 11.71 -19.44 19.19
CA SER B 1012 11.00 -19.57 20.45
C SER B 1012 9.83 -20.55 20.30
N LYS B 1013 9.46 -21.17 21.43
CA LYS B 1013 8.31 -22.07 21.46
C LYS B 1013 7.00 -21.30 21.31
N ASN B 1014 6.98 -20.02 21.68
CA ASN B 1014 5.80 -19.18 21.55
C ASN B 1014 5.74 -18.43 20.22
N PHE B 1015 6.48 -18.89 19.21
CA PHE B 1015 6.37 -18.41 17.83
C PHE B 1015 5.72 -19.49 16.99
N THR B 1016 4.59 -19.15 16.37
CA THR B 1016 3.75 -20.14 15.72
C THR B 1016 4.17 -20.48 14.28
N GLY B 1017 4.97 -19.64 13.61
CA GLY B 1017 5.31 -19.82 12.21
C GLY B 1017 6.44 -20.81 11.96
N GLU B 1018 7.13 -20.64 10.83
CA GLU B 1018 8.27 -21.49 10.53
C GLU B 1018 9.59 -20.73 10.66
N ASP B 1019 9.80 -19.72 9.82
CA ASP B 1019 11.03 -18.95 9.76
C ASP B 1019 10.81 -17.66 10.52
N PRO B 1020 11.24 -17.53 11.78
CA PRO B 1020 10.98 -16.29 12.51
C PRO B 1020 11.68 -15.09 11.92
N GLU B 1021 12.80 -15.30 11.19
CA GLU B 1021 13.48 -14.26 10.42
C GLU B 1021 12.69 -13.83 9.20
N ASN B 1022 11.63 -14.55 8.86
CA ASN B 1022 10.68 -14.19 7.82
C ASN B 1022 9.39 -14.92 8.10
N PRO B 1023 8.55 -14.35 8.94
CA PRO B 1023 7.38 -15.10 9.43
C PRO B 1023 6.27 -15.12 8.40
N ASN B 1024 6.20 -14.08 7.58
CA ASN B 1024 5.03 -13.92 6.76
C ASN B 1024 5.24 -14.40 5.33
N PHE B 1025 5.27 -13.47 4.38
CA PHE B 1025 4.96 -13.80 3.00
C PHE B 1025 6.14 -13.62 2.04
N SER B 1026 7.30 -13.21 2.51
CA SER B 1026 8.40 -12.94 1.58
C SER B 1026 8.96 -14.26 1.04
N TYR B 1027 9.81 -14.13 0.03
CA TYR B 1027 10.45 -15.27 -0.62
C TYR B 1027 11.10 -16.15 0.43
N PRO B 1028 10.71 -17.41 0.54
CA PRO B 1028 11.21 -18.25 1.62
C PRO B 1028 12.73 -18.34 1.59
N ILE B 1029 13.34 -18.29 2.78
CA ILE B 1029 14.78 -18.50 2.82
C ILE B 1029 15.04 -20.00 2.74
N PRO B 1030 15.73 -20.44 1.70
CA PRO B 1030 15.91 -21.87 1.47
C PRO B 1030 17.20 -22.35 2.12
N VAL B 1031 17.35 -23.67 2.11
CA VAL B 1031 18.53 -24.34 2.60
C VAL B 1031 19.36 -24.77 1.40
N ASN B 1032 20.62 -24.36 1.39
CA ASN B 1032 21.49 -24.59 0.25
C ASN B 1032 22.50 -25.66 0.61
N ILE B 1033 22.73 -26.60 -0.28
CA ILE B 1033 23.79 -27.59 -0.14
C ILE B 1033 24.70 -27.45 -1.34
N THR B 1034 25.99 -27.27 -1.11
CA THR B 1034 26.90 -26.70 -2.12
C THR B 1034 28.15 -27.57 -2.26
N PHE B 1035 28.69 -27.64 -3.49
CA PHE B 1035 29.93 -28.34 -3.81
C PHE B 1035 30.81 -27.45 -4.68
N GLY B 1036 32.13 -27.51 -4.48
CA GLY B 1036 32.98 -26.61 -5.24
C GLY B 1036 34.46 -26.85 -5.03
N LEU B 1037 35.26 -26.08 -5.76
CA LEU B 1037 36.71 -26.22 -5.79
C LEU B 1037 37.36 -24.86 -5.89
N ASN B 1038 38.67 -24.81 -5.62
CA ASN B 1038 39.49 -23.61 -5.84
C ASN B 1038 40.82 -24.03 -6.45
N ILE B 1039 40.88 -24.12 -7.77
CA ILE B 1039 42.16 -24.24 -8.44
C ILE B 1039 42.86 -22.88 -8.40
N GLY B 1040 44.17 -22.90 -8.18
CA GLY B 1040 44.92 -21.67 -8.16
C GLY B 1040 46.39 -21.84 -8.50
N PHE B 1041 46.77 -21.48 -9.72
CA PHE B 1041 48.17 -21.44 -10.13
C PHE B 1041 48.78 -20.13 -9.66
#